data_6CIM
#
_entry.id   6CIM
#
_cell.length_a   156.678
_cell.length_b   123.562
_cell.length_c   186.286
_cell.angle_alpha   90.000
_cell.angle_beta   105.600
_cell.angle_gamma   90.000
#
_symmetry.space_group_name_H-M   'C 1 2 1'
#
loop_
_entity.id
_entity.type
_entity.pdbx_description
1 polymer 'V(D)J recombination-activating protein 1'
2 polymer 'V(D)J recombination-activating protein 2'
3 polymer 'High mobility group protein B1'
4 polymer 'Nicked 12RSS intermediate reverse strand'
5 polymer "DNA (5'-D(*GP*CP*CP*TP*GP*TP*CP*TP*TP*A)-3')"
6 polymer 'Nicked 12RSS intermediate forward strand'
7 polymer 'Intact 23RSS substrate reverse strand'
8 polymer 'Intact 23RSS substrate forward strand'
9 non-polymer 'ZINC ION'
10 non-polymer 'MANGANESE (II) ION'
11 water water
#
loop_
_entity_poly.entity_id
_entity_poly.type
_entity_poly.pdbx_seq_one_letter_code
_entity_poly.pdbx_strand_id
1 'polypeptide(L)'
;VHINKGGRPRQHLLSLTRRAQKHRLRELKIQVKEFADKEEGGDVKAVCLTLFLLALRARNEHRQADELEAIMQGRGSGLQ
PAVCLAIRVNTFLSCSQYHKMYRTVKAITGRQIFQPLHALRNAEKVLLPGYHPFEWQPPLKNVSSRTDVGIIDGLSGLAS
SVDEYPVDTIAKRFRYDSALVSALMDMEEDILEGMRSQDLDDYLNGPFTVVVKESCDGMGDVSEKHGSGPAVPEKAVRFS
FTVMRITIEHGSQNVKVFEEPKPNSELCCKPLCLMLADESDHETLTAILSPLIAEREAMKSSELTLEMGGIPRTFKFIFR
GTGYDEKLVREVEGLEASGSVYICTLCDTTRLEASQNLVFHSITRSHAENLQRYEVWRSNPYHESVEELRDRVKGVSAKP
FIETVPSIDALHCDIGNAAEFYKIFQLEIGEVYKHPNASKEERKRWQATLDKHLRKRMNLKPIMRMNGNFARKLMTQETV
DAVCELIPSEERHEALRELMDLYLKMKPVWRSSCPAKECPESLCQYSFNSQRFAELLSTKFKYRYEGKITNYFHKTLAHV
PEIIERDGSIGAWASEGNQSGNKLFRRFRKMNARQSKCYEMEDVLKHHWLYTSKYLQKFMNAHNA
;
A,C
2 'polypeptide(L)'
;MSLQMVTVGHNIALIQPGFSLMNFDGQVFFFGQKGWPKRSCPTGVFHFDIKQNHLKLKPAIFSKDSCYLPPLRYPATCSY
KGSIDSDKHQYIIHGGKTPNNELSDKIYIMSVACKNNKKVTFRCTEKDLVGDVPEPRYGHSIDVVYSRGKSMGVLFGGRS
YMPSTQRTTEKWNSVADCLPHVFLIDFEFGCATSYILPELQDGLSFHVSIARNDTVYILGGHSLASNIRPANLYRIRVDL
PLGTPAVNCTVLPGGISVSSAILTQTNNDEFVIVGGYQLENQKRMVCSLVSLGDNTIEISEMETPDWTSDIKHSKIWFGS
NMGNGTIFLGIPGDNKQAMSEAFYFYTLRCSEEDLSEDQ
;
B,D
3 'polypeptide(L)'
;MGKGDPKKPRGKMSSYAFFVQTCREEHKKKHPDASVNFSEFSKKCSERWKTMSAKEKGKFEDMAKADKARYEREMKTYIP
PKGETKKKFKDPNAPKRPPSAFFLFCSEYRPKIKGEHPGLSIGDVAKKLGEMWNNTAADDKQPYEKKAAKLKEKYEKDIA
AYR
;
N
4 'polydeoxyribonucleotide'
;(DC)(DG)(DG)(DG)(DT)(DT)(DT)(DT)(DT)(DG)(DT)(DT)(DA)(DA)(DG)(DG)(DG)(DC)(DT)(DG)
(DT)(DA)(DT)(DC)(DA)(DC)(DT)(DG)(DT)(DG)(DT)(DA)(DA)(DG)(DA)(DC)(DA)(DG)(DG)(DC)
;
F
5 'polydeoxyribonucleotide' (DG)(DC)(DC)(DT)(DG)(DT)(DC)(DT)(DT)(DA) I
6 'polydeoxyribonucleotide'
;(DC)(DA)(DC)(DA)(DG)(DT)(DG)(DA)(DT)(DA)(DC)(DA)(DG)(DC)(DC)(DC)(DT)(DT)(DA)(DA)
(DC)(DA)(DA)(DA)(DA)(DA)(DC)(DC)(DC)(DG)
;
L
7 'polydeoxyribonucleotide'
;(DC)(DG)(DG)(DG)(DT)(DT)(DT)(DT)(DT)(DG)(DT)(DC)(DT)(DG)(DG)(DC)(DT)(DT)(DC)(DA)
(DC)(DA)(DC)(DT)(DT)(DG)(DA)(DT)(DT)(DT)(DG)(DC)(DA)(DT)(DC)(DA)(DC)(DT)(DG)(DT)
(DG)(DT)(DA)(DA)(DG)(DA)(DC)(DA)(DG)(DG)(DC)(DC)(DA)(DG)(DA)(DT)
;
G
8 'polydeoxyribonucleotide'
;(DA)(DT)(DC)(DT)(DG)(DG)(DC)(DC)(DT)(DG)(DT)(DC)(DT)(DT)(DA)(DC)(DA)(DC)(DA)(DG)
(DT)(DG)(DA)(DT)(DG)(DC)(DA)(DA)(DA)(DT)(DC)(DA)(DA)(DG)(DT)(DG)(DT)(DG)(DA)(DA)
(DG)(DC)(DC)(DA)(DG)(DA)(DC)(DA)(DA)(DA)(DA)(DA)(DC)(DC)(DC)(DG)
;
J
#
# COMPACT_ATOMS: atom_id res chain seq x y z
N HIS A 12 25.19 1.27 51.65
CA HIS A 12 26.08 1.23 50.50
C HIS A 12 26.78 2.56 50.25
N LEU A 13 28.01 2.49 49.73
CA LEU A 13 28.76 3.72 49.45
C LEU A 13 27.93 4.70 48.63
N LEU A 14 27.26 4.23 47.58
CA LEU A 14 26.65 5.23 46.71
C LEU A 14 25.36 5.77 47.32
N SER A 15 24.85 5.15 48.39
CA SER A 15 23.70 5.73 49.09
C SER A 15 24.09 6.99 49.84
N LEU A 16 25.27 7.00 50.43
CA LEU A 16 25.66 8.06 51.36
C LEU A 16 26.22 9.26 50.60
N THR A 17 26.32 10.40 51.31
CA THR A 17 26.76 11.67 50.73
C THR A 17 28.27 11.80 50.71
N ARG A 18 28.73 12.79 49.93
CA ARG A 18 30.15 12.95 49.64
C ARG A 18 31.00 13.01 50.92
N ARG A 19 30.56 13.76 51.93
CA ARG A 19 31.28 13.78 53.20
C ARG A 19 31.36 12.38 53.81
N ALA A 20 30.27 11.62 53.67
CA ALA A 20 30.21 10.29 54.25
C ALA A 20 31.08 9.31 53.48
N GLN A 21 31.04 9.39 52.15
CA GLN A 21 31.84 8.47 51.36
C GLN A 21 33.32 8.75 51.58
N LYS A 22 33.69 10.03 51.64
CA LYS A 22 35.05 10.41 52.02
C LYS A 22 35.42 9.82 53.39
N HIS A 23 34.51 9.85 54.37
CA HIS A 23 34.80 9.23 55.67
C HIS A 23 35.09 7.74 55.49
N ARG A 24 34.18 7.02 54.83
CA ARG A 24 34.30 5.58 54.65
C ARG A 24 35.48 5.16 53.78
N LEU A 25 36.07 6.07 53.01
CA LEU A 25 37.19 5.70 52.15
C LEU A 25 38.51 6.36 52.51
N ARG A 26 38.57 7.19 53.56
CA ARG A 26 39.78 7.94 53.88
C ARG A 26 41.04 7.07 53.94
N GLU A 27 40.93 5.86 54.52
CA GLU A 27 42.11 5.01 54.70
C GLU A 27 42.69 4.60 53.35
N LEU A 28 41.84 4.08 52.47
CA LEU A 28 42.29 3.74 51.13
C LEU A 28 42.77 4.98 50.37
N LYS A 29 42.17 6.16 50.62
CA LYS A 29 42.63 7.36 49.94
C LYS A 29 44.07 7.67 50.30
N ILE A 30 44.41 7.55 51.59
CA ILE A 30 45.77 7.78 52.05
C ILE A 30 46.73 6.74 51.47
N GLN A 31 46.31 5.47 51.44
CA GLN A 31 47.16 4.44 50.87
C GLN A 31 47.42 4.70 49.39
N VAL A 32 46.39 5.15 48.67
CA VAL A 32 46.53 5.42 47.23
C VAL A 32 47.44 6.63 47.00
N LYS A 33 47.31 7.66 47.84
CA LYS A 33 48.19 8.81 47.68
C LYS A 33 49.65 8.39 47.89
N GLU A 34 49.87 7.50 48.86
CA GLU A 34 51.22 6.97 49.07
C GLU A 34 51.72 6.22 47.83
N PHE A 35 50.88 5.31 47.30
CA PHE A 35 51.28 4.54 46.12
C PHE A 35 51.59 5.43 44.93
N ALA A 36 50.79 6.49 44.74
CA ALA A 36 50.98 7.39 43.62
C ALA A 36 52.27 8.17 43.73
N ASP A 37 52.53 8.72 44.91
CA ASP A 37 53.77 9.45 45.12
C ASP A 37 55.00 8.56 45.00
N LYS A 38 54.91 7.31 45.46
CA LYS A 38 56.07 6.42 45.42
C LYS A 38 56.28 5.75 44.06
N GLU A 39 55.26 5.63 43.24
CA GLU A 39 55.40 4.92 41.96
C GLU A 39 55.02 5.74 40.73
N GLU A 40 54.05 6.66 40.83
CA GLU A 40 53.52 7.29 39.64
C GLU A 40 53.67 8.81 39.66
N GLY A 41 54.53 9.33 40.53
CA GLY A 41 54.79 10.76 40.54
C GLY A 41 53.67 11.63 41.05
N GLY A 42 52.78 11.09 41.88
CA GLY A 42 51.76 11.89 42.51
C GLY A 42 50.48 12.09 41.74
N ASP A 43 50.25 11.32 40.68
CA ASP A 43 49.03 11.48 39.86
C ASP A 43 47.92 10.61 40.42
N VAL A 44 47.24 11.13 41.46
CA VAL A 44 46.11 10.42 42.04
C VAL A 44 44.99 10.30 41.01
N LYS A 45 44.78 11.36 40.21
CA LYS A 45 43.73 11.34 39.20
C LYS A 45 43.92 10.17 38.25
N ALA A 46 45.11 10.05 37.66
CA ALA A 46 45.36 9.01 36.67
C ALA A 46 45.28 7.62 37.28
N VAL A 47 45.78 7.45 38.50
CA VAL A 47 45.78 6.12 39.09
C VAL A 47 44.36 5.68 39.40
N CYS A 48 43.54 6.58 39.94
CA CYS A 48 42.16 6.22 40.23
C CYS A 48 41.39 5.95 38.95
N LEU A 49 41.64 6.74 37.91
CA LEU A 49 41.02 6.49 36.61
C LEU A 49 41.35 5.10 36.10
N THR A 50 42.64 4.73 36.13
CA THR A 50 43.02 3.43 35.60
C THR A 50 42.46 2.29 36.45
N LEU A 51 42.48 2.46 37.77
CA LEU A 51 41.90 1.44 38.64
C LEU A 51 40.44 1.21 38.28
N PHE A 52 39.67 2.31 38.12
CA PHE A 52 38.24 2.19 37.84
C PHE A 52 37.96 1.62 36.44
N LEU A 53 38.76 2.03 35.44
CA LEU A 53 38.60 1.47 34.09
C LEU A 53 38.84 -0.04 34.08
N LEU A 54 39.92 -0.49 34.74
CA LEU A 54 40.21 -1.92 34.77
C LEU A 54 39.19 -2.70 35.61
N ALA A 55 38.68 -2.09 36.67
CA ALA A 55 37.59 -2.72 37.40
C ALA A 55 36.34 -2.86 36.52
N LEU A 56 36.01 -1.81 35.77
CA LEU A 56 34.90 -1.86 34.83
C LEU A 56 35.10 -2.98 33.82
N ARG A 57 36.30 -3.09 33.26
CA ARG A 57 36.59 -4.18 32.33
C ARG A 57 36.48 -5.54 33.00
N ALA A 58 36.78 -5.62 34.30
CA ALA A 58 36.70 -6.89 35.02
C ALA A 58 35.25 -7.39 35.15
N ARG A 59 34.30 -6.49 35.42
CA ARG A 59 32.89 -6.84 35.57
C ARG A 59 32.17 -6.98 34.23
N ASN A 60 32.94 -7.07 33.14
CA ASN A 60 32.44 -7.21 31.78
C ASN A 60 31.60 -6.02 31.31
N GLU A 61 31.75 -4.85 31.94
CA GLU A 61 31.00 -3.66 31.57
C GLU A 61 31.83 -2.72 30.70
N HIS A 62 32.26 -3.24 29.53
CA HIS A 62 33.15 -2.48 28.65
C HIS A 62 32.53 -1.17 28.17
N ARG A 63 31.20 -1.13 28.01
CA ARG A 63 30.56 0.05 27.43
C ARG A 63 30.82 1.30 28.25
N GLN A 64 30.55 1.25 29.55
CA GLN A 64 30.75 2.43 30.38
C GLN A 64 32.23 2.80 30.46
N ALA A 65 33.13 1.81 30.43
CA ALA A 65 34.57 2.08 30.47
C ALA A 65 35.05 2.80 29.20
N ASP A 66 34.58 2.35 28.03
CA ASP A 66 34.94 3.03 26.79
C ASP A 66 34.36 4.43 26.74
N GLU A 67 33.13 4.61 27.25
CA GLU A 67 32.56 5.95 27.29
C GLU A 67 33.36 6.87 28.22
N LEU A 68 33.81 6.34 29.37
CA LEU A 68 34.67 7.10 30.25
C LEU A 68 35.99 7.43 29.54
N GLU A 69 36.56 6.47 28.81
CA GLU A 69 37.78 6.71 28.08
C GLU A 69 37.61 7.83 27.05
N ALA A 70 36.50 7.81 26.33
CA ALA A 70 36.29 8.83 25.31
C ALA A 70 36.05 10.20 25.93
N ILE A 71 35.39 10.26 27.09
CA ILE A 71 35.15 11.57 27.70
C ILE A 71 36.43 12.11 28.35
N MET A 72 37.32 11.24 28.83
CA MET A 72 38.60 11.71 29.37
C MET A 72 39.55 12.13 28.24
N GLN A 73 39.63 11.34 27.18
CA GLN A 73 40.38 11.80 26.01
C GLN A 73 39.75 13.06 25.40
N GLY A 74 38.49 13.34 25.70
CA GLY A 74 37.80 14.45 25.08
C GLY A 74 37.56 14.31 23.60
N ARG A 75 37.80 13.13 23.02
CA ARG A 75 37.53 12.90 21.60
C ARG A 75 36.06 13.16 21.28
N GLY A 76 35.80 14.15 20.42
CA GLY A 76 34.44 14.55 20.13
C GLY A 76 33.72 13.59 19.19
N SER A 77 32.45 13.34 19.48
CA SER A 77 31.59 12.49 18.67
C SER A 77 30.73 13.38 17.80
N GLY A 78 31.10 13.54 16.53
CA GLY A 78 30.26 14.28 15.62
C GLY A 78 30.22 13.61 14.25
N LEU A 79 29.04 13.26 13.78
CA LEU A 79 28.93 12.65 12.45
C LEU A 79 28.98 13.72 11.36
N GLN A 80 29.83 13.51 10.37
CA GLN A 80 29.84 14.42 9.23
C GLN A 80 28.51 14.35 8.49
N PRO A 81 28.00 15.48 7.98
CA PRO A 81 26.71 15.47 7.28
C PRO A 81 26.62 14.40 6.21
N ALA A 82 27.75 14.04 5.59
CA ALA A 82 27.73 12.98 4.58
C ALA A 82 27.35 11.65 5.20
N VAL A 83 27.79 11.38 6.43
CA VAL A 83 27.41 10.14 7.09
C VAL A 83 25.94 10.17 7.48
N CYS A 84 25.46 11.34 7.93
CA CYS A 84 24.03 11.50 8.21
C CYS A 84 23.19 11.21 6.99
N LEU A 85 23.61 11.73 5.84
CA LEU A 85 22.95 11.41 4.58
C LEU A 85 23.01 9.93 4.30
N ALA A 86 24.15 9.30 4.55
CA ALA A 86 24.27 7.88 4.27
C ALA A 86 23.24 7.07 5.04
N ILE A 87 23.10 7.37 6.33
CA ILE A 87 22.14 6.68 7.19
C ILE A 87 20.70 7.01 6.76
N ARG A 88 20.38 8.30 6.62
CA ARG A 88 19.05 8.69 6.16
C ARG A 88 18.69 7.97 4.88
N VAL A 89 19.56 8.04 3.87
CA VAL A 89 19.25 7.38 2.60
C VAL A 89 19.08 5.88 2.81
N ASN A 90 20.03 5.25 3.49
CA ASN A 90 20.02 3.80 3.49
C ASN A 90 19.01 3.18 4.45
N THR A 91 18.34 3.97 5.29
CA THR A 91 17.26 3.44 6.13
C THR A 91 15.89 3.99 5.77
N PHE A 92 15.79 4.76 4.68
CA PHE A 92 14.51 5.20 4.14
C PHE A 92 13.77 6.18 5.04
N LEU A 93 14.49 6.93 5.85
CA LEU A 93 13.84 7.92 6.69
C LEU A 93 13.44 9.13 5.86
N SER A 94 12.20 9.58 6.01
CA SER A 94 11.79 10.86 5.46
C SER A 94 12.47 12.01 6.20
N CYS A 95 12.33 13.22 5.67
CA CYS A 95 12.89 14.38 6.35
C CYS A 95 12.30 14.58 7.73
N SER A 96 10.98 14.42 7.86
CA SER A 96 10.33 14.63 9.15
C SER A 96 10.88 13.66 10.19
N GLN A 97 10.99 12.38 9.84
CA GLN A 97 11.45 11.34 10.76
C GLN A 97 12.91 11.55 11.14
N TYR A 98 13.75 11.85 10.15
CA TYR A 98 15.13 12.20 10.46
C TYR A 98 15.18 13.40 11.39
N HIS A 99 14.36 14.43 11.14
CA HIS A 99 14.40 15.62 11.97
C HIS A 99 14.04 15.30 13.41
N LYS A 100 13.02 14.47 13.62
CA LYS A 100 12.66 14.07 14.98
C LYS A 100 13.81 13.38 15.68
N MET A 101 14.47 12.44 14.98
CA MET A 101 15.58 11.73 15.61
C MET A 101 16.74 12.68 15.90
N TYR A 102 17.06 13.56 14.95
CA TYR A 102 18.12 14.53 15.17
C TYR A 102 17.84 15.38 16.39
N ARG A 103 16.68 16.04 16.41
CA ARG A 103 16.42 16.98 17.49
C ARG A 103 16.36 16.24 18.82
N THR A 104 15.88 15.00 18.82
CA THR A 104 15.83 14.27 20.07
C THR A 104 17.22 13.95 20.57
N VAL A 105 18.08 13.37 19.72
CA VAL A 105 19.42 13.03 20.21
C VAL A 105 20.15 14.29 20.64
N LYS A 106 19.99 15.39 19.90
CA LYS A 106 20.68 16.62 20.29
C LYS A 106 20.17 17.16 21.62
N ALA A 107 18.86 17.05 21.87
CA ALA A 107 18.30 17.59 23.11
C ALA A 107 18.70 16.74 24.32
N ILE A 108 18.76 15.43 24.15
CA ILE A 108 19.00 14.55 25.29
C ILE A 108 20.48 14.37 25.54
N THR A 109 21.33 14.36 24.53
CA THR A 109 22.73 14.26 24.86
C THR A 109 23.40 15.62 24.95
N GLY A 110 22.68 16.70 24.66
CA GLY A 110 23.28 18.01 24.60
C GLY A 110 24.26 18.20 23.48
N ARG A 111 24.71 17.13 22.83
CA ARG A 111 25.70 17.17 21.77
C ARG A 111 25.03 16.95 20.43
N GLN A 112 25.61 17.54 19.37
CA GLN A 112 25.00 17.48 18.05
C GLN A 112 25.63 16.34 17.24
N ILE A 113 25.24 15.11 17.62
CA ILE A 113 25.76 13.92 16.94
C ILE A 113 25.29 13.87 15.49
N PHE A 114 23.98 13.98 15.26
CA PHE A 114 23.49 14.07 13.88
C PHE A 114 23.44 15.53 13.43
N GLN A 115 23.62 15.73 12.11
CA GLN A 115 23.58 17.09 11.60
C GLN A 115 22.17 17.46 11.17
N PRO A 116 21.88 18.75 11.09
CA PRO A 116 20.52 19.18 10.69
C PRO A 116 20.26 18.92 9.20
N LEU A 117 18.99 19.12 8.82
CA LEU A 117 18.56 18.72 7.48
C LEU A 117 19.22 19.54 6.39
N HIS A 118 19.49 20.82 6.63
CA HIS A 118 20.09 21.62 5.57
C HIS A 118 21.50 21.14 5.27
N ALA A 119 22.21 20.65 6.29
CA ALA A 119 23.54 20.13 6.07
C ALA A 119 23.49 18.91 5.19
N LEU A 120 22.48 18.07 5.38
CA LEU A 120 22.35 16.88 4.54
C LEU A 120 21.99 17.24 3.11
N ARG A 121 21.10 18.22 2.90
CA ARG A 121 20.80 18.67 1.54
C ARG A 121 22.06 19.12 0.82
N ASN A 122 22.87 19.94 1.52
CA ASN A 122 24.10 20.41 0.92
C ASN A 122 25.04 19.26 0.59
N ALA A 123 25.13 18.27 1.48
CA ALA A 123 25.95 17.10 1.18
C ALA A 123 25.36 16.30 0.03
N GLU A 124 24.04 16.36 -0.15
CA GLU A 124 23.48 15.71 -1.33
C GLU A 124 24.04 16.34 -2.57
N LYS A 125 24.16 17.68 -2.59
CA LYS A 125 24.57 18.34 -3.84
C LYS A 125 25.86 17.78 -4.42
N VAL A 126 26.82 17.43 -3.56
CA VAL A 126 28.08 16.88 -4.05
C VAL A 126 27.89 15.55 -4.76
N LEU A 127 27.03 14.71 -4.24
CA LEU A 127 26.93 13.32 -4.70
C LEU A 127 26.05 13.14 -5.92
N LEU A 128 25.27 14.21 -6.34
CA LEU A 128 24.31 14.29 -7.44
C LEU A 128 24.97 14.79 -8.71
N PRO A 129 24.43 14.40 -9.87
CA PRO A 129 24.95 14.96 -11.12
C PRO A 129 24.81 16.47 -11.12
N GLY A 130 25.74 17.12 -11.79
CA GLY A 130 25.72 18.55 -11.91
C GLY A 130 26.57 19.34 -10.94
N TYR A 131 27.50 18.70 -10.24
CA TYR A 131 28.28 19.39 -9.23
C TYR A 131 29.71 19.66 -9.64
N HIS A 132 30.38 18.67 -10.11
CA HIS A 132 31.75 18.87 -10.52
C HIS A 132 31.82 19.41 -11.94
N PRO A 133 32.89 20.13 -12.27
CA PRO A 133 33.12 20.53 -13.66
C PRO A 133 33.88 19.49 -14.46
N PHE A 134 33.69 19.55 -15.78
CA PHE A 134 34.33 18.60 -16.69
C PHE A 134 34.41 19.21 -18.08
N GLU A 135 35.18 18.55 -18.98
CA GLU A 135 35.28 18.96 -20.38
C GLU A 135 35.36 17.72 -21.25
N TRP A 136 34.81 17.83 -22.46
CA TRP A 136 34.90 16.80 -23.48
C TRP A 136 35.75 17.31 -24.63
N GLN A 137 36.74 16.52 -25.03
CA GLN A 137 37.63 16.90 -26.12
C GLN A 137 37.61 15.84 -27.21
N PRO A 138 37.04 16.15 -28.37
CA PRO A 138 36.45 17.46 -28.67
C PRO A 138 35.05 17.53 -28.09
N PRO A 139 34.49 18.72 -27.95
CA PRO A 139 33.13 18.87 -27.42
C PRO A 139 32.14 17.91 -28.09
N LEU A 140 31.18 17.40 -27.30
CA LEU A 140 30.28 16.36 -27.78
C LEU A 140 29.34 16.93 -28.85
N LYS A 141 29.03 16.12 -29.85
CA LYS A 141 28.13 16.55 -30.92
C LYS A 141 26.70 16.65 -30.39
N ASN A 142 26.10 17.83 -30.50
CA ASN A 142 24.70 18.09 -30.17
C ASN A 142 24.37 17.95 -28.68
N VAL A 143 25.39 17.93 -27.83
CA VAL A 143 25.24 17.89 -26.37
C VAL A 143 25.77 19.19 -25.82
N SER A 144 25.02 19.79 -24.89
CA SER A 144 25.44 21.04 -24.28
C SER A 144 26.75 20.86 -23.52
N SER A 145 27.53 21.95 -23.43
CA SER A 145 28.76 21.97 -22.65
C SER A 145 28.56 22.42 -21.21
N ARG A 146 27.35 22.83 -20.84
CA ARG A 146 27.04 23.21 -19.46
C ARG A 146 27.27 22.02 -18.53
N THR A 147 27.93 22.25 -17.40
CA THR A 147 28.22 21.20 -16.45
C THR A 147 27.34 21.24 -15.21
N ASP A 148 26.54 22.28 -15.03
CA ASP A 148 25.66 22.40 -13.88
C ASP A 148 24.26 21.88 -14.15
N VAL A 149 24.09 20.84 -14.97
CA VAL A 149 22.77 20.28 -15.26
C VAL A 149 22.52 19.14 -14.29
N GLY A 150 21.35 19.13 -13.67
CA GLY A 150 21.03 18.05 -12.78
C GLY A 150 19.94 17.20 -13.38
N ILE A 151 18.81 17.14 -12.69
CA ILE A 151 17.65 16.42 -13.19
C ILE A 151 17.04 17.20 -14.34
N ILE A 152 16.76 16.51 -15.43
CA ILE A 152 16.20 17.14 -16.60
C ILE A 152 14.90 16.40 -16.90
N ASP A 153 13.98 17.11 -17.53
CA ASP A 153 12.73 16.51 -17.92
C ASP A 153 12.97 15.41 -18.95
N GLY A 154 12.41 14.23 -18.69
CA GLY A 154 12.61 13.06 -19.52
C GLY A 154 11.97 13.13 -20.89
N LEU A 155 10.97 13.99 -21.08
CA LEU A 155 10.38 14.20 -22.40
C LEU A 155 11.29 14.98 -23.33
N SER A 156 12.33 15.64 -22.81
CA SER A 156 13.31 16.34 -23.64
C SER A 156 12.59 17.28 -24.60
N GLY A 157 11.70 18.10 -24.04
CA GLY A 157 10.97 19.09 -24.81
C GLY A 157 9.90 18.54 -25.70
N LEU A 158 9.47 17.29 -25.47
CA LEU A 158 8.42 16.68 -26.27
C LEU A 158 7.18 17.56 -26.29
N ALA A 159 6.64 17.75 -27.49
CA ALA A 159 5.50 18.63 -27.65
C ALA A 159 4.32 18.07 -26.89
N SER A 160 3.59 18.98 -26.24
CA SER A 160 2.48 18.59 -25.38
C SER A 160 1.16 19.28 -25.70
N SER A 161 1.11 20.11 -26.75
CA SER A 161 -0.13 20.80 -27.08
C SER A 161 -1.23 19.79 -27.45
N VAL A 162 -2.48 20.24 -27.33
CA VAL A 162 -3.66 19.40 -27.57
C VAL A 162 -3.74 18.88 -29.00
N ASP A 163 -3.08 19.56 -29.94
CA ASP A 163 -3.05 19.13 -31.33
C ASP A 163 -2.14 17.93 -31.54
N GLU A 164 -1.03 17.89 -30.80
CA GLU A 164 0.01 16.90 -30.96
C GLU A 164 -0.47 15.55 -30.44
N TYR A 165 0.40 14.57 -30.54
CA TYR A 165 0.13 13.27 -29.96
C TYR A 165 -0.01 13.40 -28.45
N PRO A 166 -0.95 12.69 -27.82
CA PRO A 166 -1.17 12.86 -26.38
C PRO A 166 -0.04 12.25 -25.54
N VAL A 167 0.51 13.07 -24.65
CA VAL A 167 1.62 12.67 -23.78
C VAL A 167 1.03 12.25 -22.43
N ASP A 168 1.08 10.95 -22.15
CA ASP A 168 0.45 10.39 -20.96
C ASP A 168 1.45 9.92 -19.91
N THR A 169 2.72 10.32 -20.02
CA THR A 169 3.75 9.76 -19.16
C THR A 169 4.55 10.89 -18.51
N ILE A 170 5.10 10.58 -17.34
CA ILE A 170 5.99 11.46 -16.59
C ILE A 170 7.32 10.75 -16.52
N ALA A 171 8.39 11.47 -16.82
CA ALA A 171 9.70 10.87 -16.84
C ALA A 171 10.72 11.92 -16.46
N LYS A 172 11.83 11.46 -15.89
CA LYS A 172 12.93 12.33 -15.54
C LYS A 172 14.24 11.61 -15.80
N ARG A 173 15.28 12.37 -16.11
CA ARG A 173 16.54 11.73 -16.42
C ARG A 173 17.70 12.67 -16.09
N PHE A 174 18.89 12.10 -16.08
CA PHE A 174 20.12 12.87 -16.03
C PHE A 174 20.71 13.00 -17.43
N ARG A 175 21.57 14.00 -17.62
CA ARG A 175 22.34 13.99 -18.85
C ARG A 175 23.46 12.96 -18.74
N TYR A 176 23.56 12.12 -19.78
CA TYR A 176 24.33 10.89 -19.73
C TYR A 176 25.80 11.15 -19.38
N ASP A 177 26.40 12.17 -20.00
CA ASP A 177 27.76 12.51 -19.66
C ASP A 177 27.85 13.01 -18.22
N SER A 178 26.93 13.89 -17.84
CA SER A 178 26.90 14.44 -16.49
C SER A 178 26.79 13.32 -15.46
N ALA A 179 25.93 12.33 -15.72
CA ALA A 179 25.79 11.18 -14.83
C ALA A 179 27.07 10.35 -14.81
N LEU A 180 27.75 10.21 -15.94
CA LEU A 180 29.02 9.51 -15.96
C LEU A 180 30.07 10.22 -15.09
N VAL A 181 30.10 11.56 -15.14
CA VAL A 181 30.98 12.35 -14.27
C VAL A 181 30.65 12.11 -12.81
N SER A 182 29.36 12.17 -12.47
CA SER A 182 28.98 12.02 -11.07
C SER A 182 29.37 10.64 -10.56
N ALA A 183 29.18 9.62 -11.40
CA ALA A 183 29.50 8.26 -10.97
C ALA A 183 31.01 8.10 -10.77
N LEU A 184 31.80 8.68 -11.66
CA LEU A 184 33.26 8.58 -11.55
C LEU A 184 33.76 9.27 -10.29
N MET A 185 33.27 10.49 -10.04
CA MET A 185 33.69 11.18 -8.84
C MET A 185 33.29 10.40 -7.60
N ASP A 186 32.11 9.76 -7.63
CA ASP A 186 31.72 8.89 -6.53
C ASP A 186 32.76 7.79 -6.30
N MET A 187 33.24 7.14 -7.36
CA MET A 187 34.18 6.04 -7.12
C MET A 187 35.63 6.48 -7.08
N GLU A 188 35.89 7.79 -7.06
CA GLU A 188 37.27 8.28 -6.93
C GLU A 188 38.12 7.55 -5.89
N GLU A 189 37.62 7.38 -4.67
CA GLU A 189 38.45 6.74 -3.66
C GLU A 189 38.78 5.30 -4.06
N ASP A 190 37.83 4.59 -4.67
CA ASP A 190 38.12 3.22 -5.08
C ASP A 190 39.11 3.19 -6.23
N ILE A 191 39.07 4.19 -7.11
CA ILE A 191 40.02 4.24 -8.22
C ILE A 191 41.42 4.47 -7.69
N LEU A 192 41.58 5.46 -6.81
CA LEU A 192 42.90 5.71 -6.22
C LEU A 192 43.38 4.49 -5.45
N GLU A 193 42.53 3.89 -4.61
CA GLU A 193 42.95 2.70 -3.87
C GLU A 193 43.26 1.54 -4.81
N GLY A 194 42.58 1.45 -5.95
CA GLY A 194 42.84 0.37 -6.88
C GLY A 194 44.16 0.54 -7.60
N MET A 195 44.50 1.79 -7.98
CA MET A 195 45.83 2.06 -8.51
C MET A 195 46.92 1.74 -7.47
N ARG A 196 46.70 2.16 -6.22
CA ARG A 196 47.66 1.81 -5.17
C ARG A 196 47.83 0.30 -5.04
N SER A 197 46.72 -0.45 -5.01
CA SER A 197 46.82 -1.90 -4.81
C SER A 197 47.48 -2.60 -5.99
N GLN A 198 47.54 -1.95 -7.16
CA GLN A 198 48.24 -2.46 -8.34
C GLN A 198 49.65 -1.91 -8.46
N ASP A 199 50.18 -1.29 -7.40
CA ASP A 199 51.54 -0.72 -7.39
C ASP A 199 51.69 0.40 -8.43
N LEU A 200 50.64 1.19 -8.61
CA LEU A 200 50.67 2.37 -9.45
C LEU A 200 50.50 3.64 -8.60
N ASP A 201 50.76 4.79 -9.23
CA ASP A 201 50.80 6.06 -8.51
C ASP A 201 49.44 6.74 -8.43
N ASP A 202 49.15 7.35 -7.27
CA ASP A 202 47.92 8.12 -7.10
C ASP A 202 47.81 9.24 -8.12
N TYR A 203 48.93 9.92 -8.41
CA TYR A 203 48.90 11.13 -9.22
C TYR A 203 48.96 10.86 -10.72
N LEU A 204 49.16 9.61 -11.12
CA LEU A 204 49.19 9.25 -12.54
C LEU A 204 47.87 9.64 -13.21
N ASN A 205 47.95 10.13 -14.45
CA ASN A 205 46.76 10.60 -15.14
C ASN A 205 46.54 9.96 -16.51
N GLY A 206 47.38 9.01 -16.92
CA GLY A 206 47.27 8.40 -18.23
C GLY A 206 45.88 7.86 -18.50
N PRO A 207 45.52 7.74 -19.78
CA PRO A 207 44.11 7.54 -20.16
C PRO A 207 43.47 6.33 -19.49
N PHE A 208 42.41 6.59 -18.72
CA PHE A 208 41.62 5.51 -18.15
C PHE A 208 40.54 5.10 -19.13
N THR A 209 40.20 3.84 -19.10
CA THR A 209 39.12 3.30 -19.90
C THR A 209 38.04 2.75 -18.98
N VAL A 210 36.80 3.12 -19.29
CA VAL A 210 35.63 2.79 -18.48
C VAL A 210 34.74 1.89 -19.31
N VAL A 211 34.50 0.67 -18.85
CA VAL A 211 33.57 -0.24 -19.53
C VAL A 211 32.22 -0.07 -18.83
N VAL A 212 31.29 0.60 -19.50
CA VAL A 212 29.97 0.90 -18.94
C VAL A 212 28.98 -0.13 -19.46
N LYS A 213 28.34 -0.87 -18.57
CA LYS A 213 27.25 -1.78 -18.97
C LYS A 213 25.94 -0.99 -18.96
N GLU A 214 25.24 -0.98 -20.10
CA GLU A 214 23.93 -0.33 -20.21
C GLU A 214 22.80 -1.33 -19.98
N SER A 215 21.73 -0.85 -19.32
CA SER A 215 20.58 -1.69 -18.99
C SER A 215 19.28 -0.91 -19.20
N CYS A 216 18.19 -1.67 -19.32
CA CYS A 216 16.84 -1.16 -19.45
C CYS A 216 15.84 -2.28 -19.26
N ASP A 217 14.84 -2.05 -18.42
CA ASP A 217 13.85 -3.06 -18.16
C ASP A 217 12.57 -2.34 -17.76
N GLY A 218 11.44 -3.01 -18.01
CA GLY A 218 10.21 -2.62 -17.37
C GLY A 218 10.16 -3.15 -15.94
N MET A 219 9.42 -2.41 -15.12
CA MET A 219 9.29 -2.72 -13.71
C MET A 219 7.89 -3.23 -13.39
N GLY A 220 7.22 -3.83 -14.37
CA GLY A 220 5.92 -4.40 -14.14
C GLY A 220 4.99 -3.35 -13.58
N ASP A 221 4.16 -3.75 -12.63
CA ASP A 221 3.23 -2.81 -12.02
C ASP A 221 3.93 -2.00 -10.92
N VAL A 222 3.54 -0.73 -10.82
CA VAL A 222 4.02 0.17 -9.80
C VAL A 222 2.88 0.78 -9.00
N SER A 223 1.63 0.47 -9.34
CA SER A 223 0.48 1.13 -8.73
C SER A 223 0.45 0.96 -7.22
N GLU A 224 0.02 2.00 -6.54
CA GLU A 224 -0.48 1.88 -5.19
C GLU A 224 -2.00 1.99 -5.23
N LYS A 225 -2.68 1.07 -4.54
CA LYS A 225 -4.12 0.96 -4.67
C LYS A 225 -4.74 0.75 -3.30
N HIS A 226 -5.94 1.30 -3.12
CA HIS A 226 -6.69 1.12 -1.88
C HIS A 226 -7.23 -0.30 -1.77
N GLY A 229 -9.48 -5.73 -6.47
CA GLY A 229 -10.33 -4.58 -6.69
C GLY A 229 -10.07 -3.94 -8.04
N PRO A 230 -10.54 -2.71 -8.23
CA PRO A 230 -10.40 -2.01 -9.53
C PRO A 230 -9.02 -1.42 -9.76
N ALA A 231 -8.03 -2.30 -9.87
CA ALA A 231 -6.63 -1.90 -9.95
C ALA A 231 -6.30 -1.44 -11.36
N VAL A 232 -6.11 -0.13 -11.54
CA VAL A 232 -5.58 0.39 -12.79
C VAL A 232 -4.08 0.20 -12.76
N PRO A 233 -3.50 -0.57 -13.68
CA PRO A 233 -2.05 -0.81 -13.63
C PRO A 233 -1.27 0.45 -14.00
N GLU A 234 -0.02 0.50 -13.54
CA GLU A 234 0.89 1.59 -13.83
C GLU A 234 2.28 0.99 -13.97
N LYS A 235 2.78 0.94 -15.20
CA LYS A 235 4.06 0.33 -15.48
C LYS A 235 5.16 1.38 -15.53
N ALA A 236 6.40 0.93 -15.33
CA ALA A 236 7.55 1.81 -15.35
C ALA A 236 8.70 1.20 -16.14
N VAL A 237 9.55 2.08 -16.64
CA VAL A 237 10.77 1.72 -17.36
C VAL A 237 11.93 2.41 -16.68
N ARG A 238 12.99 1.64 -16.42
CA ARG A 238 14.21 2.13 -15.79
C ARG A 238 15.37 1.95 -16.75
N PHE A 239 16.04 3.05 -17.08
CA PHE A 239 17.21 3.07 -17.95
C PHE A 239 18.43 3.37 -17.09
N SER A 240 19.38 2.43 -17.05
CA SER A 240 20.46 2.44 -16.07
C SER A 240 21.78 2.15 -16.74
N PHE A 241 22.86 2.40 -15.98
CA PHE A 241 24.19 2.01 -16.41
C PHE A 241 25.02 1.58 -15.20
N THR A 242 25.98 0.68 -15.45
CA THR A 242 26.79 0.09 -14.39
C THR A 242 28.26 0.11 -14.81
N VAL A 243 29.08 0.93 -14.15
CA VAL A 243 30.53 0.93 -14.35
C VAL A 243 31.09 -0.46 -14.00
N MET A 244 31.58 -1.19 -15.01
CA MET A 244 31.96 -2.59 -14.87
C MET A 244 33.43 -2.75 -14.51
N ARG A 245 34.29 -2.00 -15.18
CA ARG A 245 35.70 -2.01 -14.84
C ARG A 245 36.33 -0.76 -15.41
N ILE A 246 37.38 -0.31 -14.73
CA ILE A 246 38.21 0.79 -15.17
C ILE A 246 39.63 0.29 -15.26
N THR A 247 40.26 0.53 -16.39
CA THR A 247 41.64 0.14 -16.61
C THR A 247 42.47 1.37 -16.95
N ILE A 248 43.78 1.22 -16.80
CA ILE A 248 44.73 2.28 -17.14
C ILE A 248 45.81 1.70 -18.04
N GLU A 249 46.17 2.44 -19.08
CA GLU A 249 47.20 2.03 -20.02
C GLU A 249 48.55 2.42 -19.44
N HIS A 250 49.31 1.42 -18.97
CA HIS A 250 50.63 1.63 -18.34
C HIS A 250 51.61 0.73 -19.07
N GLY A 251 52.01 1.18 -20.26
CA GLY A 251 52.80 0.37 -21.17
C GLY A 251 52.01 0.05 -22.42
N SER A 252 52.29 -1.11 -23.03
CA SER A 252 51.32 -1.76 -23.89
C SER A 252 50.39 -2.68 -23.08
N GLN A 253 50.23 -2.37 -21.78
CA GLN A 253 49.44 -3.14 -20.83
C GLN A 253 48.28 -2.32 -20.29
N ASN A 254 47.17 -3.01 -20.04
CA ASN A 254 45.95 -2.41 -19.51
C ASN A 254 45.75 -2.96 -18.10
N VAL A 255 46.13 -2.15 -17.11
CA VAL A 255 46.06 -2.56 -15.71
C VAL A 255 44.65 -2.30 -15.17
N LYS A 256 44.06 -3.31 -14.56
CA LYS A 256 42.69 -3.27 -14.06
C LYS A 256 42.71 -2.64 -12.67
N VAL A 257 42.44 -1.34 -12.60
CA VAL A 257 42.43 -0.63 -11.33
C VAL A 257 41.07 -0.67 -10.64
N PHE A 258 40.00 -0.98 -11.37
CA PHE A 258 38.69 -1.12 -10.75
C PHE A 258 37.87 -2.20 -11.44
N GLU A 259 37.19 -3.03 -10.65
CA GLU A 259 36.27 -4.03 -11.17
C GLU A 259 35.14 -4.23 -10.17
N GLU A 260 33.93 -3.93 -10.62
CA GLU A 260 32.70 -4.00 -9.83
C GLU A 260 32.51 -5.36 -9.19
N PRO A 261 32.54 -5.46 -7.89
CA PRO A 261 32.54 -6.79 -7.25
C PRO A 261 31.23 -7.53 -7.44
N LYS A 262 30.11 -6.82 -7.38
CA LYS A 262 28.78 -7.44 -7.44
C LYS A 262 28.04 -6.79 -8.61
N PRO A 263 28.32 -7.21 -9.84
CA PRO A 263 27.88 -6.43 -11.00
C PRO A 263 26.38 -6.45 -11.22
N ASN A 264 25.68 -7.46 -10.72
CA ASN A 264 24.23 -7.57 -10.83
C ASN A 264 23.49 -7.00 -9.64
N SER A 265 24.19 -6.41 -8.67
CA SER A 265 23.51 -5.84 -7.50
C SER A 265 22.75 -4.59 -7.88
N GLU A 266 21.68 -4.31 -7.12
CA GLU A 266 20.96 -3.06 -7.26
C GLU A 266 21.74 -1.89 -6.68
N LEU A 267 22.86 -2.17 -6.00
CA LEU A 267 23.65 -1.14 -5.36
C LEU A 267 24.46 -0.32 -6.37
N CYS A 268 24.89 -0.95 -7.46
CA CYS A 268 25.74 -0.26 -8.43
C CYS A 268 25.03 0.00 -9.76
N CYS A 269 23.70 -0.14 -9.80
CA CYS A 269 22.93 0.03 -11.02
C CYS A 269 22.38 1.45 -11.06
N LYS A 270 23.25 2.38 -11.44
CA LYS A 270 22.94 3.80 -11.31
C LYS A 270 21.80 4.19 -12.22
N PRO A 271 20.69 4.67 -11.67
CA PRO A 271 19.53 5.04 -12.48
C PRO A 271 19.84 6.30 -13.29
N LEU A 272 19.57 6.24 -14.60
CA LEU A 272 19.82 7.32 -15.54
C LEU A 272 18.54 7.98 -16.04
N CYS A 273 17.48 7.20 -16.23
CA CYS A 273 16.18 7.74 -16.60
C CYS A 273 15.08 6.88 -16.01
N LEU A 274 14.15 7.50 -15.28
CA LEU A 274 12.96 6.83 -14.77
C LEU A 274 11.74 7.33 -15.49
N MET A 275 10.92 6.41 -16.03
CA MET A 275 9.71 6.84 -16.73
C MET A 275 8.50 5.98 -16.36
N LEU A 276 7.33 6.62 -16.28
CA LEU A 276 6.06 5.92 -16.08
C LEU A 276 5.42 5.66 -17.44
N ALA A 277 5.82 4.55 -18.08
CA ALA A 277 5.34 4.20 -19.42
C ALA A 277 5.57 2.72 -19.64
N ASP A 278 4.87 2.16 -20.62
CA ASP A 278 4.93 0.73 -20.89
C ASP A 278 6.13 0.43 -21.75
N GLU A 279 6.92 -0.57 -21.36
CA GLU A 279 8.03 -0.96 -22.21
C GLU A 279 7.56 -1.42 -23.59
N SER A 280 6.30 -1.83 -23.73
CA SER A 280 5.77 -2.21 -25.03
C SER A 280 5.20 -1.03 -25.81
N ASP A 281 5.28 0.19 -25.28
CA ASP A 281 4.69 1.36 -25.92
C ASP A 281 5.76 2.05 -26.75
N HIS A 282 5.93 1.59 -27.98
CA HIS A 282 7.14 1.91 -28.72
C HIS A 282 7.31 3.41 -28.95
N GLU A 283 6.20 4.13 -29.20
CA GLU A 283 6.27 5.57 -29.50
C GLU A 283 6.89 6.35 -28.36
N THR A 284 6.43 6.08 -27.14
CA THR A 284 6.95 6.75 -25.96
C THR A 284 8.34 6.24 -25.59
N LEU A 285 8.56 4.93 -25.71
CA LEU A 285 9.89 4.40 -25.43
C LEU A 285 10.94 5.12 -26.26
N THR A 286 10.69 5.25 -27.57
CA THR A 286 11.70 5.87 -28.43
C THR A 286 11.78 7.37 -28.20
N ALA A 287 10.64 8.03 -27.95
CA ALA A 287 10.69 9.47 -27.66
C ALA A 287 11.49 9.78 -26.40
N ILE A 288 11.39 8.94 -25.37
CA ILE A 288 12.09 9.23 -24.12
C ILE A 288 13.56 8.83 -24.24
N LEU A 289 13.84 7.68 -24.86
CA LEU A 289 15.19 7.14 -24.83
C LEU A 289 16.12 7.73 -25.92
N SER A 290 15.57 8.25 -27.02
CA SER A 290 16.43 8.70 -28.11
C SER A 290 17.45 9.76 -27.69
N PRO A 291 17.10 10.79 -26.90
CA PRO A 291 18.12 11.73 -26.42
C PRO A 291 19.25 11.12 -25.60
N LEU A 292 18.93 10.16 -24.74
CA LEU A 292 20.00 9.43 -24.06
C LEU A 292 20.90 8.74 -25.08
N ILE A 293 20.31 8.05 -26.07
CA ILE A 293 21.16 7.31 -27.00
C ILE A 293 22.06 8.27 -27.74
N ALA A 294 21.54 9.46 -28.06
CA ALA A 294 22.31 10.47 -28.77
C ALA A 294 23.50 10.96 -27.95
N GLU A 295 23.28 11.27 -26.67
CA GLU A 295 24.44 11.61 -25.84
C GLU A 295 25.42 10.46 -25.75
N ARG A 296 24.92 9.22 -25.75
CA ARG A 296 25.82 8.06 -25.62
C ARG A 296 26.70 7.91 -26.84
N GLU A 297 26.07 7.99 -28.02
CA GLU A 297 26.79 8.04 -29.29
C GLU A 297 27.84 9.13 -29.29
N ALA A 298 27.42 10.38 -29.01
CA ALA A 298 28.35 11.51 -29.00
C ALA A 298 29.58 11.24 -28.13
N MET A 299 29.36 10.65 -26.96
CA MET A 299 30.51 10.34 -26.09
C MET A 299 31.40 9.27 -26.69
N LYS A 300 30.86 8.40 -27.54
CA LYS A 300 31.75 7.39 -28.13
C LYS A 300 32.89 8.01 -28.94
N SER A 301 32.86 9.32 -29.21
CA SER A 301 33.86 9.95 -30.06
C SER A 301 34.55 11.12 -29.36
N SER A 302 34.98 10.94 -28.12
CA SER A 302 35.60 12.04 -27.40
C SER A 302 36.21 11.51 -26.11
N GLU A 303 37.05 12.34 -25.49
CA GLU A 303 37.71 11.98 -24.24
C GLU A 303 37.30 12.96 -23.15
N LEU A 304 37.03 12.42 -21.96
CA LEU A 304 36.56 13.21 -20.83
C LEU A 304 37.75 13.60 -19.96
N THR A 305 37.91 14.89 -19.72
CA THR A 305 38.88 15.38 -18.77
C THR A 305 38.13 15.92 -17.56
N LEU A 306 38.59 15.50 -16.39
CA LEU A 306 37.90 15.74 -15.13
C LEU A 306 38.94 15.73 -14.02
N GLU A 307 38.81 16.63 -13.05
CA GLU A 307 39.82 16.76 -12.01
C GLU A 307 39.51 15.82 -10.86
N MET A 308 40.47 14.96 -10.51
CA MET A 308 40.32 14.01 -9.41
C MET A 308 41.56 14.09 -8.52
N GLY A 309 41.36 14.24 -7.22
CA GLY A 309 42.47 14.46 -6.30
C GLY A 309 43.44 15.55 -6.72
N GLY A 310 42.97 16.61 -7.39
CA GLY A 310 43.82 17.67 -7.84
C GLY A 310 44.43 17.47 -9.21
N ILE A 311 44.52 16.24 -9.68
CA ILE A 311 45.14 15.93 -10.96
C ILE A 311 44.04 15.79 -12.02
N PRO A 312 44.09 16.53 -13.12
CA PRO A 312 43.20 16.22 -14.23
C PRO A 312 43.49 14.82 -14.74
N ARG A 313 42.42 14.09 -15.04
CA ARG A 313 42.53 12.77 -15.63
C ARG A 313 41.69 12.76 -16.90
N THR A 314 41.98 11.77 -17.75
CA THR A 314 41.21 11.57 -18.97
C THR A 314 40.64 10.17 -18.99
N PHE A 315 39.41 10.06 -19.48
CA PHE A 315 38.63 8.85 -19.46
C PHE A 315 38.08 8.59 -20.86
N LYS A 316 38.24 7.36 -21.34
CA LYS A 316 37.66 6.88 -22.58
C LYS A 316 36.62 5.82 -22.24
N PHE A 317 35.47 5.88 -22.88
CA PHE A 317 34.33 5.04 -22.50
C PHE A 317 34.04 3.97 -23.55
N ILE A 318 33.49 2.85 -23.09
CA ILE A 318 33.10 1.72 -23.92
C ILE A 318 31.71 1.33 -23.42
N PHE A 319 30.67 1.69 -24.17
CA PHE A 319 29.31 1.36 -23.75
C PHE A 319 28.92 0.01 -24.31
N ARG A 320 28.40 -0.87 -23.46
CA ARG A 320 28.01 -2.21 -23.88
C ARG A 320 26.62 -2.52 -23.37
N GLY A 321 25.63 -2.43 -24.26
CA GLY A 321 24.25 -2.67 -23.90
C GLY A 321 23.88 -4.12 -23.71
N THR A 322 24.25 -4.66 -22.56
CA THR A 322 23.98 -6.04 -22.20
C THR A 322 22.80 -6.20 -21.24
N GLY A 323 22.38 -5.13 -20.54
CA GLY A 323 21.24 -5.22 -19.66
C GLY A 323 19.91 -5.09 -20.35
N TYR A 324 19.62 -6.01 -21.26
CA TYR A 324 18.34 -6.05 -21.93
C TYR A 324 17.92 -7.50 -22.00
N ASP A 325 16.75 -7.81 -21.44
CA ASP A 325 16.23 -9.15 -21.60
C ASP A 325 15.73 -9.32 -23.02
N GLU A 326 15.47 -10.57 -23.41
CA GLU A 326 15.20 -10.84 -24.82
C GLU A 326 14.08 -9.95 -25.35
N LYS A 327 12.99 -9.81 -24.60
CA LYS A 327 11.86 -9.04 -25.10
C LYS A 327 12.27 -7.62 -25.50
N LEU A 328 13.06 -6.97 -24.65
CA LEU A 328 13.46 -5.60 -24.91
C LEU A 328 14.52 -5.55 -26.02
N VAL A 329 15.43 -6.53 -26.05
CA VAL A 329 16.35 -6.66 -27.18
C VAL A 329 15.58 -6.65 -28.48
N ARG A 330 14.66 -7.60 -28.63
CA ARG A 330 13.86 -7.72 -29.84
C ARG A 330 13.12 -6.43 -30.14
N GLU A 331 12.59 -5.76 -29.11
CA GLU A 331 11.83 -4.54 -29.38
C GLU A 331 12.72 -3.43 -29.92
N VAL A 332 13.86 -3.18 -29.29
CA VAL A 332 14.67 -2.03 -29.69
C VAL A 332 15.57 -2.30 -30.90
N GLU A 333 15.81 -3.58 -31.26
CA GLU A 333 16.65 -3.96 -32.39
C GLU A 333 15.85 -4.35 -33.64
N GLY A 334 14.55 -4.05 -33.67
CA GLY A 334 13.68 -4.27 -34.81
C GLY A 334 13.20 -5.70 -35.05
N LEU A 335 13.53 -6.64 -34.18
CA LEU A 335 13.17 -8.03 -34.49
C LEU A 335 11.70 -8.32 -34.16
N GLU A 336 11.24 -9.49 -34.59
CA GLU A 336 9.88 -9.94 -34.32
C GLU A 336 9.73 -10.35 -32.85
N ALA A 337 8.47 -10.58 -32.47
CA ALA A 337 8.11 -11.02 -31.12
C ALA A 337 8.58 -12.46 -30.89
N SER A 338 8.67 -12.82 -29.59
CA SER A 338 9.44 -14.00 -29.20
C SER A 338 8.88 -15.29 -29.79
N GLY A 339 7.59 -15.32 -30.11
CA GLY A 339 6.95 -16.49 -30.71
C GLY A 339 7.35 -16.75 -32.16
N SER A 340 8.26 -15.96 -32.72
CA SER A 340 8.62 -16.05 -34.13
C SER A 340 9.34 -17.36 -34.42
N VAL A 341 9.47 -17.67 -35.72
CA VAL A 341 10.32 -18.78 -36.12
C VAL A 341 11.80 -18.44 -35.94
N TYR A 342 12.16 -17.16 -36.10
CA TYR A 342 13.52 -16.68 -35.90
C TYR A 342 13.79 -16.52 -34.41
N ILE A 343 14.26 -17.59 -33.77
CA ILE A 343 14.31 -17.63 -32.32
C ILE A 343 15.55 -16.94 -31.76
N CYS A 344 16.65 -16.84 -32.52
CA CYS A 344 17.88 -16.34 -31.93
C CYS A 344 18.07 -14.86 -32.29
N THR A 345 18.53 -14.09 -31.32
CA THR A 345 18.84 -12.70 -31.55
C THR A 345 20.32 -12.51 -31.87
N LEU A 346 21.08 -13.61 -32.00
CA LEU A 346 22.47 -13.58 -32.43
C LEU A 346 22.69 -14.07 -33.86
N CYS A 347 21.76 -14.83 -34.43
CA CYS A 347 21.90 -15.41 -35.75
C CYS A 347 20.54 -15.48 -36.39
N ASP A 348 20.54 -15.94 -37.64
CA ASP A 348 19.34 -15.95 -38.45
C ASP A 348 18.63 -17.31 -38.44
N THR A 349 18.91 -18.18 -37.47
CA THR A 349 18.35 -19.52 -37.53
C THR A 349 16.85 -19.47 -37.26
N THR A 350 16.10 -20.39 -37.88
CA THR A 350 14.72 -20.63 -37.51
C THR A 350 14.66 -21.71 -36.44
N ARG A 351 13.49 -21.86 -35.82
CA ARG A 351 13.32 -22.92 -34.82
C ARG A 351 13.58 -24.30 -35.41
N LEU A 352 13.05 -24.58 -36.60
CA LEU A 352 13.30 -25.86 -37.27
C LEU A 352 14.79 -26.04 -37.55
N GLU A 353 15.40 -25.04 -38.19
CA GLU A 353 16.83 -25.09 -38.48
C GLU A 353 17.63 -25.34 -37.22
N ALA A 354 17.32 -24.60 -36.14
CA ALA A 354 18.05 -24.75 -34.88
C ALA A 354 17.86 -26.13 -34.25
N SER A 355 16.70 -26.75 -34.46
CA SER A 355 16.43 -28.08 -33.91
C SER A 355 17.15 -29.19 -34.65
N GLN A 356 17.29 -29.05 -35.98
CA GLN A 356 17.99 -30.06 -36.78
C GLN A 356 19.51 -29.84 -36.72
N ASN A 357 19.94 -28.60 -36.99
CA ASN A 357 21.32 -28.18 -36.83
C ASN A 357 21.48 -27.76 -35.37
N LEU A 358 22.12 -28.60 -34.56
CA LEU A 358 22.18 -28.30 -33.13
C LEU A 358 23.33 -27.39 -32.70
N VAL A 359 24.54 -27.53 -33.25
CA VAL A 359 25.71 -26.86 -32.67
C VAL A 359 26.35 -25.84 -33.60
N PHE A 360 26.19 -26.00 -34.89
CA PHE A 360 26.97 -25.15 -35.78
C PHE A 360 26.18 -23.92 -36.21
N HIS A 361 26.17 -22.89 -35.35
CA HIS A 361 25.73 -21.55 -35.70
C HIS A 361 26.75 -20.52 -35.21
N SER A 362 26.70 -19.31 -35.80
CA SER A 362 27.65 -18.24 -35.45
C SER A 362 26.92 -16.93 -35.23
N ILE A 363 27.57 -16.00 -34.52
CA ILE A 363 26.96 -14.73 -34.14
C ILE A 363 27.04 -13.80 -35.36
N THR A 364 25.96 -13.73 -36.14
CA THR A 364 25.93 -12.98 -37.40
C THR A 364 25.09 -11.73 -37.36
N ARG A 365 24.13 -11.63 -36.46
CA ARG A 365 23.37 -10.41 -36.40
C ARG A 365 24.23 -9.28 -35.85
N SER A 366 23.86 -8.05 -36.19
CA SER A 366 24.52 -6.85 -35.70
C SER A 366 23.59 -5.67 -35.93
N HIS A 367 23.86 -4.55 -35.24
CA HIS A 367 22.97 -3.40 -35.36
C HIS A 367 22.97 -2.85 -36.77
N ALA A 368 24.13 -2.88 -37.43
CA ALA A 368 24.22 -2.42 -38.80
C ALA A 368 23.42 -3.31 -39.75
N GLU A 369 23.68 -4.62 -39.71
CA GLU A 369 22.92 -5.56 -40.53
C GLU A 369 21.44 -5.35 -40.34
N ASN A 370 21.00 -5.17 -39.09
CA ASN A 370 19.58 -5.03 -38.77
C ASN A 370 19.00 -3.71 -39.30
N LEU A 371 19.77 -2.62 -39.21
CA LEU A 371 19.36 -1.40 -39.90
C LEU A 371 19.21 -1.67 -41.38
N GLN A 372 20.15 -2.41 -41.94
CA GLN A 372 20.14 -2.69 -43.36
C GLN A 372 18.91 -3.50 -43.73
N ARG A 373 18.60 -4.52 -42.93
CA ARG A 373 17.50 -5.40 -43.25
C ARG A 373 16.20 -4.66 -43.14
N TYR A 374 16.07 -3.74 -42.19
CA TYR A 374 14.86 -2.92 -42.18
C TYR A 374 14.76 -2.13 -43.47
N GLU A 375 15.86 -1.55 -43.92
CA GLU A 375 15.75 -0.80 -45.17
C GLU A 375 15.38 -1.71 -46.33
N VAL A 376 15.90 -2.94 -46.35
CA VAL A 376 15.52 -3.89 -47.38
C VAL A 376 14.03 -4.18 -47.29
N TRP A 377 13.53 -4.47 -46.08
CA TRP A 377 12.10 -4.68 -45.86
C TRP A 377 11.28 -3.49 -46.33
N ARG A 378 11.77 -2.29 -46.12
CA ARG A 378 10.94 -1.13 -46.39
C ARG A 378 10.86 -0.85 -47.88
N SER A 379 11.98 -0.99 -48.58
CA SER A 379 12.05 -0.61 -49.99
C SER A 379 11.67 -1.75 -50.93
N ASN A 380 11.65 -2.97 -50.44
CA ASN A 380 11.39 -4.19 -51.20
C ASN A 380 12.09 -4.14 -52.53
N PRO A 381 13.42 -4.15 -52.57
CA PRO A 381 14.10 -3.81 -53.83
C PRO A 381 14.04 -4.89 -54.90
N TYR A 382 13.74 -6.15 -54.54
CA TYR A 382 13.63 -7.23 -55.52
C TYR A 382 12.19 -7.68 -55.72
N HIS A 383 11.26 -6.75 -55.50
CA HIS A 383 9.81 -6.89 -55.65
C HIS A 383 9.33 -8.29 -55.31
N GLU A 384 9.39 -8.63 -54.02
CA GLU A 384 9.07 -9.93 -53.47
C GLU A 384 7.73 -9.94 -52.75
N SER A 385 7.16 -11.13 -52.64
CA SER A 385 6.01 -11.35 -51.79
C SER A 385 6.39 -11.25 -50.32
N VAL A 386 5.39 -11.11 -49.46
CA VAL A 386 5.66 -10.86 -48.05
C VAL A 386 6.41 -12.05 -47.44
N GLU A 387 6.08 -13.27 -47.83
CA GLU A 387 6.80 -14.42 -47.29
C GLU A 387 8.25 -14.42 -47.76
N GLU A 388 8.46 -14.13 -49.05
CA GLU A 388 9.81 -14.09 -49.58
C GLU A 388 10.59 -12.92 -48.99
N LEU A 389 9.97 -11.74 -48.89
CA LEU A 389 10.65 -10.59 -48.30
C LEU A 389 11.06 -10.88 -46.86
N ARG A 390 10.12 -11.43 -46.07
CA ARG A 390 10.39 -11.78 -44.68
C ARG A 390 11.50 -12.80 -44.59
N ASP A 391 11.49 -13.81 -45.46
CA ASP A 391 12.61 -14.72 -45.51
C ASP A 391 13.91 -13.97 -45.78
N ARG A 392 13.88 -13.01 -46.72
CA ARG A 392 15.11 -12.32 -47.09
C ARG A 392 15.70 -11.55 -45.93
N VAL A 393 14.86 -10.80 -45.20
CA VAL A 393 15.35 -9.94 -44.13
C VAL A 393 15.41 -10.63 -42.78
N LYS A 394 15.16 -11.94 -42.71
CA LYS A 394 15.34 -12.73 -41.49
C LYS A 394 14.60 -12.12 -40.29
N GLY A 395 13.38 -11.64 -40.53
CA GLY A 395 12.51 -11.17 -39.48
C GLY A 395 12.76 -9.76 -38.97
N VAL A 396 13.67 -9.02 -39.58
CA VAL A 396 13.90 -7.63 -39.17
C VAL A 396 12.90 -6.79 -39.96
N SER A 397 11.72 -6.58 -39.38
CA SER A 397 10.61 -5.91 -40.04
C SER A 397 10.29 -4.55 -39.45
N ALA A 398 11.13 -4.03 -38.59
CA ALA A 398 10.97 -2.67 -38.07
C ALA A 398 12.35 -2.09 -37.83
N LYS A 399 12.41 -0.78 -37.78
CA LYS A 399 13.72 -0.13 -37.72
C LYS A 399 14.29 -0.25 -36.32
N PRO A 400 15.48 -0.85 -36.13
CA PRO A 400 16.09 -0.87 -34.80
C PRO A 400 16.44 0.55 -34.37
N PHE A 401 16.46 0.77 -33.04
CA PHE A 401 16.87 2.08 -32.54
C PHE A 401 17.79 2.05 -31.33
N ILE A 402 18.23 0.88 -30.88
CA ILE A 402 19.26 0.82 -29.84
C ILE A 402 20.22 -0.31 -30.17
N GLU A 403 21.51 -0.02 -30.14
CA GLU A 403 22.50 -1.08 -30.32
C GLU A 403 22.66 -1.82 -28.99
N THR A 404 22.39 -3.12 -29.00
CA THR A 404 22.49 -3.95 -27.83
C THR A 404 23.50 -5.06 -28.06
N VAL A 405 23.82 -5.75 -26.98
CA VAL A 405 24.74 -6.87 -27.00
C VAL A 405 24.05 -8.02 -26.28
N PRO A 406 23.06 -8.68 -26.90
CA PRO A 406 22.34 -9.76 -26.22
C PRO A 406 23.27 -10.91 -25.84
N SER A 407 22.97 -11.50 -24.68
CA SER A 407 23.79 -12.53 -24.08
C SER A 407 22.87 -13.61 -23.53
N ILE A 408 23.38 -14.40 -22.59
CA ILE A 408 22.60 -15.38 -21.87
C ILE A 408 23.11 -15.40 -20.44
N ASP A 409 22.23 -15.77 -19.51
CA ASP A 409 22.64 -15.90 -18.12
C ASP A 409 22.97 -17.36 -17.82
N ALA A 410 23.86 -17.56 -16.83
CA ALA A 410 24.24 -18.92 -16.45
C ALA A 410 23.01 -19.75 -16.10
N LEU A 411 21.96 -19.10 -15.60
CA LEU A 411 20.74 -19.77 -15.17
C LEU A 411 20.06 -20.54 -16.29
N HIS A 412 19.86 -19.91 -17.46
CA HIS A 412 19.06 -20.50 -18.53
C HIS A 412 19.76 -21.67 -19.23
N CYS A 413 21.10 -21.67 -19.25
CA CYS A 413 21.82 -22.84 -19.74
C CYS A 413 21.42 -24.08 -18.94
N ASP A 414 21.55 -23.98 -17.62
CA ASP A 414 21.16 -25.04 -16.69
C ASP A 414 19.70 -25.41 -16.87
N ILE A 415 18.84 -24.41 -17.01
CA ILE A 415 17.40 -24.65 -17.10
C ILE A 415 17.08 -25.46 -18.35
N GLY A 416 17.58 -25.03 -19.51
CA GLY A 416 17.31 -25.74 -20.75
C GLY A 416 17.84 -27.16 -20.74
N ASN A 417 19.08 -27.33 -20.26
CA ASN A 417 19.66 -28.66 -20.17
C ASN A 417 18.80 -29.56 -19.28
N ALA A 418 18.37 -29.03 -18.13
CA ALA A 418 17.59 -29.84 -17.19
C ALA A 418 16.23 -30.19 -17.75
N ALA A 419 15.57 -29.25 -18.43
CA ALA A 419 14.30 -29.59 -19.06
C ALA A 419 14.46 -30.75 -20.01
N GLU A 420 15.52 -30.71 -20.83
CA GLU A 420 15.74 -31.80 -21.78
C GLU A 420 16.04 -33.11 -21.05
N PHE A 421 16.88 -33.07 -20.01
CA PHE A 421 17.22 -34.28 -19.27
C PHE A 421 16.00 -34.87 -18.56
N TYR A 422 15.12 -34.02 -18.02
CA TYR A 422 13.90 -34.47 -17.37
C TYR A 422 13.00 -35.20 -18.37
N LYS A 423 12.81 -34.61 -19.56
CA LYS A 423 12.01 -35.27 -20.57
C LYS A 423 12.64 -36.60 -20.99
N ILE A 424 13.97 -36.62 -21.11
CA ILE A 424 14.68 -37.86 -21.45
C ILE A 424 14.49 -38.92 -20.36
N PHE A 425 14.53 -38.51 -19.09
CA PHE A 425 14.30 -39.45 -17.99
C PHE A 425 12.92 -40.09 -18.10
N GLN A 426 11.88 -39.27 -18.30
CA GLN A 426 10.53 -39.81 -18.42
C GLN A 426 10.41 -40.76 -19.61
N LEU A 427 11.03 -40.44 -20.74
CA LEU A 427 10.90 -41.29 -21.93
C LEU A 427 11.73 -42.57 -21.82
N GLU A 428 12.88 -42.52 -21.13
CA GLU A 428 13.71 -43.70 -20.91
C GLU A 428 13.09 -44.63 -19.87
N ILE A 429 12.27 -44.10 -18.96
CA ILE A 429 11.52 -44.97 -18.06
C ILE A 429 10.46 -45.74 -18.85
N GLY A 430 9.92 -45.13 -19.90
CA GLY A 430 8.90 -45.73 -20.74
C GLY A 430 9.42 -46.48 -21.94
N GLU A 431 10.75 -46.55 -22.08
CA GLU A 431 11.41 -47.37 -23.10
C GLU A 431 10.90 -47.02 -24.49
N VAL A 432 10.79 -45.71 -24.75
CA VAL A 432 10.32 -45.20 -26.04
C VAL A 432 11.34 -45.49 -27.13
N TYR A 433 12.62 -45.62 -26.77
CA TYR A 433 13.62 -46.17 -27.70
C TYR A 433 13.17 -47.48 -28.32
N LYS A 434 12.27 -48.19 -27.65
CA LYS A 434 11.79 -49.52 -28.03
C LYS A 434 10.32 -49.52 -28.43
N HIS A 435 9.50 -48.67 -27.80
CA HIS A 435 8.08 -48.53 -28.14
C HIS A 435 7.80 -47.13 -28.67
N PRO A 436 7.41 -47.00 -29.94
CA PRO A 436 7.13 -45.66 -30.47
C PRO A 436 5.92 -44.99 -29.83
N ASN A 437 4.80 -45.70 -29.72
CA ASN A 437 3.57 -45.08 -29.26
C ASN A 437 3.38 -45.28 -27.76
N ALA A 438 2.64 -44.35 -27.16
CA ALA A 438 2.25 -44.45 -25.76
C ALA A 438 1.06 -43.52 -25.52
N SER A 439 0.06 -44.03 -24.80
CA SER A 439 -1.09 -43.22 -24.47
C SER A 439 -0.70 -42.11 -23.48
N LYS A 440 -1.67 -41.23 -23.20
CA LYS A 440 -1.44 -40.22 -22.17
C LYS A 440 -1.24 -40.87 -20.80
N GLU A 441 -2.01 -41.93 -20.51
CA GLU A 441 -1.91 -42.59 -19.21
C GLU A 441 -0.53 -43.20 -18.99
N GLU A 442 0.04 -43.82 -20.03
CA GLU A 442 1.35 -44.44 -19.90
C GLU A 442 2.42 -43.40 -19.57
N ARG A 443 2.40 -42.26 -20.27
CA ARG A 443 3.39 -41.21 -20.02
C ARG A 443 3.18 -40.57 -18.65
N LYS A 444 1.92 -40.39 -18.23
CA LYS A 444 1.64 -39.86 -16.91
C LYS A 444 2.17 -40.79 -15.81
N ARG A 445 2.03 -42.10 -16.00
CA ARG A 445 2.58 -43.05 -15.04
C ARG A 445 4.09 -43.07 -15.06
N TRP A 446 4.70 -42.89 -16.25
CA TRP A 446 6.16 -42.73 -16.33
C TRP A 446 6.62 -41.55 -15.49
N GLN A 447 5.98 -40.39 -15.66
CA GLN A 447 6.35 -39.20 -14.90
C GLN A 447 6.10 -39.39 -13.41
N ALA A 448 4.99 -40.05 -13.04
CA ALA A 448 4.74 -40.33 -11.64
C ALA A 448 5.82 -41.22 -11.04
N THR A 449 6.22 -42.26 -11.77
CA THR A 449 7.33 -43.12 -11.36
C THR A 449 8.59 -42.30 -11.12
N LEU A 450 8.95 -41.44 -12.10
CA LEU A 450 10.19 -40.66 -11.96
C LEU A 450 10.12 -39.70 -10.77
N ASP A 451 8.98 -39.03 -10.59
CA ASP A 451 8.85 -38.06 -9.49
C ASP A 451 8.89 -38.75 -8.14
N LYS A 452 8.16 -39.87 -8.00
CA LYS A 452 8.22 -40.66 -6.78
C LYS A 452 9.65 -41.12 -6.48
N HIS A 453 10.35 -41.62 -7.49
CA HIS A 453 11.69 -42.16 -7.26
C HIS A 453 12.70 -41.07 -6.92
N LEU A 454 12.57 -39.88 -7.52
CA LEU A 454 13.43 -38.77 -7.15
C LEU A 454 13.12 -38.29 -5.73
N ARG A 455 11.83 -38.25 -5.36
CA ARG A 455 11.47 -37.89 -3.98
C ARG A 455 11.98 -38.92 -2.98
N LYS A 456 12.05 -40.19 -3.39
CA LYS A 456 12.46 -41.26 -2.48
C LYS A 456 13.97 -41.30 -2.31
N ARG A 457 14.73 -41.41 -3.40
CA ARG A 457 16.17 -41.61 -3.29
C ARG A 457 16.98 -40.32 -3.32
N MET A 458 16.47 -39.27 -3.97
CA MET A 458 17.18 -38.01 -4.10
C MET A 458 16.57 -36.89 -3.26
N ASN A 459 15.47 -37.15 -2.56
CA ASN A 459 14.80 -36.16 -1.71
C ASN A 459 14.38 -34.93 -2.52
N LEU A 460 13.97 -35.14 -3.77
CA LEU A 460 13.64 -34.06 -4.69
C LEU A 460 12.13 -33.91 -4.79
N LYS A 461 11.62 -32.78 -4.30
CA LYS A 461 10.22 -32.46 -4.45
C LYS A 461 9.85 -32.41 -5.94
N PRO A 462 8.68 -32.90 -6.32
CA PRO A 462 8.22 -32.67 -7.70
C PRO A 462 7.81 -31.22 -7.86
N ILE A 463 7.92 -30.73 -9.09
CA ILE A 463 7.54 -29.35 -9.42
C ILE A 463 6.68 -29.37 -10.67
N MET A 464 5.64 -28.52 -10.69
CA MET A 464 4.78 -28.37 -11.86
C MET A 464 5.28 -27.29 -12.82
N ARG A 465 6.36 -26.62 -12.49
CA ARG A 465 6.84 -25.50 -13.26
C ARG A 465 8.35 -25.52 -13.24
N MET A 466 8.96 -25.29 -14.41
CA MET A 466 10.41 -25.28 -14.49
C MET A 466 10.96 -24.15 -13.65
N ASN A 467 12.17 -24.33 -13.14
CA ASN A 467 12.79 -23.40 -12.21
C ASN A 467 14.26 -23.75 -12.06
N GLY A 468 15.01 -22.83 -11.42
CA GLY A 468 16.46 -22.92 -11.46
C GLY A 468 17.05 -24.03 -10.60
N ASN A 469 16.64 -24.10 -9.33
CA ASN A 469 17.32 -24.99 -8.40
C ASN A 469 16.88 -26.45 -8.55
N PHE A 470 15.68 -26.70 -9.08
CA PHE A 470 15.36 -28.05 -9.55
C PHE A 470 16.36 -28.51 -10.59
N ALA A 471 16.66 -27.63 -11.56
CA ALA A 471 17.71 -27.91 -12.53
C ALA A 471 19.03 -28.20 -11.82
N ARG A 472 19.43 -27.30 -10.90
CA ARG A 472 20.72 -27.45 -10.24
C ARG A 472 20.82 -28.78 -9.50
N LYS A 473 19.77 -29.17 -8.78
CA LYS A 473 19.80 -30.42 -8.03
C LYS A 473 19.60 -31.64 -8.91
N LEU A 474 18.95 -31.51 -10.06
CA LEU A 474 18.68 -32.66 -10.91
C LEU A 474 19.86 -32.98 -11.82
N MET A 475 20.66 -31.99 -12.19
CA MET A 475 21.80 -32.20 -13.08
C MET A 475 23.01 -32.67 -12.26
N THR A 476 22.91 -33.90 -11.75
CA THR A 476 23.98 -34.56 -11.02
C THR A 476 24.07 -36.03 -11.45
N GLN A 477 25.28 -36.60 -11.38
CA GLN A 477 25.46 -38.00 -11.76
C GLN A 477 24.71 -38.93 -10.80
N GLU A 478 24.53 -38.49 -9.55
CA GLU A 478 23.74 -39.24 -8.59
C GLU A 478 22.31 -39.46 -9.09
N THR A 479 21.69 -38.40 -9.63
CA THR A 479 20.35 -38.54 -10.18
C THR A 479 20.34 -39.50 -11.36
N VAL A 480 21.45 -39.57 -12.10
CA VAL A 480 21.48 -40.50 -13.22
C VAL A 480 21.52 -41.94 -12.72
N ASP A 481 22.29 -42.20 -11.66
CA ASP A 481 22.24 -43.54 -11.04
C ASP A 481 20.84 -43.87 -10.56
N ALA A 482 20.19 -42.89 -9.92
CA ALA A 482 18.81 -43.07 -9.48
C ALA A 482 17.91 -43.49 -10.64
N VAL A 483 17.89 -42.69 -11.71
CA VAL A 483 17.00 -42.98 -12.83
C VAL A 483 17.38 -44.28 -13.54
N CYS A 484 18.67 -44.62 -13.55
CA CYS A 484 19.11 -45.91 -14.11
C CYS A 484 18.54 -47.08 -13.31
N GLU A 485 18.31 -46.88 -12.01
CA GLU A 485 17.59 -47.92 -11.26
C GLU A 485 16.20 -48.22 -11.83
N LEU A 486 15.69 -47.42 -12.77
CA LEU A 486 14.37 -47.60 -13.35
C LEU A 486 14.42 -47.93 -14.84
N ILE A 487 15.59 -48.15 -15.42
CA ILE A 487 15.76 -48.41 -16.85
C ILE A 487 16.15 -49.87 -17.03
N PRO A 488 15.51 -50.59 -17.87
CA PRO A 488 15.94 -51.97 -18.15
C PRO A 488 17.36 -52.16 -18.69
N SER A 489 17.62 -51.61 -19.85
CA SER A 489 18.84 -51.95 -20.56
C SER A 489 19.98 -51.07 -20.07
N GLU A 490 21.16 -51.65 -19.99
CA GLU A 490 22.25 -50.89 -19.45
C GLU A 490 23.09 -50.24 -20.53
N GLU A 491 22.90 -50.58 -21.80
CA GLU A 491 23.47 -49.75 -22.86
C GLU A 491 22.91 -48.33 -22.76
N ARG A 492 21.63 -48.23 -22.41
CA ARG A 492 21.02 -46.92 -22.17
C ARG A 492 21.53 -46.29 -20.87
N HIS A 493 21.90 -47.11 -19.89
CA HIS A 493 22.62 -46.57 -18.73
C HIS A 493 23.89 -45.87 -19.17
N GLU A 494 24.69 -46.55 -20.00
CA GLU A 494 25.92 -45.95 -20.52
C GLU A 494 25.63 -44.65 -21.27
N ALA A 495 24.63 -44.66 -22.14
CA ALA A 495 24.28 -43.46 -22.89
C ALA A 495 23.94 -42.30 -21.97
N LEU A 496 23.11 -42.54 -20.95
CA LEU A 496 22.71 -41.47 -20.04
C LEU A 496 23.89 -40.98 -19.22
N ARG A 497 24.75 -41.89 -18.76
CA ARG A 497 25.91 -41.47 -18.00
C ARG A 497 26.84 -40.61 -18.83
N GLU A 498 26.99 -40.94 -20.11
CA GLU A 498 27.88 -40.14 -20.96
C GLU A 498 27.25 -38.79 -21.31
N LEU A 499 25.93 -38.76 -21.54
CA LEU A 499 25.28 -37.48 -21.80
C LEU A 499 25.42 -36.55 -20.60
N MET A 500 25.22 -37.07 -19.39
CA MET A 500 25.38 -36.26 -18.19
C MET A 500 26.84 -35.89 -17.92
N ASP A 501 27.78 -36.76 -18.31
CA ASP A 501 29.19 -36.43 -18.22
C ASP A 501 29.53 -35.24 -19.11
N LEU A 502 28.99 -35.23 -20.33
CA LEU A 502 29.21 -34.10 -21.23
C LEU A 502 28.57 -32.83 -20.68
N TYR A 503 27.37 -32.94 -20.11
CA TYR A 503 26.77 -31.80 -19.44
C TYR A 503 27.71 -31.23 -18.37
N LEU A 504 28.29 -32.12 -17.56
CA LEU A 504 29.10 -31.65 -16.45
C LEU A 504 30.43 -31.10 -16.94
N LYS A 505 30.90 -31.58 -18.08
CA LYS A 505 32.10 -31.00 -18.69
C LYS A 505 31.82 -29.62 -19.28
N MET A 506 30.57 -29.35 -19.68
CA MET A 506 30.26 -28.05 -20.24
C MET A 506 29.91 -26.99 -19.18
N LYS A 507 29.21 -27.40 -18.11
CA LYS A 507 28.66 -26.45 -17.14
C LYS A 507 29.65 -25.43 -16.58
N PRO A 508 30.89 -25.79 -16.19
CA PRO A 508 31.80 -24.77 -15.61
C PRO A 508 32.00 -23.54 -16.49
N VAL A 509 32.00 -23.69 -17.81
CA VAL A 509 32.25 -22.54 -18.68
C VAL A 509 31.14 -21.50 -18.51
N TRP A 510 29.88 -21.93 -18.53
CA TRP A 510 28.84 -20.93 -18.41
C TRP A 510 28.53 -20.55 -16.98
N ARG A 511 29.05 -21.27 -15.98
CA ARG A 511 28.75 -20.81 -14.64
C ARG A 511 29.85 -19.94 -14.02
N SER A 512 31.13 -20.21 -14.33
CA SER A 512 32.23 -19.53 -13.66
C SER A 512 32.21 -18.02 -13.93
N SER A 513 32.95 -17.28 -13.10
CA SER A 513 33.01 -15.82 -13.21
C SER A 513 34.07 -15.37 -14.21
N CYS A 514 35.18 -16.10 -14.32
CA CYS A 514 36.17 -15.89 -15.37
C CYS A 514 36.62 -17.26 -15.84
N PRO A 515 35.97 -17.81 -16.87
CA PRO A 515 36.35 -19.14 -17.35
C PRO A 515 37.71 -19.19 -18.00
N ALA A 516 38.21 -18.08 -18.54
CA ALA A 516 39.57 -18.08 -19.10
C ALA A 516 40.60 -18.46 -18.05
N LYS A 517 40.40 -18.03 -16.79
CA LYS A 517 41.32 -18.29 -15.70
C LYS A 517 40.93 -19.49 -14.84
N GLU A 518 39.64 -19.70 -14.57
CA GLU A 518 39.24 -20.71 -13.59
C GLU A 518 39.26 -22.12 -14.16
N CYS A 519 38.78 -22.30 -15.39
CA CYS A 519 38.66 -23.62 -16.00
C CYS A 519 39.08 -23.55 -17.47
N PRO A 520 40.36 -23.29 -17.73
CA PRO A 520 40.78 -23.10 -19.13
C PRO A 520 40.58 -24.32 -20.00
N GLU A 521 40.71 -25.53 -19.44
CA GLU A 521 40.48 -26.73 -20.24
C GLU A 521 39.01 -26.89 -20.58
N SER A 522 38.12 -26.60 -19.63
CA SER A 522 36.68 -26.63 -19.91
C SER A 522 36.33 -25.68 -21.05
N LEU A 523 36.87 -24.45 -21.01
CA LEU A 523 36.59 -23.49 -22.07
C LEU A 523 37.16 -23.95 -23.39
N CYS A 524 38.37 -24.51 -23.37
CA CYS A 524 38.99 -24.95 -24.61
C CYS A 524 38.25 -26.12 -25.24
N GLN A 525 37.68 -27.02 -24.43
CA GLN A 525 37.00 -28.19 -24.96
C GLN A 525 35.49 -28.02 -25.04
N TYR A 526 34.96 -26.84 -24.71
CA TYR A 526 33.51 -26.66 -24.75
C TYR A 526 32.94 -27.00 -26.12
N SER A 527 33.58 -26.52 -27.19
CA SER A 527 33.01 -26.71 -28.52
C SER A 527 33.03 -28.19 -28.91
N PHE A 528 34.14 -28.88 -28.62
CA PHE A 528 34.24 -30.31 -28.89
C PHE A 528 33.20 -31.09 -28.10
N ASN A 529 32.97 -30.68 -26.85
CA ASN A 529 32.06 -31.39 -25.97
C ASN A 529 30.61 -31.18 -26.37
N SER A 530 30.26 -29.96 -26.80
CA SER A 530 28.91 -29.73 -27.30
C SER A 530 28.68 -30.45 -28.62
N GLN A 531 29.70 -30.56 -29.47
CA GLN A 531 29.56 -31.38 -30.67
C GLN A 531 29.26 -32.84 -30.29
N ARG A 532 30.05 -33.42 -29.40
CA ARG A 532 29.79 -34.79 -29.00
C ARG A 532 28.42 -34.93 -28.34
N PHE A 533 28.02 -33.92 -27.56
CA PHE A 533 26.71 -33.91 -26.91
C PHE A 533 25.61 -34.05 -27.95
N ALA A 534 25.62 -33.15 -28.94
CA ALA A 534 24.60 -33.19 -29.98
C ALA A 534 24.68 -34.46 -30.82
N GLU A 535 25.88 -35.01 -31.01
CA GLU A 535 25.99 -36.25 -31.77
C GLU A 535 25.40 -37.43 -31.00
N LEU A 536 25.61 -37.45 -29.68
CA LEU A 536 24.98 -38.46 -28.83
C LEU A 536 23.47 -38.32 -28.84
N LEU A 537 22.96 -37.09 -28.82
CA LEU A 537 21.51 -36.90 -28.94
C LEU A 537 20.99 -37.35 -30.30
N SER A 538 21.78 -37.19 -31.37
CA SER A 538 21.32 -37.50 -32.71
C SER A 538 21.39 -38.99 -33.03
N THR A 539 22.30 -39.72 -32.38
CA THR A 539 22.46 -41.15 -32.65
C THR A 539 21.67 -42.02 -31.67
N LYS A 540 21.95 -41.91 -30.37
CA LYS A 540 21.37 -42.78 -29.36
C LYS A 540 20.17 -42.17 -28.66
N PHE A 541 19.62 -41.08 -29.20
CA PHE A 541 18.43 -40.45 -28.61
C PHE A 541 17.55 -39.86 -29.71
N LYS A 542 17.44 -40.58 -30.84
CA LYS A 542 16.71 -40.04 -31.99
C LYS A 542 15.28 -39.65 -31.65
N TYR A 543 14.67 -40.34 -30.69
CA TYR A 543 13.24 -40.09 -30.43
C TYR A 543 12.96 -38.66 -30.02
N ARG A 544 13.84 -38.01 -29.26
CA ARG A 544 13.56 -36.67 -28.75
C ARG A 544 13.90 -35.60 -29.79
N TYR A 545 13.33 -35.74 -30.98
CA TYR A 545 13.43 -34.73 -32.03
C TYR A 545 12.02 -34.43 -32.51
N GLU A 546 11.57 -33.20 -32.30
CA GLU A 546 10.26 -32.80 -32.76
C GLU A 546 10.30 -31.56 -33.65
N GLY A 547 11.49 -31.09 -34.02
CA GLY A 547 11.57 -29.83 -34.72
C GLY A 547 11.33 -28.65 -33.82
N LYS A 548 11.43 -28.84 -32.52
CA LYS A 548 11.23 -27.78 -31.56
C LYS A 548 12.48 -27.67 -30.70
N ILE A 549 12.81 -26.45 -30.33
CA ILE A 549 13.90 -26.17 -29.39
C ILE A 549 13.77 -24.75 -28.87
N THR A 550 14.32 -24.50 -27.70
CA THR A 550 14.24 -23.21 -27.04
C THR A 550 15.47 -22.35 -27.34
N ASN A 551 15.28 -21.03 -27.23
CA ASN A 551 16.41 -20.11 -27.38
C ASN A 551 17.52 -20.40 -26.39
N TYR A 552 17.15 -20.79 -25.17
CA TYR A 552 18.13 -21.08 -24.13
C TYR A 552 18.99 -22.27 -24.52
N PHE A 553 18.37 -23.32 -25.05
CA PHE A 553 19.13 -24.49 -25.43
C PHE A 553 19.97 -24.20 -26.66
N HIS A 554 19.35 -23.50 -27.63
CA HIS A 554 20.03 -23.09 -28.86
C HIS A 554 21.26 -22.26 -28.51
N LYS A 555 21.12 -21.26 -27.60
CA LYS A 555 22.26 -20.40 -27.25
C LYS A 555 23.31 -21.18 -26.50
N THR A 556 22.89 -22.11 -25.63
CA THR A 556 23.82 -22.91 -24.85
C THR A 556 24.70 -23.81 -25.73
N LEU A 557 24.09 -24.45 -26.74
CA LEU A 557 24.84 -25.39 -27.58
C LEU A 557 25.59 -24.69 -28.70
N ALA A 558 25.14 -23.52 -29.12
CA ALA A 558 25.66 -22.89 -30.32
C ALA A 558 26.51 -21.67 -30.05
N HIS A 559 26.21 -20.88 -29.02
CA HIS A 559 26.81 -19.55 -28.90
C HIS A 559 27.61 -19.35 -27.63
N VAL A 560 27.81 -20.37 -26.79
CA VAL A 560 28.48 -20.11 -25.53
C VAL A 560 29.94 -19.71 -25.77
N PRO A 561 30.69 -20.45 -26.59
CA PRO A 561 32.09 -20.04 -26.80
C PRO A 561 32.27 -18.67 -27.46
N GLU A 562 31.43 -18.33 -28.44
CA GLU A 562 31.51 -17.01 -29.05
C GLU A 562 31.14 -15.92 -28.04
N ILE A 563 30.15 -16.17 -27.17
CA ILE A 563 29.78 -15.14 -26.19
C ILE A 563 30.89 -14.99 -25.15
N ILE A 564 31.53 -16.09 -24.74
CA ILE A 564 32.67 -15.99 -23.82
C ILE A 564 33.78 -15.16 -24.46
N GLU A 565 34.18 -15.53 -25.69
CA GLU A 565 35.22 -14.76 -26.37
C GLU A 565 34.83 -13.30 -26.57
N ARG A 566 33.53 -13.00 -26.66
CA ARG A 566 33.12 -11.62 -26.78
C ARG A 566 33.15 -10.87 -25.46
N ASP A 567 32.79 -11.52 -24.35
CA ASP A 567 32.62 -10.84 -23.07
C ASP A 567 33.54 -11.35 -21.96
N GLY A 568 34.20 -12.49 -22.16
CA GLY A 568 35.01 -13.07 -21.13
C GLY A 568 34.28 -13.96 -20.14
N SER A 569 32.96 -13.79 -20.00
CA SER A 569 32.18 -14.51 -18.99
C SER A 569 30.70 -14.54 -19.38
N ILE A 570 29.94 -15.37 -18.65
CA ILE A 570 28.49 -15.51 -18.77
C ILE A 570 27.78 -15.06 -17.48
N GLY A 571 28.05 -15.73 -16.35
CA GLY A 571 27.26 -15.55 -15.13
C GLY A 571 27.13 -14.12 -14.62
N ALA A 572 28.03 -13.24 -15.05
CA ALA A 572 28.10 -11.84 -14.62
C ALA A 572 27.24 -10.90 -15.45
N TRP A 573 26.82 -11.31 -16.64
CA TRP A 573 25.88 -10.54 -17.45
C TRP A 573 24.49 -11.16 -17.39
N ALA A 574 24.09 -11.62 -16.20
CA ALA A 574 22.83 -12.29 -15.95
C ALA A 574 21.67 -11.30 -15.88
N SER A 575 20.46 -11.85 -15.98
CA SER A 575 19.22 -11.10 -15.88
C SER A 575 18.60 -11.13 -14.47
N GLU A 576 19.39 -11.45 -13.43
CA GLU A 576 18.86 -11.88 -12.12
C GLU A 576 18.48 -10.75 -11.13
N GLY A 577 19.17 -9.61 -11.11
CA GLY A 577 19.01 -8.73 -9.95
C GLY A 577 17.83 -7.79 -9.97
N ASN A 578 17.55 -7.18 -11.13
CA ASN A 578 16.60 -6.08 -11.26
C ASN A 578 15.17 -6.45 -10.81
N GLN A 579 14.91 -7.73 -10.49
CA GLN A 579 13.66 -8.02 -9.80
C GLN A 579 13.53 -7.27 -8.46
N SER A 580 14.62 -6.80 -7.86
CA SER A 580 14.46 -5.96 -6.66
C SER A 580 14.04 -4.54 -7.00
N GLY A 581 14.42 -4.05 -8.18
CA GLY A 581 14.20 -2.67 -8.54
C GLY A 581 12.82 -2.11 -8.28
N ASN A 582 11.80 -2.81 -8.80
CA ASN A 582 10.41 -2.41 -8.58
C ASN A 582 10.16 -2.10 -7.11
N LYS A 583 10.46 -3.07 -6.23
CA LYS A 583 10.31 -2.85 -4.80
C LYS A 583 10.98 -1.55 -4.39
N LEU A 584 12.29 -1.43 -4.66
CA LEU A 584 13.03 -0.20 -4.42
C LEU A 584 12.25 1.01 -4.91
N PHE A 585 11.87 1.00 -6.19
CA PHE A 585 11.09 2.11 -6.75
C PHE A 585 9.88 2.42 -5.88
N ARG A 586 9.02 1.43 -5.65
CA ARG A 586 7.81 1.71 -4.88
C ARG A 586 8.16 2.33 -3.54
N ARG A 587 9.15 1.75 -2.84
CA ARG A 587 9.49 2.30 -1.54
C ARG A 587 9.73 3.79 -1.65
N PHE A 588 10.63 4.18 -2.57
CA PHE A 588 10.99 5.59 -2.67
C PHE A 588 9.77 6.45 -2.99
N ARG A 589 8.83 5.90 -3.77
CA ARG A 589 7.66 6.66 -4.13
C ARG A 589 6.73 6.89 -2.94
N LYS A 590 6.73 5.96 -1.98
CA LYS A 590 5.81 6.09 -0.84
C LYS A 590 6.38 6.98 0.24
N MET A 591 7.65 6.79 0.60
CA MET A 591 8.19 7.32 1.83
C MET A 591 9.17 8.47 1.66
N ASN A 592 9.56 8.79 0.43
CA ASN A 592 10.60 9.79 0.23
C ASN A 592 10.29 10.70 -0.93
N ALA A 593 9.01 10.82 -1.31
CA ALA A 593 8.64 11.53 -2.52
C ALA A 593 7.47 12.48 -2.31
N ARG A 594 7.64 13.74 -2.70
CA ARG A 594 6.50 14.67 -2.71
C ARG A 594 5.38 14.08 -3.54
N GLN A 595 4.15 14.29 -3.09
CA GLN A 595 3.02 13.58 -3.69
C GLN A 595 2.41 14.43 -4.82
N SER A 596 3.23 14.67 -5.83
CA SER A 596 2.83 15.45 -7.01
C SER A 596 3.55 14.87 -8.22
N LYS A 597 2.80 14.60 -9.30
CA LYS A 597 3.31 13.77 -10.38
C LYS A 597 4.64 14.27 -10.93
N CYS A 598 4.82 15.59 -11.00
CA CYS A 598 6.05 16.08 -11.61
C CYS A 598 7.21 15.90 -10.64
N TYR A 599 6.96 16.13 -9.35
CA TYR A 599 8.05 16.11 -8.39
C TYR A 599 8.36 14.72 -7.91
N GLU A 600 7.35 13.86 -7.79
CA GLU A 600 7.59 12.55 -7.21
C GLU A 600 8.63 11.81 -8.02
N MET A 601 8.59 11.99 -9.33
CA MET A 601 9.52 11.30 -10.21
C MET A 601 10.93 11.74 -9.95
N GLU A 602 11.17 13.06 -9.88
CA GLU A 602 12.55 13.46 -9.64
C GLU A 602 13.00 13.18 -8.22
N ASP A 603 12.08 13.09 -7.28
CA ASP A 603 12.49 12.71 -5.93
C ASP A 603 12.87 11.25 -5.89
N VAL A 604 12.12 10.41 -6.61
CA VAL A 604 12.54 9.02 -6.73
C VAL A 604 13.88 8.91 -7.43
N LEU A 605 14.12 9.76 -8.42
CA LEU A 605 15.38 9.65 -9.15
C LEU A 605 16.54 10.04 -8.25
N LYS A 606 16.43 11.17 -7.57
CA LYS A 606 17.54 11.64 -6.76
C LYS A 606 17.81 10.68 -5.60
N HIS A 607 16.75 10.14 -4.97
CA HIS A 607 16.95 9.15 -3.92
C HIS A 607 17.57 7.87 -4.46
N HIS A 608 17.21 7.46 -5.67
CA HIS A 608 17.80 6.25 -6.20
C HIS A 608 19.27 6.48 -6.54
N TRP A 609 19.59 7.66 -7.07
CA TRP A 609 20.98 8.02 -7.32
C TRP A 609 21.77 7.89 -6.03
N LEU A 610 21.31 8.58 -4.97
CA LEU A 610 22.03 8.55 -3.71
C LEU A 610 22.15 7.14 -3.18
N TYR A 611 21.09 6.35 -3.28
CA TYR A 611 21.15 4.98 -2.82
C TYR A 611 22.25 4.18 -3.51
N THR A 612 22.62 4.57 -4.75
CA THR A 612 23.66 3.81 -5.46
C THR A 612 25.10 4.30 -5.22
N SER A 613 25.29 5.47 -4.61
CA SER A 613 26.63 6.06 -4.48
C SER A 613 27.54 5.22 -3.58
N LYS A 614 28.78 4.99 -4.03
CA LYS A 614 29.68 4.07 -3.32
C LYS A 614 30.28 4.74 -2.10
N TYR A 615 30.42 6.07 -2.15
CA TYR A 615 30.78 6.84 -0.98
C TYR A 615 29.91 6.46 0.24
N LEU A 616 28.59 6.66 0.14
CA LEU A 616 27.73 6.40 1.30
C LEU A 616 27.73 4.92 1.66
N GLN A 617 27.79 4.01 0.67
CA GLN A 617 27.87 2.59 0.99
C GLN A 617 29.12 2.25 1.77
N LYS A 618 30.22 2.95 1.48
CA LYS A 618 31.40 2.82 2.33
C LYS A 618 31.07 3.20 3.77
N PHE A 619 30.37 4.32 3.96
CA PHE A 619 30.00 4.62 5.37
C PHE A 619 29.14 3.52 5.97
N MET A 620 28.26 2.93 5.18
CA MET A 620 27.33 1.94 5.73
C MET A 620 27.95 0.57 5.89
N ASN A 621 29.21 0.37 5.45
CA ASN A 621 29.95 -0.85 5.78
C ASN A 621 31.16 -0.55 6.66
N ALA A 622 31.10 0.53 7.46
CA ALA A 622 32.26 1.01 8.21
C ALA A 622 32.85 -0.05 9.13
N HIS A 623 31.99 -0.87 9.75
CA HIS A 623 32.46 -1.84 10.75
C HIS A 623 33.47 -2.82 10.16
N ASN A 624 33.40 -3.08 8.85
CA ASN A 624 34.37 -3.92 8.18
C ASN A 624 35.38 -3.07 7.38
N MET B 1 -27.23 16.05 -39.23
CA MET B 1 -26.02 15.37 -38.77
C MET B 1 -26.32 14.46 -37.58
N SER B 2 -26.26 13.14 -37.79
CA SER B 2 -26.61 12.18 -36.75
C SER B 2 -25.36 11.52 -36.19
N LEU B 3 -25.21 11.59 -34.88
CA LEU B 3 -24.08 11.00 -34.17
C LEU B 3 -24.43 9.58 -33.75
N GLN B 4 -23.47 8.66 -33.90
CA GLN B 4 -23.74 7.26 -33.59
C GLN B 4 -22.53 6.63 -32.93
N MET B 5 -22.73 5.91 -31.82
CA MET B 5 -21.61 5.20 -31.19
C MET B 5 -21.17 4.02 -32.05
N VAL B 6 -19.90 3.64 -31.92
CA VAL B 6 -19.33 2.53 -32.68
C VAL B 6 -18.57 1.60 -31.75
N THR B 7 -18.78 0.29 -31.89
CA THR B 7 -18.01 -0.71 -31.18
C THR B 7 -16.87 -1.19 -32.07
N VAL B 8 -15.83 -1.72 -31.45
CA VAL B 8 -14.62 -2.09 -32.17
C VAL B 8 -14.23 -3.52 -31.83
N GLY B 9 -13.58 -4.18 -32.79
CA GLY B 9 -13.17 -5.56 -32.66
C GLY B 9 -11.91 -5.71 -31.82
N HIS B 10 -11.27 -6.86 -31.97
CA HIS B 10 -10.18 -7.22 -31.05
C HIS B 10 -8.99 -6.28 -31.18
N ASN B 11 -8.71 -5.79 -32.38
CA ASN B 11 -7.55 -4.94 -32.62
C ASN B 11 -7.89 -3.46 -32.53
N ILE B 12 -8.66 -3.07 -31.51
CA ILE B 12 -8.98 -1.65 -31.34
C ILE B 12 -7.73 -0.87 -30.98
N ALA B 13 -6.72 -1.53 -30.39
CA ALA B 13 -5.53 -0.81 -29.96
C ALA B 13 -4.81 -0.14 -31.12
N LEU B 14 -4.97 -0.66 -32.35
CA LEU B 14 -4.29 -0.08 -33.50
C LEU B 14 -4.66 1.39 -33.71
N ILE B 15 -5.89 1.77 -33.38
CA ILE B 15 -6.35 3.13 -33.64
C ILE B 15 -5.70 4.09 -32.66
N GLN B 16 -5.10 5.14 -33.18
CA GLN B 16 -4.40 6.14 -32.39
C GLN B 16 -4.63 7.49 -33.01
N PRO B 17 -4.39 8.56 -32.27
CA PRO B 17 -4.39 9.90 -32.86
C PRO B 17 -3.37 10.01 -33.98
N GLY B 18 -3.74 10.73 -35.04
CA GLY B 18 -2.89 10.88 -36.21
C GLY B 18 -3.11 9.87 -37.32
N PHE B 19 -4.02 8.92 -37.15
CA PHE B 19 -4.26 7.93 -38.20
C PHE B 19 -4.91 8.58 -39.40
N SER B 20 -4.96 7.82 -40.49
CA SER B 20 -5.56 8.28 -41.73
C SER B 20 -6.52 7.24 -42.30
N LEU B 21 -7.54 7.72 -42.99
CA LEU B 21 -8.47 6.89 -43.71
C LEU B 21 -8.47 7.28 -45.17
N MET B 22 -8.45 6.28 -46.03
CA MET B 22 -8.48 6.52 -47.46
C MET B 22 -9.62 5.75 -48.07
N ASN B 23 -10.31 6.38 -49.02
CA ASN B 23 -11.52 5.81 -49.61
C ASN B 23 -11.26 5.46 -51.07
N PHE B 24 -11.44 4.17 -51.40
CA PHE B 24 -11.30 3.67 -52.76
C PHE B 24 -12.60 3.01 -53.17
N ASP B 25 -13.33 3.69 -54.07
CA ASP B 25 -14.55 3.13 -54.66
C ASP B 25 -15.54 2.75 -53.56
N GLY B 26 -15.71 3.67 -52.61
CA GLY B 26 -16.63 3.45 -51.51
C GLY B 26 -16.06 2.66 -50.34
N GLN B 27 -15.05 1.83 -50.57
CA GLN B 27 -14.47 1.06 -49.48
C GLN B 27 -13.46 1.91 -48.70
N VAL B 28 -13.57 1.90 -47.36
CA VAL B 28 -12.71 2.69 -46.49
C VAL B 28 -11.56 1.84 -45.97
N PHE B 29 -10.38 2.46 -45.87
CA PHE B 29 -9.19 1.80 -45.37
C PHE B 29 -8.54 2.67 -44.32
N PHE B 30 -7.77 2.01 -43.45
CA PHE B 30 -7.14 2.61 -42.27
C PHE B 30 -5.64 2.42 -42.35
N PHE B 31 -4.90 3.48 -42.07
CA PHE B 31 -3.46 3.47 -42.17
C PHE B 31 -2.90 4.30 -41.04
N GLY B 32 -1.74 3.87 -40.54
CA GLY B 32 -1.12 4.59 -39.45
C GLY B 32 -1.39 3.91 -38.13
N GLN B 33 -1.19 2.60 -38.10
CA GLN B 33 -1.41 1.88 -36.86
C GLN B 33 -0.38 2.27 -35.80
N LYS B 34 -0.79 2.15 -34.55
CA LYS B 34 0.13 2.30 -33.44
C LYS B 34 1.06 1.10 -33.40
N GLY B 35 2.34 1.38 -33.11
CA GLY B 35 3.38 0.36 -33.11
C GLY B 35 3.76 -0.12 -34.50
N TRP B 36 4.86 -0.85 -34.59
CA TRP B 36 5.22 -1.39 -35.88
C TRP B 36 4.31 -2.55 -36.25
N PRO B 37 4.06 -2.75 -37.54
CA PRO B 37 3.14 -3.80 -37.98
C PRO B 37 3.61 -5.17 -37.48
N LYS B 38 2.64 -5.99 -37.09
CA LYS B 38 2.89 -7.31 -36.53
C LYS B 38 2.62 -8.38 -37.58
N ARG B 39 2.89 -9.64 -37.20
CA ARG B 39 2.68 -10.74 -38.13
C ARG B 39 1.23 -10.81 -38.59
N SER B 40 0.27 -10.41 -37.74
CA SER B 40 -1.14 -10.45 -38.14
C SER B 40 -1.44 -9.60 -39.36
N CYS B 41 -0.77 -8.46 -39.51
CA CYS B 41 -0.95 -7.62 -40.70
C CYS B 41 0.36 -6.89 -40.97
N PRO B 42 1.20 -7.47 -41.83
CA PRO B 42 2.53 -6.88 -42.09
C PRO B 42 2.52 -5.53 -42.78
N THR B 43 1.45 -5.15 -43.48
CA THR B 43 1.46 -3.87 -44.17
C THR B 43 1.20 -2.70 -43.24
N GLY B 44 0.36 -2.88 -42.23
CA GLY B 44 -0.14 -1.75 -41.47
C GLY B 44 -1.29 -1.02 -42.11
N VAL B 45 -1.92 -1.63 -43.11
CA VAL B 45 -3.06 -1.09 -43.82
C VAL B 45 -4.24 -2.04 -43.64
N PHE B 46 -5.42 -1.51 -43.35
CA PHE B 46 -6.53 -2.37 -43.00
C PHE B 46 -7.78 -1.96 -43.77
N HIS B 47 -8.57 -2.96 -44.16
CA HIS B 47 -9.97 -2.74 -44.49
CA HIS B 47 -9.99 -2.77 -44.48
C HIS B 47 -10.70 -2.27 -43.24
N PHE B 48 -11.35 -1.12 -43.34
CA PHE B 48 -11.97 -0.42 -42.22
C PHE B 48 -13.48 -0.40 -42.47
N ASP B 49 -14.21 -1.41 -41.98
CA ASP B 49 -15.63 -1.57 -42.33
C ASP B 49 -16.52 -1.51 -41.10
N ILE B 50 -17.50 -0.61 -41.12
CA ILE B 50 -18.47 -0.44 -40.05
C ILE B 50 -19.80 -1.03 -40.52
N LYS B 51 -20.19 -2.17 -39.94
CA LYS B 51 -21.49 -2.79 -40.21
C LYS B 51 -22.33 -2.76 -38.93
N GLN B 52 -23.49 -2.13 -39.01
CA GLN B 52 -24.42 -2.06 -37.89
C GLN B 52 -23.72 -1.54 -36.63
N ASN B 53 -23.04 -0.41 -36.79
CA ASN B 53 -22.30 0.31 -35.75
C ASN B 53 -21.15 -0.51 -35.13
N HIS B 54 -20.70 -1.58 -35.78
CA HIS B 54 -19.55 -2.34 -35.30
C HIS B 54 -18.42 -2.23 -36.32
N LEU B 55 -17.25 -1.81 -35.84
CA LEU B 55 -16.09 -1.55 -36.69
C LEU B 55 -15.15 -2.75 -36.67
N LYS B 56 -14.86 -3.29 -37.84
CA LYS B 56 -13.88 -4.35 -37.98
C LYS B 56 -12.71 -3.87 -38.82
N LEU B 57 -11.51 -4.16 -38.33
CA LEU B 57 -10.24 -3.86 -39.01
C LEU B 57 -9.67 -5.17 -39.51
N LYS B 58 -9.64 -5.33 -40.83
CA LYS B 58 -9.21 -6.58 -41.42
C LYS B 58 -7.98 -6.35 -42.28
N PRO B 59 -6.93 -7.14 -42.11
CA PRO B 59 -5.68 -6.85 -42.81
C PRO B 59 -5.85 -6.85 -44.32
N ALA B 60 -5.17 -5.89 -44.95
CA ALA B 60 -5.05 -5.74 -46.39
C ALA B 60 -3.61 -6.05 -46.80
N ILE B 61 -3.44 -6.58 -48.02
CA ILE B 61 -2.15 -7.06 -48.51
C ILE B 61 -1.63 -6.12 -49.60
N PHE B 62 -0.31 -6.14 -49.81
CA PHE B 62 0.38 -5.35 -50.82
C PHE B 62 0.79 -6.19 -52.04
N SER B 63 0.97 -5.52 -53.18
CA SER B 63 1.41 -6.23 -54.39
C SER B 63 2.88 -6.60 -54.27
N LYS B 64 3.37 -7.38 -55.24
CA LYS B 64 4.76 -7.81 -55.16
C LYS B 64 5.73 -6.64 -55.37
N ASP B 65 5.31 -5.62 -56.10
CA ASP B 65 6.15 -4.48 -56.40
C ASP B 65 5.93 -3.31 -55.46
N SER B 66 5.44 -3.55 -54.25
CA SER B 66 5.13 -2.45 -53.35
C SER B 66 6.27 -2.18 -52.37
N CYS B 67 6.30 -0.93 -51.91
CA CYS B 67 6.99 -0.57 -50.69
C CYS B 67 6.13 -0.99 -49.50
N TYR B 68 6.80 -1.24 -48.39
CA TYR B 68 6.13 -1.47 -47.13
C TYR B 68 6.39 -0.25 -46.27
N LEU B 69 5.58 0.79 -46.48
CA LEU B 69 5.82 2.04 -45.80
C LEU B 69 5.63 1.87 -44.30
N PRO B 70 6.38 2.63 -43.49
CA PRO B 70 6.22 2.55 -42.07
C PRO B 70 4.98 3.30 -41.64
N PRO B 71 4.36 2.90 -40.54
CA PRO B 71 3.17 3.59 -40.06
C PRO B 71 3.45 5.04 -39.75
N LEU B 72 2.57 5.92 -40.19
CA LEU B 72 2.87 7.34 -40.11
C LEU B 72 1.77 8.08 -39.37
N ARG B 73 2.17 8.93 -38.44
CA ARG B 73 1.24 9.74 -37.68
C ARG B 73 1.27 11.17 -38.18
N TYR B 74 0.07 11.73 -38.37
CA TYR B 74 -0.09 13.10 -38.84
C TYR B 74 0.63 13.40 -40.15
N PRO B 75 0.59 12.49 -41.13
CA PRO B 75 1.19 12.74 -42.42
C PRO B 75 0.30 13.67 -43.24
N ALA B 76 0.87 14.21 -44.31
CA ALA B 76 0.09 15.01 -45.26
C ALA B 76 -0.51 14.06 -46.28
N THR B 77 -1.82 14.05 -46.43
CA THR B 77 -2.41 13.17 -47.41
C THR B 77 -3.32 13.98 -48.31
N CYS B 78 -3.49 13.47 -49.53
CA CYS B 78 -4.43 14.02 -50.51
C CYS B 78 -4.77 12.97 -51.57
N SER B 79 -5.88 13.22 -52.27
CA SER B 79 -6.39 12.28 -53.27
C SER B 79 -6.08 12.74 -54.68
N TYR B 80 -5.66 11.81 -55.53
CA TYR B 80 -5.18 12.09 -56.87
C TYR B 80 -6.01 11.33 -57.88
N LYS B 81 -6.47 12.03 -58.91
CA LYS B 81 -7.27 11.40 -59.96
C LYS B 81 -6.38 10.89 -61.09
N HIS B 89 -7.34 6.31 -59.77
CA HIS B 89 -7.43 7.02 -58.49
C HIS B 89 -6.42 6.51 -57.45
N GLN B 90 -5.64 7.43 -56.86
CA GLN B 90 -4.56 7.06 -55.94
C GLN B 90 -4.47 8.06 -54.78
N TYR B 91 -3.69 7.68 -53.77
CA TYR B 91 -3.55 8.47 -52.55
C TYR B 91 -2.09 8.82 -52.31
N ILE B 92 -1.84 10.10 -52.00
CA ILE B 92 -0.51 10.61 -51.74
C ILE B 92 -0.35 10.84 -50.24
N ILE B 93 0.70 10.26 -49.69
CA ILE B 93 1.08 10.41 -48.29
C ILE B 93 2.47 11.01 -48.32
N HIS B 94 2.67 12.13 -47.65
CA HIS B 94 3.99 12.73 -47.54
C HIS B 94 4.27 13.11 -46.11
N GLY B 95 5.43 12.71 -45.61
CA GLY B 95 5.84 13.08 -44.27
C GLY B 95 5.21 12.23 -43.18
N GLY B 96 5.12 12.80 -41.99
CA GLY B 96 4.58 12.13 -40.82
C GLY B 96 5.68 11.61 -39.90
N LYS B 97 5.26 11.17 -38.70
CA LYS B 97 6.16 10.58 -37.73
C LYS B 97 6.05 9.05 -37.75
N THR B 98 7.22 8.39 -37.68
CA THR B 98 7.28 6.93 -37.65
C THR B 98 7.24 6.43 -36.21
N PRO B 99 6.98 5.15 -36.01
CA PRO B 99 6.94 4.63 -34.63
C PRO B 99 8.19 4.91 -33.80
N ASN B 100 9.32 5.18 -34.44
CA ASN B 100 10.57 5.53 -33.75
C ASN B 100 10.70 7.04 -33.55
N ASN B 101 9.66 7.80 -33.84
CA ASN B 101 9.62 9.25 -33.71
C ASN B 101 10.48 9.98 -34.74
N GLU B 102 10.99 9.29 -35.75
CA GLU B 102 11.64 9.99 -36.85
C GLU B 102 10.62 10.60 -37.80
N LEU B 103 11.00 11.72 -38.40
CA LEU B 103 10.19 12.35 -39.42
C LEU B 103 10.70 11.88 -40.78
N SER B 104 9.77 11.50 -41.65
CA SER B 104 10.08 11.02 -42.99
C SER B 104 9.99 12.17 -43.97
N ASP B 105 10.92 12.20 -44.92
CA ASP B 105 10.84 13.12 -46.04
C ASP B 105 10.25 12.46 -47.29
N LYS B 106 9.98 11.16 -47.24
CA LYS B 106 9.58 10.40 -48.41
C LYS B 106 8.15 10.75 -48.82
N ILE B 107 7.76 10.24 -49.98
CA ILE B 107 6.40 10.34 -50.50
C ILE B 107 5.97 8.94 -50.91
N TYR B 108 4.81 8.53 -50.44
CA TYR B 108 4.26 7.24 -50.81
C TYR B 108 2.97 7.46 -51.58
N ILE B 109 2.70 6.56 -52.52
CA ILE B 109 1.51 6.60 -53.36
C ILE B 109 0.80 5.27 -53.24
N MET B 110 -0.46 5.32 -52.88
CA MET B 110 -1.29 4.15 -52.65
C MET B 110 -2.25 4.04 -53.81
N SER B 111 -2.33 2.87 -54.40
CA SER B 111 -3.26 2.63 -55.49
C SER B 111 -3.78 1.21 -55.36
N VAL B 112 -4.91 0.94 -56.02
CA VAL B 112 -5.48 -0.40 -56.03
C VAL B 112 -4.84 -1.19 -57.16
N ALA B 113 -4.07 -2.23 -56.81
CA ALA B 113 -3.37 -3.05 -57.78
C ALA B 113 -4.26 -4.16 -58.34
N CYS B 114 -5.10 -4.75 -57.50
CA CYS B 114 -5.99 -5.84 -57.88
C CYS B 114 -7.15 -5.89 -56.90
N LYS B 115 -8.37 -6.04 -57.42
CA LYS B 115 -9.56 -6.20 -56.62
C LYS B 115 -10.21 -7.49 -57.12
N ASN B 116 -9.90 -8.59 -56.46
CA ASN B 116 -10.36 -9.93 -56.84
C ASN B 116 -11.35 -10.41 -55.80
N ASN B 117 -12.60 -10.61 -56.23
CA ASN B 117 -13.65 -11.12 -55.35
C ASN B 117 -13.79 -10.26 -54.09
N LYS B 118 -13.81 -8.93 -54.31
CA LYS B 118 -13.96 -7.92 -53.26
C LYS B 118 -12.85 -8.00 -52.21
N LYS B 119 -11.64 -8.34 -52.62
CA LYS B 119 -10.49 -8.47 -51.72
C LYS B 119 -9.33 -7.69 -52.34
N VAL B 120 -9.14 -6.45 -51.89
CA VAL B 120 -8.24 -5.51 -52.56
C VAL B 120 -6.78 -5.82 -52.23
N THR B 121 -5.95 -5.78 -53.27
CA THR B 121 -4.50 -5.77 -53.14
C THR B 121 -4.05 -4.36 -53.44
N PHE B 122 -3.16 -3.83 -52.61
CA PHE B 122 -2.68 -2.47 -52.78
C PHE B 122 -1.29 -2.46 -53.39
N ARG B 123 -1.01 -1.39 -54.12
CA ARG B 123 0.32 -1.01 -54.56
C ARG B 123 0.77 0.25 -53.83
N CYS B 124 1.85 0.14 -53.07
CA CYS B 124 2.46 1.28 -52.39
C CYS B 124 3.81 1.53 -53.03
N THR B 125 3.93 2.65 -53.73
CA THR B 125 5.16 3.00 -54.43
C THR B 125 5.77 4.26 -53.83
N GLU B 126 7.07 4.22 -53.60
CA GLU B 126 7.79 5.36 -53.07
C GLU B 126 8.25 6.22 -54.22
N LYS B 127 7.99 7.53 -54.13
CA LYS B 127 8.36 8.48 -55.17
C LYS B 127 9.57 9.28 -54.70
N ASP B 128 10.64 9.22 -55.47
CA ASP B 128 11.81 10.02 -55.19
C ASP B 128 11.54 11.47 -55.57
N LEU B 129 12.15 12.39 -54.82
CA LEU B 129 11.89 13.80 -54.97
C LEU B 129 13.23 14.52 -55.02
N VAL B 130 13.41 15.38 -56.02
CA VAL B 130 14.63 16.15 -56.21
C VAL B 130 14.25 17.60 -56.49
N GLY B 131 15.22 18.47 -56.30
CA GLY B 131 14.94 19.88 -56.46
C GLY B 131 14.89 20.57 -55.12
N ASP B 132 13.79 21.26 -54.82
CA ASP B 132 13.62 21.88 -53.51
C ASP B 132 12.80 20.95 -52.62
N VAL B 133 13.43 19.85 -52.20
CA VAL B 133 12.65 18.89 -51.39
C VAL B 133 12.29 19.53 -50.06
N PRO B 134 11.05 19.42 -49.61
CA PRO B 134 10.68 20.00 -48.32
C PRO B 134 11.22 19.14 -47.19
N GLU B 135 11.75 19.82 -46.16
CA GLU B 135 12.31 19.13 -45.01
C GLU B 135 11.24 18.19 -44.41
N PRO B 136 11.66 17.10 -43.77
CA PRO B 136 10.68 16.18 -43.19
C PRO B 136 9.73 16.92 -42.25
N ARG B 137 8.47 16.53 -42.28
CA ARG B 137 7.44 17.31 -41.61
C ARG B 137 6.34 16.41 -41.09
N TYR B 138 5.55 16.96 -40.17
CA TYR B 138 4.25 16.40 -39.89
C TYR B 138 3.28 17.56 -39.77
N GLY B 139 2.00 17.24 -39.79
CA GLY B 139 0.98 18.25 -39.57
C GLY B 139 0.91 19.32 -40.64
N HIS B 140 1.14 18.94 -41.90
CA HIS B 140 1.20 19.85 -43.04
C HIS B 140 0.20 19.39 -44.09
N SER B 141 -0.08 20.26 -45.05
CA SER B 141 -1.09 19.94 -46.05
C SER B 141 -0.47 19.69 -47.41
N ILE B 142 -1.12 18.82 -48.17
CA ILE B 142 -0.78 18.61 -49.57
C ILE B 142 -2.10 18.37 -50.30
N ASP B 143 -2.23 19.00 -51.47
CA ASP B 143 -3.40 18.85 -52.31
C ASP B 143 -2.94 18.89 -53.76
N VAL B 144 -3.84 18.55 -54.68
CA VAL B 144 -3.55 18.58 -56.12
C VAL B 144 -4.37 19.68 -56.75
N VAL B 145 -3.72 20.51 -57.57
CA VAL B 145 -4.39 21.54 -58.35
C VAL B 145 -4.29 21.19 -59.82
N TYR B 146 -5.27 21.65 -60.59
CA TYR B 146 -5.32 21.45 -62.03
C TYR B 146 -5.40 22.82 -62.68
N SER B 147 -4.43 23.11 -63.54
CA SER B 147 -4.37 24.38 -64.23
C SER B 147 -3.87 24.13 -65.65
N ARG B 148 -4.62 24.64 -66.63
CA ARG B 148 -4.24 24.54 -68.05
C ARG B 148 -3.92 23.10 -68.43
N GLY B 149 -4.86 22.21 -68.11
CA GLY B 149 -4.74 20.81 -68.45
C GLY B 149 -3.60 20.11 -67.77
N LYS B 150 -3.08 20.68 -66.69
CA LYS B 150 -1.92 20.14 -66.00
C LYS B 150 -2.22 19.93 -64.52
N SER B 151 -1.59 18.92 -63.94
CA SER B 151 -1.76 18.57 -62.54
C SER B 151 -0.46 18.86 -61.77
N MET B 152 -0.59 19.49 -60.60
CA MET B 152 0.56 19.83 -59.77
C MET B 152 0.19 19.69 -58.30
N GLY B 153 1.15 19.26 -57.48
CA GLY B 153 0.92 19.15 -56.06
C GLY B 153 1.37 20.42 -55.34
N VAL B 154 0.56 20.83 -54.37
CA VAL B 154 0.83 21.98 -53.51
C VAL B 154 0.94 21.48 -52.08
N LEU B 155 2.06 21.81 -51.42
CA LEU B 155 2.33 21.35 -50.05
C LEU B 155 2.72 22.55 -49.20
N PHE B 156 2.15 22.64 -48.00
CA PHE B 156 2.41 23.80 -47.17
C PHE B 156 2.31 23.47 -45.69
N GLY B 157 3.21 24.09 -44.93
CA GLY B 157 3.10 24.11 -43.50
C GLY B 157 3.77 22.95 -42.80
N GLY B 158 3.45 22.85 -41.51
CA GLY B 158 3.83 21.72 -40.70
C GLY B 158 4.90 22.10 -39.70
N ARG B 159 5.46 21.06 -39.09
CA ARG B 159 6.49 21.21 -38.09
C ARG B 159 7.57 20.18 -38.29
N SER B 160 8.73 20.47 -37.72
CA SER B 160 9.86 19.57 -37.80
C SER B 160 10.76 19.79 -36.60
N TYR B 161 11.73 18.90 -36.43
CA TYR B 161 12.66 19.10 -35.33
C TYR B 161 13.62 20.25 -35.68
N MET B 162 14.44 20.62 -34.72
CA MET B 162 15.43 21.65 -34.99
C MET B 162 16.45 21.16 -36.02
N PRO B 163 17.09 22.08 -36.75
CA PRO B 163 18.11 21.66 -37.71
C PRO B 163 19.30 21.06 -37.01
N SER B 164 20.00 20.18 -37.71
CA SER B 164 21.09 19.39 -37.09
C SER B 164 22.12 20.25 -36.39
N THR B 165 22.23 21.53 -36.78
CA THR B 165 23.21 22.44 -36.18
C THR B 165 22.77 22.90 -34.80
N GLN B 166 21.50 23.24 -34.62
CA GLN B 166 21.00 23.81 -33.38
C GLN B 166 20.38 22.80 -32.43
N ARG B 167 20.09 21.58 -32.89
CA ARG B 167 19.40 20.60 -32.06
C ARG B 167 20.32 20.10 -30.94
N THR B 168 19.78 20.08 -29.72
CA THR B 168 20.53 19.59 -28.56
C THR B 168 19.70 18.57 -27.77
N THR B 169 20.40 17.61 -27.15
CA THR B 169 19.76 16.44 -26.53
C THR B 169 18.82 16.83 -25.39
N GLU B 170 19.05 17.96 -24.73
CA GLU B 170 18.13 18.40 -23.69
C GLU B 170 16.77 18.81 -24.25
N LYS B 171 16.74 19.29 -25.48
CA LYS B 171 15.50 19.63 -26.18
C LYS B 171 15.39 18.85 -27.48
N TRP B 172 15.87 17.61 -27.46
CA TRP B 172 15.93 16.76 -28.63
C TRP B 172 14.58 16.64 -29.33
N ASN B 173 13.49 16.71 -28.59
CA ASN B 173 12.18 16.53 -29.20
C ASN B 173 11.44 17.84 -29.48
N SER B 174 12.03 18.99 -29.18
CA SER B 174 11.39 20.28 -29.46
C SER B 174 11.13 20.44 -30.96
N VAL B 175 10.01 21.09 -31.29
CA VAL B 175 9.62 21.23 -32.69
C VAL B 175 9.40 22.69 -33.02
N ALA B 176 9.55 23.02 -34.31
CA ALA B 176 9.26 24.36 -34.79
C ALA B 176 8.46 24.29 -36.08
N ASP B 177 7.68 25.33 -36.29
CA ASP B 177 6.94 25.46 -37.54
C ASP B 177 7.93 25.55 -38.68
N CYS B 178 7.58 24.92 -39.80
CA CYS B 178 8.38 25.07 -40.99
C CYS B 178 8.19 26.47 -41.58
N LEU B 179 9.19 26.92 -42.34
CA LEU B 179 9.05 28.17 -43.06
C LEU B 179 7.88 28.10 -44.02
N PRO B 180 7.02 29.13 -44.07
CA PRO B 180 5.79 29.03 -44.88
C PRO B 180 6.07 29.20 -46.37
N HIS B 181 6.76 28.23 -46.95
CA HIS B 181 7.04 28.23 -48.38
C HIS B 181 6.10 27.24 -49.05
N VAL B 182 5.48 27.65 -50.13
CA VAL B 182 4.60 26.74 -50.85
C VAL B 182 5.46 25.86 -51.73
N PHE B 183 5.18 24.57 -51.76
CA PHE B 183 5.98 23.66 -52.56
C PHE B 183 5.12 23.13 -53.69
N LEU B 184 5.52 23.41 -54.93
CA LEU B 184 4.94 22.77 -56.09
C LEU B 184 5.72 21.49 -56.35
N ILE B 185 4.98 20.39 -56.55
CA ILE B 185 5.56 19.06 -56.62
C ILE B 185 4.99 18.38 -57.85
N ASP B 186 5.86 18.10 -58.82
CA ASP B 186 5.47 17.35 -60.00
C ASP B 186 5.78 15.89 -59.77
N PHE B 187 4.71 15.08 -59.66
CA PHE B 187 4.81 13.65 -59.44
C PHE B 187 5.26 12.94 -60.70
N GLU B 188 4.96 13.54 -61.86
CA GLU B 188 5.35 12.94 -63.12
C GLU B 188 6.86 12.89 -63.24
N PHE B 189 7.55 13.94 -62.80
CA PHE B 189 8.99 14.01 -62.92
C PHE B 189 9.69 13.79 -61.59
N GLY B 190 8.96 13.91 -60.48
CA GLY B 190 9.55 13.71 -59.19
C GLY B 190 10.36 14.92 -58.75
N CYS B 191 9.89 16.12 -59.06
CA CYS B 191 10.65 17.31 -58.72
C CYS B 191 9.82 18.26 -57.88
N ALA B 192 10.51 19.14 -57.16
CA ALA B 192 9.87 20.06 -56.23
C ALA B 192 10.52 21.44 -56.32
N THR B 193 9.68 22.47 -56.30
CA THR B 193 10.10 23.85 -56.35
C THR B 193 9.49 24.64 -55.20
N SER B 194 10.31 25.48 -54.55
CA SER B 194 9.84 26.23 -53.40
C SER B 194 9.55 27.68 -53.81
N TYR B 195 8.40 28.19 -53.34
CA TYR B 195 7.94 29.54 -53.65
C TYR B 195 7.69 30.30 -52.36
N ILE B 196 8.46 31.36 -52.13
CA ILE B 196 8.25 32.25 -51.00
C ILE B 196 7.25 33.32 -51.39
N LEU B 197 6.21 33.48 -50.58
CA LEU B 197 5.17 34.46 -50.80
C LEU B 197 5.15 35.48 -49.68
N PRO B 198 4.97 36.77 -50.00
CA PRO B 198 4.93 37.79 -48.94
C PRO B 198 3.70 37.68 -48.05
N GLU B 199 2.60 37.12 -48.56
CA GLU B 199 1.37 37.05 -47.78
C GLU B 199 1.45 35.99 -46.68
N LEU B 200 2.34 35.02 -46.82
CA LEU B 200 2.49 33.97 -45.82
C LEU B 200 3.76 34.28 -45.04
N GLN B 201 3.60 35.02 -43.95
CA GLN B 201 4.72 35.48 -43.13
C GLN B 201 5.04 34.50 -41.99
N ASP B 202 4.03 33.86 -41.42
CA ASP B 202 4.21 33.01 -40.26
C ASP B 202 4.06 31.54 -40.66
N GLY B 203 4.62 30.66 -39.82
CA GLY B 203 4.44 29.24 -40.03
C GLY B 203 3.09 28.75 -39.52
N LEU B 204 2.64 27.62 -40.07
CA LEU B 204 1.28 27.16 -39.79
C LEU B 204 1.24 25.64 -39.81
N SER B 205 0.54 25.06 -38.83
CA SER B 205 0.44 23.63 -38.70
C SER B 205 -0.98 23.24 -38.30
N PHE B 206 -1.34 22.01 -38.65
CA PHE B 206 -2.64 21.44 -38.29
C PHE B 206 -3.80 22.26 -38.87
N HIS B 207 -3.59 22.90 -40.01
CA HIS B 207 -4.63 23.65 -40.69
C HIS B 207 -5.43 22.75 -41.63
N VAL B 208 -6.49 23.31 -42.20
CA VAL B 208 -7.35 22.61 -43.17
C VAL B 208 -7.06 23.17 -44.55
N SER B 209 -7.08 22.31 -45.56
CA SER B 209 -6.81 22.72 -46.92
C SER B 209 -7.87 22.17 -47.86
N ILE B 210 -8.44 23.03 -48.68
CA ILE B 210 -9.49 22.67 -49.62
C ILE B 210 -9.03 23.02 -51.03
N ALA B 211 -9.06 22.06 -51.94
CA ALA B 211 -8.50 22.23 -53.27
C ALA B 211 -9.63 22.22 -54.28
N ARG B 212 -9.73 23.28 -55.07
CA ARG B 212 -10.68 23.31 -56.17
C ARG B 212 -10.02 23.91 -57.39
N ASN B 213 -10.01 23.12 -58.48
CA ASN B 213 -9.42 23.56 -59.74
C ASN B 213 -7.96 23.96 -59.53
N ASP B 214 -7.64 25.22 -59.81
CA ASP B 214 -6.28 25.75 -59.71
C ASP B 214 -6.01 26.43 -58.38
N THR B 215 -6.84 26.18 -57.36
CA THR B 215 -6.74 26.90 -56.10
C THR B 215 -6.74 25.95 -54.91
N VAL B 216 -6.01 26.35 -53.86
CA VAL B 216 -6.08 25.71 -52.54
C VAL B 216 -6.33 26.79 -51.50
N TYR B 217 -7.36 26.60 -50.69
CA TYR B 217 -7.65 27.47 -49.56
C TYR B 217 -7.10 26.87 -48.27
N ILE B 218 -6.45 27.72 -47.48
CA ILE B 218 -5.85 27.35 -46.20
C ILE B 218 -6.66 28.00 -45.09
N LEU B 219 -7.11 27.17 -44.14
CA LEU B 219 -8.02 27.57 -43.08
C LEU B 219 -7.45 27.21 -41.72
N GLY B 220 -7.57 28.15 -40.80
CA GLY B 220 -7.21 27.91 -39.41
C GLY B 220 -5.76 27.49 -39.26
N GLY B 221 -5.56 26.50 -38.42
CA GLY B 221 -4.23 26.07 -38.09
C GLY B 221 -3.71 26.78 -36.85
N HIS B 222 -2.52 26.35 -36.45
CA HIS B 222 -1.90 26.81 -35.23
C HIS B 222 -0.46 27.20 -35.53
N SER B 223 -0.05 28.36 -35.05
CA SER B 223 1.30 28.85 -35.24
C SER B 223 2.02 28.75 -33.90
N LEU B 224 3.14 28.01 -33.87
CA LEU B 224 3.85 27.75 -32.62
C LEU B 224 4.51 29.01 -32.08
N ALA B 225 5.19 29.77 -32.94
CA ALA B 225 5.96 30.91 -32.45
C ALA B 225 5.07 31.90 -31.71
N SER B 226 3.95 32.27 -32.33
CA SER B 226 2.98 33.13 -31.66
C SER B 226 2.09 32.38 -30.68
N ASN B 227 2.00 31.06 -30.80
CA ASN B 227 1.05 30.25 -30.04
C ASN B 227 -0.38 30.77 -30.20
N ILE B 228 -0.72 31.06 -31.45
CA ILE B 228 -2.03 31.56 -31.83
C ILE B 228 -2.66 30.64 -32.86
N ARG B 229 -3.98 30.49 -32.80
CA ARG B 229 -4.79 29.82 -33.81
C ARG B 229 -5.48 30.89 -34.64
N PRO B 230 -4.83 31.38 -35.71
CA PRO B 230 -5.30 32.59 -36.37
C PRO B 230 -6.60 32.40 -37.13
N ALA B 231 -7.42 33.44 -37.12
CA ALA B 231 -8.70 33.43 -37.83
C ALA B 231 -8.56 33.99 -39.24
N ASN B 232 -7.55 33.50 -39.96
CA ASN B 232 -7.29 33.92 -41.33
C ASN B 232 -7.67 32.83 -42.33
N LEU B 233 -8.03 33.28 -43.52
CA LEU B 233 -8.30 32.42 -44.65
C LEU B 233 -7.40 32.88 -45.79
N TYR B 234 -6.66 31.94 -46.36
CA TYR B 234 -5.70 32.25 -47.41
C TYR B 234 -6.11 31.51 -48.68
N ARG B 235 -6.17 32.21 -49.81
CA ARG B 235 -6.32 31.58 -51.11
C ARG B 235 -4.99 31.57 -51.85
N ILE B 236 -4.62 30.40 -52.36
CA ILE B 236 -3.38 30.24 -53.09
C ILE B 236 -3.78 29.71 -54.46
N ARG B 237 -3.58 30.54 -55.48
CA ARG B 237 -3.88 30.19 -56.86
C ARG B 237 -2.60 29.86 -57.59
N VAL B 238 -2.66 28.85 -58.45
CA VAL B 238 -1.51 28.38 -59.21
C VAL B 238 -1.89 28.31 -60.68
N ASP B 239 -1.14 29.01 -61.53
CA ASP B 239 -1.31 28.87 -62.96
C ASP B 239 -0.09 28.17 -63.52
N LEU B 240 -0.29 27.24 -64.45
CA LEU B 240 0.80 26.45 -65.02
C LEU B 240 0.90 26.70 -66.53
N PRO B 241 1.39 27.90 -66.96
CA PRO B 241 1.62 28.14 -68.39
C PRO B 241 2.91 27.46 -68.84
N LEU B 242 2.77 26.46 -69.72
CA LEU B 242 3.91 25.69 -70.21
C LEU B 242 4.79 25.26 -69.04
N GLY B 243 6.10 25.32 -69.22
CA GLY B 243 6.97 24.94 -68.13
C GLY B 243 7.28 26.01 -67.12
N THR B 244 6.55 27.14 -67.06
CA THR B 244 6.85 28.22 -66.11
C THR B 244 5.66 28.46 -65.18
N PRO B 245 5.55 27.73 -64.08
CA PRO B 245 4.44 27.94 -63.16
C PRO B 245 4.53 29.26 -62.41
N ALA B 246 3.37 29.72 -61.94
CA ALA B 246 3.28 30.95 -61.15
C ALA B 246 2.28 30.75 -60.01
N VAL B 247 2.64 31.26 -58.82
CA VAL B 247 1.86 31.08 -57.60
C VAL B 247 1.51 32.45 -57.04
N ASN B 248 0.25 32.66 -56.66
CA ASN B 248 -0.18 33.93 -56.09
C ASN B 248 -1.08 33.69 -54.89
N CYS B 249 -0.86 34.43 -53.81
CA CYS B 249 -1.68 34.30 -52.61
C CYS B 249 -2.48 35.57 -52.34
N THR B 250 -3.67 35.38 -51.77
CA THR B 250 -4.58 36.46 -51.41
C THR B 250 -5.19 36.18 -50.05
N VAL B 251 -5.14 37.15 -49.15
CA VAL B 251 -5.83 37.03 -47.87
C VAL B 251 -7.31 37.37 -48.05
N LEU B 252 -8.20 36.58 -47.46
CA LEU B 252 -9.63 36.84 -47.57
C LEU B 252 -10.16 36.89 -46.15
N PRO B 253 -10.82 37.97 -45.74
CA PRO B 253 -11.38 38.02 -44.39
C PRO B 253 -12.50 37.00 -44.22
N GLY B 254 -12.84 36.76 -42.97
CA GLY B 254 -13.85 35.76 -42.64
C GLY B 254 -13.33 34.36 -42.46
N GLY B 255 -12.09 34.22 -42.02
CA GLY B 255 -11.49 32.91 -41.84
C GLY B 255 -11.79 32.39 -40.44
N ILE B 256 -12.07 31.08 -40.37
CA ILE B 256 -12.29 30.44 -39.09
C ILE B 256 -10.96 30.31 -38.35
N SER B 257 -11.03 30.26 -37.01
CA SER B 257 -9.86 30.03 -36.15
C SER B 257 -10.01 28.64 -35.53
N VAL B 258 -9.28 27.68 -36.08
CA VAL B 258 -9.37 26.30 -35.63
C VAL B 258 -8.11 25.57 -36.05
N SER B 259 -7.58 24.77 -35.14
CA SER B 259 -6.52 23.82 -35.44
C SER B 259 -7.08 22.41 -35.33
N SER B 260 -6.49 21.50 -36.09
CA SER B 260 -6.78 20.07 -36.01
C SER B 260 -8.23 19.74 -36.34
N ALA B 261 -8.91 20.60 -37.08
CA ALA B 261 -10.28 20.35 -37.51
C ALA B 261 -10.31 19.23 -38.54
N ILE B 262 -11.49 18.66 -38.74
CA ILE B 262 -11.68 17.63 -39.74
C ILE B 262 -12.59 18.17 -40.84
N LEU B 263 -12.30 17.75 -42.07
CA LEU B 263 -12.98 18.25 -43.25
C LEU B 263 -13.59 17.06 -43.97
N THR B 264 -14.83 17.21 -44.42
CA THR B 264 -15.49 16.18 -45.21
C THR B 264 -16.24 16.83 -46.36
N GLN B 265 -16.45 16.08 -47.42
CA GLN B 265 -17.16 16.59 -48.58
C GLN B 265 -18.58 16.01 -48.58
N THR B 266 -19.57 16.91 -48.53
CA THR B 266 -20.97 16.51 -48.57
C THR B 266 -21.55 16.58 -49.97
N ASN B 267 -21.15 17.57 -50.76
CA ASN B 267 -21.53 17.56 -52.16
C ASN B 267 -20.46 18.33 -52.90
N ASN B 268 -20.47 18.22 -54.22
CA ASN B 268 -19.51 18.98 -55.00
C ASN B 268 -19.70 20.45 -54.68
N ASP B 269 -18.59 21.13 -54.43
CA ASP B 269 -18.53 22.53 -54.10
C ASP B 269 -19.15 22.86 -52.74
N GLU B 270 -19.46 21.86 -51.90
CA GLU B 270 -19.84 22.12 -50.50
C GLU B 270 -19.23 21.08 -49.56
N PHE B 271 -18.51 21.60 -48.56
CA PHE B 271 -17.75 20.82 -47.58
C PHE B 271 -18.18 21.23 -46.18
N VAL B 272 -17.99 20.34 -45.22
CA VAL B 272 -18.32 20.61 -43.83
C VAL B 272 -17.03 20.53 -43.00
N ILE B 273 -16.87 21.47 -42.09
CA ILE B 273 -15.76 21.49 -41.15
C ILE B 273 -16.35 21.25 -39.77
N VAL B 274 -15.96 20.12 -39.16
CA VAL B 274 -16.36 19.71 -37.82
C VAL B 274 -15.14 19.50 -36.93
N GLY B 275 -15.34 19.66 -35.63
CA GLY B 275 -14.28 19.42 -34.68
C GLY B 275 -13.12 20.40 -34.68
N GLY B 276 -12.18 20.12 -33.78
CA GLY B 276 -10.92 20.81 -33.60
C GLY B 276 -10.87 21.60 -32.30
N TYR B 277 -9.88 22.48 -32.21
CA TYR B 277 -9.65 23.27 -31.01
C TYR B 277 -9.65 24.75 -31.31
N GLN B 278 -10.41 25.53 -30.54
CA GLN B 278 -10.36 26.98 -30.64
C GLN B 278 -9.33 27.58 -29.71
N LEU B 279 -9.12 26.98 -28.55
CA LEU B 279 -8.07 27.35 -27.62
C LEU B 279 -7.47 26.07 -27.04
N GLU B 280 -6.33 26.21 -26.36
CA GLU B 280 -5.65 25.03 -25.85
C GLU B 280 -6.57 24.20 -24.96
N ASN B 281 -7.34 24.86 -24.10
CA ASN B 281 -8.27 24.17 -23.21
C ASN B 281 -9.70 24.09 -23.75
N GLN B 282 -10.00 24.77 -24.85
CA GLN B 282 -11.36 24.81 -25.38
C GLN B 282 -11.43 24.05 -26.69
N LYS B 283 -12.60 23.50 -26.97
CA LYS B 283 -12.83 22.73 -28.17
C LYS B 283 -13.83 23.46 -29.05
N ARG B 284 -13.67 23.31 -30.36
CA ARG B 284 -14.58 23.94 -31.29
C ARG B 284 -15.80 23.03 -31.43
N MET B 285 -16.86 23.35 -30.69
CA MET B 285 -18.06 22.52 -30.72
C MET B 285 -18.97 22.87 -31.90
N VAL B 286 -18.82 24.06 -32.46
CA VAL B 286 -19.62 24.50 -33.59
C VAL B 286 -19.13 23.83 -34.87
N CYS B 287 -19.92 23.92 -35.93
CA CYS B 287 -19.58 23.38 -37.23
C CYS B 287 -19.77 24.42 -38.31
N SER B 288 -18.98 24.29 -39.37
CA SER B 288 -19.01 25.24 -40.46
C SER B 288 -19.34 24.52 -41.76
N LEU B 289 -19.98 25.25 -42.66
CA LEU B 289 -20.29 24.79 -43.99
C LEU B 289 -19.59 25.74 -44.96
N VAL B 290 -18.77 25.19 -45.86
CA VAL B 290 -18.07 25.98 -46.86
C VAL B 290 -18.64 25.62 -48.23
N SER B 291 -19.10 26.64 -48.94
CA SER B 291 -19.67 26.53 -50.28
C SER B 291 -18.70 27.22 -51.23
N LEU B 292 -18.41 26.58 -52.36
CA LEU B 292 -17.35 27.06 -53.23
C LEU B 292 -17.88 27.57 -54.56
N GLY B 293 -17.39 28.74 -54.96
CA GLY B 293 -17.65 29.30 -56.26
C GLY B 293 -16.36 29.35 -57.03
N ASP B 294 -16.44 29.47 -58.36
CA ASP B 294 -15.24 29.43 -59.19
C ASP B 294 -14.22 30.48 -58.76
N ASN B 295 -14.68 31.60 -58.20
CA ASN B 295 -13.79 32.61 -57.67
C ASN B 295 -14.19 33.06 -56.26
N THR B 296 -15.17 32.42 -55.64
CA THR B 296 -15.61 32.79 -54.29
C THR B 296 -15.70 31.56 -53.40
N ILE B 297 -15.52 31.79 -52.10
CA ILE B 297 -15.65 30.79 -51.04
C ILE B 297 -16.54 31.42 -49.98
N GLU B 298 -17.48 30.65 -49.44
CA GLU B 298 -18.36 31.16 -48.40
C GLU B 298 -18.30 30.22 -47.21
N ILE B 299 -18.23 30.80 -46.02
CA ILE B 299 -18.15 30.07 -44.78
C ILE B 299 -19.36 30.47 -43.95
N SER B 300 -20.21 29.51 -43.65
CA SER B 300 -21.45 29.75 -42.93
C SER B 300 -21.51 28.86 -41.70
N GLU B 301 -21.97 29.43 -40.59
CA GLU B 301 -22.23 28.62 -39.42
C GLU B 301 -23.34 27.62 -39.73
N MET B 302 -23.23 26.41 -39.20
CA MET B 302 -24.31 25.46 -39.33
C MET B 302 -24.76 24.99 -37.95
N GLU B 303 -25.87 24.26 -37.92
CA GLU B 303 -26.42 23.78 -36.66
C GLU B 303 -25.48 22.79 -35.99
N THR B 304 -25.15 23.06 -34.72
CA THR B 304 -24.24 22.18 -34.01
C THR B 304 -24.90 20.84 -33.74
N PRO B 305 -24.18 19.73 -33.86
CA PRO B 305 -24.78 18.41 -33.67
C PRO B 305 -25.11 18.19 -32.20
N ASP B 306 -25.84 17.10 -31.95
CA ASP B 306 -26.28 16.76 -30.59
C ASP B 306 -25.18 15.97 -29.88
N TRP B 307 -24.14 16.69 -29.47
CA TRP B 307 -23.02 16.07 -28.78
C TRP B 307 -23.48 15.42 -27.47
N THR B 308 -22.89 14.27 -27.14
CA THR B 308 -23.16 13.69 -25.83
C THR B 308 -22.29 14.38 -24.79
N SER B 309 -22.59 14.10 -23.51
CA SER B 309 -21.84 14.76 -22.44
C SER B 309 -20.38 14.36 -22.47
N ASP B 310 -20.09 13.11 -22.87
CA ASP B 310 -18.72 12.63 -22.96
C ASP B 310 -17.89 13.47 -23.91
N ILE B 311 -18.44 13.75 -25.10
CA ILE B 311 -17.76 14.61 -26.06
C ILE B 311 -17.64 16.04 -25.53
N LYS B 312 -18.69 16.54 -24.88
CA LYS B 312 -18.68 17.93 -24.43
C LYS B 312 -17.59 18.14 -23.38
N HIS B 313 -17.36 17.14 -22.54
CA HIS B 313 -16.43 17.27 -21.42
C HIS B 313 -15.05 16.67 -21.72
N SER B 314 -14.84 16.08 -22.89
CA SER B 314 -13.52 15.55 -23.23
C SER B 314 -12.55 16.69 -23.51
N LYS B 315 -11.31 16.56 -23.06
CA LYS B 315 -10.39 17.63 -23.42
C LYS B 315 -9.86 17.46 -24.83
N ILE B 316 -9.62 16.22 -25.25
CA ILE B 316 -9.06 15.95 -26.55
C ILE B 316 -10.04 15.09 -27.33
N TRP B 317 -10.10 15.32 -28.64
CA TRP B 317 -10.76 14.44 -29.58
C TRP B 317 -9.98 14.41 -30.88
N PHE B 318 -10.09 13.30 -31.60
CA PHE B 318 -9.35 13.13 -32.84
C PHE B 318 -10.18 12.34 -33.85
N GLY B 319 -9.92 12.55 -35.14
CA GLY B 319 -10.74 11.82 -36.09
C GLY B 319 -10.28 11.98 -37.52
N SER B 320 -11.00 11.31 -38.42
CA SER B 320 -10.66 11.35 -39.83
C SER B 320 -11.94 11.36 -40.66
N ASN B 321 -11.79 11.76 -41.92
CA ASN B 321 -12.89 11.75 -42.88
C ASN B 321 -12.99 10.39 -43.52
N MET B 322 -14.17 9.79 -43.45
CA MET B 322 -14.37 8.49 -44.08
C MET B 322 -14.63 8.60 -45.57
N GLY B 323 -15.11 9.76 -46.03
CA GLY B 323 -15.31 10.02 -47.44
C GLY B 323 -16.73 10.29 -47.86
N ASN B 324 -17.65 9.46 -47.38
CA ASN B 324 -19.07 9.53 -47.74
C ASN B 324 -19.83 10.52 -46.88
N GLY B 325 -19.27 11.71 -46.73
CA GLY B 325 -19.81 12.72 -45.85
C GLY B 325 -19.92 12.31 -44.40
N THR B 326 -19.13 11.34 -43.95
CA THR B 326 -19.20 10.82 -42.60
C THR B 326 -17.82 10.85 -41.94
N ILE B 327 -17.78 11.32 -40.72
CA ILE B 327 -16.54 11.45 -39.96
C ILE B 327 -16.48 10.32 -38.94
N PHE B 328 -15.27 9.87 -38.67
CA PHE B 328 -15.00 8.89 -37.61
C PHE B 328 -14.26 9.64 -36.52
N LEU B 329 -14.87 9.74 -35.34
CA LEU B 329 -14.39 10.52 -34.20
C LEU B 329 -14.02 9.61 -33.04
N GLY B 330 -13.13 10.11 -32.18
CA GLY B 330 -12.70 9.37 -31.01
C GLY B 330 -12.29 10.23 -29.82
N ILE B 331 -12.64 9.78 -28.63
CA ILE B 331 -12.26 10.48 -27.38
C ILE B 331 -11.79 9.46 -26.35
N PRO B 332 -10.86 9.86 -25.50
CA PRO B 332 -10.41 8.95 -24.43
C PRO B 332 -11.31 8.97 -23.21
N GLY B 333 -11.36 7.83 -22.52
CA GLY B 333 -12.08 7.74 -21.26
C GLY B 333 -11.31 6.93 -20.23
N ASP B 334 -11.55 7.24 -18.96
CA ASP B 334 -10.85 6.59 -17.85
C ASP B 334 -11.70 5.58 -17.11
N ASN B 335 -11.85 5.82 -15.79
CA ASN B 335 -12.58 4.99 -14.81
C ASN B 335 -12.13 3.54 -14.78
N LYS B 336 -13.05 2.62 -15.08
CA LYS B 336 -12.72 1.19 -14.98
C LYS B 336 -11.62 0.79 -15.95
N SER B 340 -13.62 3.12 -18.97
CA SER B 340 -12.96 1.82 -18.94
C SER B 340 -12.07 1.61 -20.16
N GLU B 341 -12.66 1.72 -21.34
CA GLU B 341 -11.92 1.54 -22.59
C GLU B 341 -10.93 2.67 -22.81
N ALA B 342 -9.87 2.38 -23.56
CA ALA B 342 -8.88 3.39 -23.88
C ALA B 342 -9.47 4.51 -24.74
N PHE B 343 -10.30 4.14 -25.72
CA PHE B 343 -10.92 5.11 -26.59
C PHE B 343 -12.37 4.72 -26.87
N TYR B 344 -13.19 5.73 -27.12
CA TYR B 344 -14.60 5.59 -27.47
C TYR B 344 -14.83 6.31 -28.80
N PHE B 345 -15.44 5.61 -29.76
CA PHE B 345 -15.53 6.10 -31.13
C PHE B 345 -16.97 6.32 -31.56
N TYR B 346 -17.16 7.36 -32.38
CA TYR B 346 -18.44 7.76 -32.94
C TYR B 346 -18.33 7.98 -34.45
N THR B 347 -19.47 7.95 -35.13
CA THR B 347 -19.56 8.29 -36.54
C THR B 347 -20.58 9.38 -36.71
N LEU B 348 -20.16 10.50 -37.29
CA LEU B 348 -21.03 11.66 -37.49
C LEU B 348 -21.35 11.75 -38.98
N ARG B 349 -22.62 11.62 -39.33
CA ARG B 349 -23.05 11.61 -40.73
C ARG B 349 -23.61 12.97 -41.13
N CYS B 350 -23.60 13.25 -42.44
CA CYS B 350 -24.08 14.52 -42.97
C CYS B 350 -24.94 14.34 -44.23
N LEU C 13 52.13 6.74 32.95
CA LEU C 13 51.32 5.54 33.14
C LEU C 13 50.25 5.43 32.06
N LEU C 14 49.74 6.58 31.63
CA LEU C 14 48.65 6.62 30.66
C LEU C 14 49.14 6.32 29.24
N SER C 15 50.33 6.79 28.89
CA SER C 15 50.93 6.44 27.60
C SER C 15 51.20 4.93 27.49
N LEU C 16 51.06 4.18 28.57
CA LEU C 16 51.29 2.75 28.55
C LEU C 16 50.03 2.01 28.08
N THR C 17 50.24 0.78 27.62
CA THR C 17 49.16 -0.08 27.15
C THR C 17 48.56 -0.85 28.32
N ARG C 18 47.65 -1.79 28.02
CA ARG C 18 46.83 -2.40 29.06
C ARG C 18 47.65 -3.30 29.96
N ARG C 19 48.41 -4.23 29.37
CA ARG C 19 49.24 -5.14 30.17
C ARG C 19 50.22 -4.37 31.04
N ALA C 20 50.77 -3.28 30.51
CA ALA C 20 51.71 -2.46 31.26
C ALA C 20 51.06 -1.85 32.48
N GLN C 21 49.92 -1.18 32.29
CA GLN C 21 49.21 -0.56 33.41
C GLN C 21 48.77 -1.59 34.44
N LYS C 22 48.29 -2.76 33.98
CA LYS C 22 47.95 -3.84 34.91
C LYS C 22 49.14 -4.27 35.75
N HIS C 23 50.32 -4.46 35.14
CA HIS C 23 51.50 -4.83 35.93
C HIS C 23 51.90 -3.73 36.92
N ARG C 24 52.17 -2.53 36.40
CA ARG C 24 52.71 -1.47 37.24
C ARG C 24 51.74 -1.02 38.32
N LEU C 25 50.47 -1.43 38.26
CA LEU C 25 49.50 -1.13 39.30
C LEU C 25 49.08 -2.38 40.06
N ARG C 26 49.65 -3.54 39.72
CA ARG C 26 49.29 -4.80 40.36
C ARG C 26 49.34 -4.71 41.88
N GLU C 27 50.36 -4.04 42.42
CA GLU C 27 50.50 -3.94 43.87
C GLU C 27 49.35 -3.15 44.48
N LEU C 28 49.10 -1.94 43.94
CA LEU C 28 47.96 -1.16 44.42
C LEU C 28 46.65 -1.88 44.15
N LYS C 29 46.61 -2.67 43.07
CA LYS C 29 45.41 -3.46 42.80
C LYS C 29 45.16 -4.47 43.90
N ILE C 30 46.22 -5.17 44.33
CA ILE C 30 46.06 -6.15 45.39
C ILE C 30 45.65 -5.47 46.69
N GLN C 31 46.27 -4.33 47.01
CA GLN C 31 45.92 -3.62 48.23
C GLN C 31 44.49 -3.11 48.19
N VAL C 32 44.05 -2.60 47.04
CA VAL C 32 42.70 -2.06 46.90
C VAL C 32 41.68 -3.18 46.95
N LYS C 33 41.96 -4.32 46.29
CA LYS C 33 41.06 -5.45 46.35
C LYS C 33 40.93 -6.00 47.76
N GLU C 34 42.05 -6.05 48.48
CA GLU C 34 42.01 -6.48 49.88
C GLU C 34 41.15 -5.55 50.71
N PHE C 35 41.41 -4.24 50.63
CA PHE C 35 40.62 -3.28 51.39
C PHE C 35 39.14 -3.35 51.01
N ALA C 36 38.85 -3.52 49.73
CA ALA C 36 37.48 -3.55 49.26
C ALA C 36 36.75 -4.79 49.75
N ASP C 37 37.36 -5.97 49.61
CA ASP C 37 36.73 -7.18 50.10
C ASP C 37 36.58 -7.15 51.62
N LYS C 38 37.54 -6.51 52.32
CA LYS C 38 37.54 -6.48 53.77
C LYS C 38 36.59 -5.44 54.36
N GLU C 39 36.18 -4.43 53.59
CA GLU C 39 35.36 -3.35 54.14
C GLU C 39 33.98 -3.24 53.52
N GLU C 40 33.83 -3.60 52.25
CA GLU C 40 32.59 -3.40 51.51
C GLU C 40 32.07 -4.72 50.94
N GLY C 41 32.57 -5.85 51.42
CA GLY C 41 32.07 -7.13 50.97
C GLY C 41 32.45 -7.48 49.55
N GLY C 42 33.54 -6.93 49.04
CA GLY C 42 34.02 -7.24 47.71
C GLY C 42 33.43 -6.38 46.62
N ASP C 43 32.79 -5.27 46.95
CA ASP C 43 32.17 -4.40 45.94
C ASP C 43 33.26 -3.42 45.49
N VAL C 44 34.14 -3.93 44.63
CA VAL C 44 35.25 -3.14 44.10
C VAL C 44 34.75 -2.02 43.20
N LYS C 45 33.70 -2.27 42.42
CA LYS C 45 33.15 -1.27 41.51
C LYS C 45 32.73 0.00 42.25
N ALA C 46 31.95 -0.15 43.34
CA ALA C 46 31.49 1.02 44.06
C ALA C 46 32.67 1.80 44.64
N VAL C 47 33.68 1.07 45.13
CA VAL C 47 34.83 1.72 45.74
C VAL C 47 35.64 2.50 44.71
N CYS C 48 35.92 1.93 43.55
CA CYS C 48 36.68 2.72 42.58
C CYS C 48 35.85 3.86 41.98
N LEU C 49 34.55 3.66 41.70
CA LEU C 49 33.75 4.79 41.22
C LEU C 49 33.72 5.93 42.24
N THR C 50 33.46 5.64 43.52
CA THR C 50 33.42 6.71 44.51
C THR C 50 34.80 7.35 44.68
N LEU C 51 35.87 6.55 44.65
CA LEU C 51 37.23 7.10 44.73
C LEU C 51 37.50 8.08 43.60
N PHE C 52 37.21 7.69 42.37
CA PHE C 52 37.53 8.56 41.27
C PHE C 52 36.65 9.80 41.27
N LEU C 53 35.35 9.65 41.58
CA LEU C 53 34.48 10.82 41.66
C LEU C 53 34.97 11.79 42.73
N LEU C 54 35.36 11.28 43.91
CA LEU C 54 35.81 12.16 44.98
C LEU C 54 37.15 12.80 44.64
N ALA C 55 38.02 12.08 43.95
CA ALA C 55 39.28 12.69 43.50
C ALA C 55 39.02 13.81 42.50
N LEU C 56 38.15 13.56 41.53
CA LEU C 56 37.75 14.58 40.55
C LEU C 56 37.19 15.80 41.25
N ARG C 57 36.30 15.59 42.22
CA ARG C 57 35.77 16.74 42.93
C ARG C 57 36.87 17.45 43.70
N ALA C 58 37.84 16.70 44.23
CA ALA C 58 38.90 17.29 45.03
C ALA C 58 39.72 18.26 44.21
N ARG C 59 39.97 17.95 42.94
CA ARG C 59 40.73 18.80 42.03
C ARG C 59 39.91 19.92 41.40
N ASN C 60 38.72 20.20 41.92
CA ASN C 60 37.79 21.21 41.41
C ASN C 60 37.33 20.91 39.98
N GLU C 61 37.43 19.65 39.54
CA GLU C 61 37.06 19.28 38.18
C GLU C 61 35.61 18.79 38.16
N HIS C 62 34.76 19.72 38.58
CA HIS C 62 33.34 19.43 38.77
C HIS C 62 32.65 19.07 37.45
N ARG C 63 33.08 19.63 36.32
CA ARG C 63 32.47 19.31 35.03
C ARG C 63 32.67 17.82 34.71
N GLN C 64 33.91 17.35 34.77
CA GLN C 64 34.23 15.97 34.43
C GLN C 64 33.57 14.99 35.39
N ALA C 65 33.49 15.36 36.66
CA ALA C 65 32.85 14.54 37.68
C ALA C 65 31.34 14.43 37.47
N ASP C 66 30.70 15.56 37.20
CA ASP C 66 29.26 15.52 36.96
C ASP C 66 28.97 14.79 35.64
N GLU C 67 29.86 14.89 34.65
CA GLU C 67 29.67 14.11 33.43
C GLU C 67 29.78 12.61 33.68
N LEU C 68 30.74 12.18 34.50
CA LEU C 68 30.81 10.76 34.85
C LEU C 68 29.61 10.31 35.69
N GLU C 69 29.16 11.15 36.63
CA GLU C 69 27.91 10.81 37.34
C GLU C 69 26.75 10.67 36.36
N ALA C 70 26.70 11.52 35.31
CA ALA C 70 25.67 11.42 34.28
C ALA C 70 25.84 10.18 33.40
N ILE C 71 27.08 9.74 33.18
CA ILE C 71 27.31 8.51 32.42
C ILE C 71 26.88 7.30 33.23
N MET C 72 27.04 7.37 34.56
CA MET C 72 26.55 6.33 35.44
C MET C 72 25.04 6.36 35.66
N GLN C 73 24.43 7.54 35.52
CA GLN C 73 22.99 7.71 35.41
C GLN C 73 22.49 7.61 33.97
N GLY C 74 23.38 7.61 32.99
CA GLY C 74 22.98 7.36 31.61
C GLY C 74 22.36 8.51 30.88
N ARG C 75 22.75 9.74 31.20
CA ARG C 75 22.11 10.93 30.66
C ARG C 75 22.95 11.67 29.61
N GLY C 76 24.24 11.37 29.49
CA GLY C 76 25.06 12.11 28.55
C GLY C 76 25.88 11.23 27.63
N SER C 77 25.79 11.50 26.32
CA SER C 77 26.62 10.86 25.30
C SER C 77 26.36 9.36 25.18
N GLY C 78 25.40 8.86 25.96
CA GLY C 78 24.91 7.49 25.85
C GLY C 78 23.41 7.54 26.01
N LEU C 79 22.67 7.10 25.01
CA LEU C 79 21.23 7.15 25.09
C LEU C 79 20.71 6.04 25.99
N GLN C 80 19.82 6.36 26.91
CA GLN C 80 19.21 5.30 27.71
C GLN C 80 18.42 4.40 26.78
N PRO C 81 18.46 3.07 26.97
CA PRO C 81 17.71 2.19 26.07
C PRO C 81 16.25 2.60 25.91
N ALA C 82 15.66 3.25 26.91
CA ALA C 82 14.30 3.74 26.80
C ALA C 82 14.20 4.84 25.77
N VAL C 83 15.22 5.69 25.65
CA VAL C 83 15.21 6.75 24.67
C VAL C 83 15.41 6.20 23.26
N CYS C 84 16.27 5.20 23.11
CA CYS C 84 16.38 4.48 21.84
C CYS C 84 15.06 3.84 21.44
N LEU C 85 14.37 3.23 22.39
CA LEU C 85 13.05 2.70 22.11
C LEU C 85 12.11 3.80 21.68
N ALA C 86 12.16 4.94 22.35
CA ALA C 86 11.29 6.05 22.00
C ALA C 86 11.53 6.50 20.57
N ILE C 87 12.81 6.63 20.19
CA ILE C 87 13.17 7.04 18.84
C ILE C 87 12.76 5.99 17.82
N ARG C 88 13.18 4.75 18.04
CA ARG C 88 12.86 3.68 17.10
C ARG C 88 11.36 3.54 16.90
N VAL C 89 10.61 3.35 17.98
CA VAL C 89 9.17 3.23 17.84
C VAL C 89 8.62 4.45 17.13
N ASN C 90 9.04 5.64 17.55
CA ASN C 90 8.37 6.84 17.11
C ASN C 90 8.78 7.28 15.71
N THR C 91 9.78 6.63 15.09
CA THR C 91 10.12 6.87 13.68
C THR C 91 9.88 5.65 12.80
N PHE C 92 9.26 4.60 13.31
CA PHE C 92 8.78 3.47 12.53
C PHE C 92 9.91 2.66 11.91
N LEU C 93 11.07 2.69 12.55
CA LEU C 93 12.22 1.92 12.10
C LEU C 93 12.03 0.44 12.42
N SER C 94 12.30 -0.41 11.44
CA SER C 94 12.34 -1.83 11.73
C SER C 94 13.57 -2.16 12.55
N CYS C 95 13.59 -3.37 13.09
CA CYS C 95 14.77 -3.82 13.81
C CYS C 95 15.98 -3.88 12.90
N SER C 96 15.80 -4.33 11.65
CA SER C 96 16.92 -4.37 10.72
C SER C 96 17.48 -2.98 10.44
N GLN C 97 16.58 -2.01 10.15
CA GLN C 97 16.99 -0.64 9.89
C GLN C 97 17.58 0.01 11.12
N TYR C 98 16.94 -0.18 12.28
CA TYR C 98 17.54 0.34 13.50
C TYR C 98 18.93 -0.23 13.71
N HIS C 99 19.10 -1.54 13.52
CA HIS C 99 20.40 -2.15 13.78
C HIS C 99 21.46 -1.62 12.86
N LYS C 100 21.09 -1.40 11.59
CA LYS C 100 22.01 -0.79 10.64
C LYS C 100 22.46 0.58 11.10
N MET C 101 21.51 1.40 11.58
CA MET C 101 21.89 2.71 12.08
C MET C 101 22.77 2.60 13.32
N TYR C 102 22.38 1.74 14.25
CA TYR C 102 23.15 1.56 15.47
C TYR C 102 24.58 1.19 15.13
N ARG C 103 24.75 0.11 14.35
CA ARG C 103 26.10 -0.36 14.09
C ARG C 103 26.91 0.65 13.32
N THR C 104 26.27 1.40 12.41
CA THR C 104 27.04 2.37 11.63
C THR C 104 27.50 3.55 12.48
N VAL C 105 26.61 4.11 13.31
CA VAL C 105 27.01 5.22 14.17
C VAL C 105 28.10 4.77 15.14
N LYS C 106 27.97 3.56 15.67
CA LYS C 106 28.97 3.06 16.61
C LYS C 106 30.31 2.89 15.91
N ALA C 107 30.30 2.36 14.69
CA ALA C 107 31.55 2.11 13.99
C ALA C 107 32.26 3.39 13.59
N ILE C 108 31.52 4.44 13.24
CA ILE C 108 32.17 5.65 12.74
C ILE C 108 32.57 6.60 13.88
N THR C 109 31.80 6.64 14.99
CA THR C 109 32.15 7.43 16.15
C THR C 109 32.88 6.64 17.24
N GLY C 110 33.02 5.33 17.08
CA GLY C 110 33.63 4.53 18.13
C GLY C 110 32.84 4.39 19.42
N ARG C 111 31.92 5.31 19.70
CA ARG C 111 31.10 5.27 20.89
C ARG C 111 29.73 4.67 20.59
N GLN C 112 29.12 4.05 21.60
CA GLN C 112 27.84 3.35 21.44
C GLN C 112 26.70 4.29 21.83
N ILE C 113 26.44 5.24 20.94
CA ILE C 113 25.43 6.27 21.18
C ILE C 113 24.04 5.62 21.31
N PHE C 114 23.65 4.81 20.32
CA PHE C 114 22.42 4.03 20.42
C PHE C 114 22.73 2.69 21.09
N GLN C 115 21.70 2.13 21.78
CA GLN C 115 21.83 0.85 22.47
C GLN C 115 21.45 -0.29 21.55
N PRO C 116 21.96 -1.49 21.81
CA PRO C 116 21.68 -2.63 20.91
C PRO C 116 20.24 -3.08 21.00
N LEU C 117 19.90 -4.01 20.12
CA LEU C 117 18.51 -4.42 20.03
C LEU C 117 18.05 -5.13 21.30
N HIS C 118 18.93 -5.91 21.92
CA HIS C 118 18.47 -6.62 23.11
C HIS C 118 18.11 -5.64 24.22
N ALA C 119 18.84 -4.53 24.32
CA ALA C 119 18.54 -3.53 25.33
C ALA C 119 17.18 -2.87 25.09
N LEU C 120 16.85 -2.60 23.84
CA LEU C 120 15.54 -2.05 23.56
C LEU C 120 14.45 -3.06 23.89
N ARG C 121 14.69 -4.35 23.63
CA ARG C 121 13.66 -5.32 23.99
C ARG C 121 13.44 -5.33 25.50
N ASN C 122 14.54 -5.35 26.26
CA ASN C 122 14.40 -5.37 27.70
C ASN C 122 13.66 -4.11 28.18
N ALA C 123 13.96 -2.95 27.59
CA ALA C 123 13.22 -1.75 27.99
C ALA C 123 11.77 -1.83 27.54
N GLU C 124 11.47 -2.58 26.46
CA GLU C 124 10.07 -2.76 26.07
C GLU C 124 9.30 -3.48 27.18
N LYS C 125 9.91 -4.52 27.75
CA LYS C 125 9.17 -5.32 28.75
C LYS C 125 8.56 -4.44 29.82
N VAL C 126 9.30 -3.42 30.26
CA VAL C 126 8.82 -2.55 31.33
C VAL C 126 7.58 -1.77 30.91
N LEU C 127 7.54 -1.30 29.66
CA LEU C 127 6.50 -0.39 29.22
C LEU C 127 5.24 -1.09 28.75
N LEU C 128 5.29 -2.46 28.59
CA LEU C 128 4.16 -3.27 28.16
C LEU C 128 3.39 -3.79 29.37
N PRO C 129 2.11 -4.04 29.17
CA PRO C 129 1.31 -4.64 30.24
C PRO C 129 1.89 -5.96 30.70
N GLY C 130 1.67 -6.25 31.98
CA GLY C 130 2.09 -7.49 32.59
C GLY C 130 3.40 -7.47 33.34
N TYR C 131 3.95 -6.30 33.64
CA TYR C 131 5.26 -6.25 34.27
C TYR C 131 5.18 -5.96 35.76
N HIS C 132 4.45 -4.96 36.13
CA HIS C 132 4.35 -4.61 37.52
C HIS C 132 3.36 -5.50 38.26
N PRO C 133 3.55 -5.70 39.56
CA PRO C 133 2.53 -6.38 40.36
C PRO C 133 1.50 -5.42 40.93
N PHE C 134 0.32 -5.97 41.21
CA PHE C 134 -0.81 -5.19 41.70
C PHE C 134 -1.77 -6.12 42.42
N GLU C 135 -2.76 -5.54 43.12
CA GLU C 135 -3.79 -6.34 43.77
C GLU C 135 -5.15 -5.67 43.63
N TRP C 136 -6.20 -6.49 43.54
CA TRP C 136 -7.58 -6.02 43.54
C TRP C 136 -8.27 -6.48 44.81
N GLN C 137 -8.85 -5.53 45.54
CA GLN C 137 -9.53 -5.83 46.79
C GLN C 137 -10.94 -5.31 46.74
N PRO C 138 -11.94 -6.20 46.66
CA PRO C 138 -11.74 -7.65 46.62
C PRO C 138 -11.36 -8.18 45.26
N PRO C 139 -10.74 -9.36 45.21
CA PRO C 139 -10.33 -9.94 43.93
C PRO C 139 -11.40 -9.88 42.85
N LEU C 140 -10.99 -9.63 41.61
CA LEU C 140 -11.95 -9.38 40.56
C LEU C 140 -12.73 -10.65 40.24
N LYS C 141 -14.02 -10.49 39.95
CA LYS C 141 -14.89 -11.62 39.68
C LYS C 141 -14.61 -12.20 38.28
N ASN C 142 -14.20 -13.48 38.24
CA ASN C 142 -13.95 -14.25 37.02
C ASN C 142 -12.70 -13.80 36.28
N VAL C 143 -11.85 -12.99 36.89
CA VAL C 143 -10.60 -12.53 36.29
C VAL C 143 -9.46 -13.19 37.02
N SER C 144 -8.48 -13.69 36.27
CA SER C 144 -7.33 -14.27 36.92
C SER C 144 -6.63 -13.20 37.76
N SER C 145 -5.98 -13.65 38.83
CA SER C 145 -5.17 -12.79 39.68
C SER C 145 -3.72 -12.72 39.27
N ARG C 146 -3.30 -13.52 38.30
CA ARG C 146 -1.92 -13.45 37.81
C ARG C 146 -1.67 -12.06 37.24
N THR C 147 -0.52 -11.48 37.58
CA THR C 147 -0.19 -10.14 37.14
C THR C 147 0.86 -10.11 36.03
N ASP C 148 1.44 -11.27 35.69
CA ASP C 148 2.45 -11.33 34.63
C ASP C 148 1.84 -11.62 33.27
N VAL C 149 0.59 -11.22 33.04
CA VAL C 149 -0.09 -11.50 31.79
C VAL C 149 0.03 -10.28 30.88
N GLY C 150 0.45 -10.50 29.65
CA GLY C 150 0.60 -9.43 28.69
C GLY C 150 -0.36 -9.51 27.52
N ILE C 151 0.19 -9.71 26.32
CA ILE C 151 -0.66 -9.93 25.17
C ILE C 151 -1.29 -11.31 25.28
N ILE C 152 -2.60 -11.36 25.08
CA ILE C 152 -3.37 -12.59 25.12
C ILE C 152 -4.25 -12.65 23.88
N ASP C 153 -4.63 -13.88 23.54
CA ASP C 153 -5.44 -14.11 22.35
C ASP C 153 -6.79 -13.42 22.49
N GLY C 154 -7.11 -12.57 21.52
CA GLY C 154 -8.36 -11.81 21.57
C GLY C 154 -9.60 -12.67 21.41
N LEU C 155 -9.44 -13.88 20.90
CA LEU C 155 -10.58 -14.79 20.79
C LEU C 155 -10.98 -15.34 22.15
N SER C 156 -10.13 -15.22 23.15
CA SER C 156 -10.45 -15.63 24.52
C SER C 156 -10.97 -17.07 24.52
N GLY C 157 -10.24 -17.96 23.86
CA GLY C 157 -10.60 -19.36 23.87
C GLY C 157 -11.81 -19.75 23.06
N LEU C 158 -12.22 -18.89 22.14
CA LEU C 158 -13.32 -19.22 21.24
C LEU C 158 -13.00 -20.50 20.47
N ALA C 159 -13.98 -21.42 20.42
CA ALA C 159 -13.78 -22.70 19.76
C ALA C 159 -13.56 -22.53 18.25
N SER C 160 -12.63 -23.30 17.71
CA SER C 160 -12.23 -23.17 16.31
C SER C 160 -12.37 -24.44 15.49
N SER C 161 -12.92 -25.51 16.06
CA SER C 161 -13.09 -26.76 15.33
C SER C 161 -14.01 -26.58 14.14
N VAL C 162 -13.88 -27.50 13.17
CA VAL C 162 -14.67 -27.40 11.95
C VAL C 162 -16.16 -27.50 12.24
N ASP C 163 -16.55 -28.14 13.34
CA ASP C 163 -17.97 -28.29 13.65
C ASP C 163 -18.57 -26.96 14.09
N GLU C 164 -17.79 -26.16 14.82
CA GLU C 164 -18.27 -24.94 15.42
C GLU C 164 -18.49 -23.88 14.34
N TYR C 165 -18.97 -22.73 14.79
CA TYR C 165 -19.14 -21.60 13.90
C TYR C 165 -17.80 -21.22 13.29
N PRO C 166 -17.76 -20.84 12.02
CA PRO C 166 -16.49 -20.52 11.37
C PRO C 166 -15.90 -19.20 11.86
N VAL C 167 -14.66 -19.26 12.32
CA VAL C 167 -13.96 -18.10 12.84
C VAL C 167 -13.08 -17.53 11.74
N ASP C 168 -13.43 -16.35 11.26
CA ASP C 168 -12.77 -15.70 10.13
C ASP C 168 -11.85 -14.58 10.58
N THR C 169 -11.55 -14.48 11.87
CA THR C 169 -10.90 -13.30 12.39
C THR C 169 -9.67 -13.65 13.23
N ILE C 170 -8.71 -12.74 13.24
CA ILE C 170 -7.56 -12.80 14.15
C ILE C 170 -7.53 -11.50 14.94
N ALA C 171 -7.34 -11.62 16.26
CA ALA C 171 -7.37 -10.49 17.16
C ALA C 171 -6.39 -10.73 18.30
N LYS C 172 -5.86 -9.64 18.86
CA LYS C 172 -5.02 -9.75 20.05
C LYS C 172 -5.41 -8.64 21.01
N ARG C 173 -5.26 -8.90 22.32
CA ARG C 173 -5.72 -7.93 23.29
C ARG C 173 -4.85 -7.98 24.53
N PHE C 174 -5.06 -6.98 25.38
CA PHE C 174 -4.58 -6.97 26.75
C PHE C 174 -5.72 -7.31 27.72
N ARG C 175 -5.36 -7.81 28.90
CA ARG C 175 -6.35 -7.90 29.97
C ARG C 175 -6.55 -6.49 30.53
N TYR C 176 -7.83 -6.10 30.68
CA TYR C 176 -8.18 -4.69 30.86
C TYR C 176 -7.52 -4.09 32.10
N ASP C 177 -7.54 -4.83 33.20
CA ASP C 177 -6.88 -4.40 34.44
C ASP C 177 -5.36 -4.30 34.26
N SER C 178 -4.76 -5.32 33.64
CA SER C 178 -3.34 -5.27 33.42
C SER C 178 -2.96 -4.03 32.62
N ALA C 179 -3.76 -3.70 31.60
CA ALA C 179 -3.51 -2.48 30.84
C ALA C 179 -3.66 -1.24 31.71
N LEU C 180 -4.67 -1.19 32.57
CA LEU C 180 -4.82 -0.03 33.42
C LEU C 180 -3.60 0.16 34.30
N VAL C 181 -3.08 -0.94 34.83
CA VAL C 181 -1.86 -0.89 35.62
C VAL C 181 -0.73 -0.28 34.82
N SER C 182 -0.51 -0.81 33.61
CA SER C 182 0.62 -0.32 32.84
C SER C 182 0.45 1.15 32.51
N ALA C 183 -0.76 1.59 32.24
CA ALA C 183 -0.99 2.98 31.88
C ALA C 183 -0.74 3.91 33.05
N LEU C 184 -1.15 3.52 34.26
CA LEU C 184 -0.88 4.36 35.42
C LEU C 184 0.62 4.45 35.69
N MET C 185 1.31 3.32 35.63
CA MET C 185 2.74 3.33 35.87
C MET C 185 3.45 4.17 34.84
N ASP C 186 2.97 4.18 33.60
CA ASP C 186 3.52 5.06 32.57
C ASP C 186 3.48 6.52 33.02
N MET C 187 2.35 6.97 33.56
CA MET C 187 2.14 8.35 34.00
C MET C 187 2.53 8.62 35.45
N GLU C 188 3.18 7.66 36.10
CA GLU C 188 3.64 7.86 37.48
C GLU C 188 4.24 9.23 37.69
N GLU C 189 5.15 9.62 36.82
CA GLU C 189 5.84 10.89 36.99
C GLU C 189 4.85 12.05 36.97
N ASP C 190 3.86 12.00 36.08
CA ASP C 190 2.88 13.08 35.98
C ASP C 190 1.99 13.13 37.20
N ILE C 191 1.70 11.98 37.79
CA ILE C 191 0.86 11.95 38.98
C ILE C 191 1.61 12.57 40.14
N LEU C 192 2.84 12.12 40.37
CA LEU C 192 3.60 12.67 41.49
C LEU C 192 3.82 14.17 41.31
N GLU C 193 4.22 14.60 40.11
CA GLU C 193 4.46 16.02 39.92
C GLU C 193 3.18 16.83 40.06
N GLY C 194 2.03 16.24 39.72
CA GLY C 194 0.79 16.97 39.90
C GLY C 194 0.44 17.10 41.37
N MET C 195 0.68 16.04 42.13
CA MET C 195 0.51 16.10 43.58
C MET C 195 1.36 17.22 44.17
N ARG C 196 2.62 17.31 43.75
CA ARG C 196 3.45 18.44 44.19
C ARG C 196 2.82 19.77 43.78
N SER C 197 2.38 19.87 42.53
CA SER C 197 1.87 21.13 42.03
C SER C 197 0.60 21.56 42.75
N GLN C 198 -0.11 20.65 43.40
CA GLN C 198 -1.28 21.02 44.18
C GLN C 198 -0.95 21.23 45.65
N ASP C 199 0.34 21.35 45.98
CA ASP C 199 0.83 21.57 47.36
C ASP C 199 0.48 20.40 48.27
N LEU C 200 0.52 19.19 47.73
CA LEU C 200 0.30 17.96 48.47
C LEU C 200 1.60 17.18 48.57
N ASP C 201 1.60 16.17 49.42
CA ASP C 201 2.80 15.41 49.73
C ASP C 201 2.97 14.27 48.73
N ASP C 202 4.22 14.01 48.34
CA ASP C 202 4.51 12.93 47.41
C ASP C 202 4.02 11.58 47.92
N TYR C 203 4.16 11.33 49.23
CA TYR C 203 3.93 10.00 49.79
C TYR C 203 2.47 9.69 50.08
N LEU C 204 1.57 10.65 49.94
CA LEU C 204 0.15 10.40 50.18
C LEU C 204 -0.31 9.23 49.33
N ASN C 205 -1.19 8.40 49.89
CA ASN C 205 -1.69 7.24 49.16
C ASN C 205 -3.20 7.11 49.18
N GLY C 206 -3.92 8.07 49.78
CA GLY C 206 -5.36 8.03 49.90
C GLY C 206 -6.00 7.80 48.55
N PRO C 207 -7.23 7.28 48.54
CA PRO C 207 -7.81 6.74 47.30
C PRO C 207 -7.80 7.70 46.11
N PHE C 208 -6.99 7.39 45.11
CA PHE C 208 -7.04 8.10 43.84
C PHE C 208 -8.22 7.61 43.01
N THR C 209 -8.95 8.54 42.41
CA THR C 209 -10.01 8.19 41.49
C THR C 209 -9.55 8.51 40.08
N VAL C 210 -9.62 7.49 39.20
CA VAL C 210 -9.21 7.61 37.80
C VAL C 210 -10.45 7.56 36.93
N VAL C 211 -10.66 8.61 36.14
CA VAL C 211 -11.71 8.65 35.14
C VAL C 211 -11.15 8.17 33.80
N VAL C 212 -11.85 7.23 33.16
CA VAL C 212 -11.33 6.51 32.00
C VAL C 212 -12.36 6.62 30.87
N LYS C 213 -12.03 7.40 29.83
CA LYS C 213 -12.86 7.40 28.63
C LYS C 213 -12.63 6.10 27.88
N GLU C 214 -13.71 5.40 27.57
CA GLU C 214 -13.66 4.14 26.85
C GLU C 214 -14.16 4.38 25.44
N SER C 215 -13.50 3.77 24.44
CA SER C 215 -13.68 4.16 23.05
C SER C 215 -13.65 2.93 22.15
N CYS C 216 -14.41 3.01 21.05
CA CYS C 216 -14.47 1.94 20.06
C CYS C 216 -14.88 2.46 18.69
N ASP C 217 -14.20 1.98 17.66
CA ASP C 217 -14.45 2.36 16.28
C ASP C 217 -13.91 1.28 15.38
N GLY C 218 -14.57 1.09 14.23
CA GLY C 218 -13.99 0.31 13.15
C GLY C 218 -13.08 1.19 12.31
N MET C 219 -12.07 0.56 11.71
CA MET C 219 -11.03 1.30 11.03
C MET C 219 -11.08 1.17 9.51
N GLY C 220 -12.24 0.79 8.97
CA GLY C 220 -12.37 0.77 7.52
C GLY C 220 -11.55 -0.36 6.89
N ASP C 221 -11.09 -0.10 5.68
CA ASP C 221 -10.22 -1.06 4.98
C ASP C 221 -8.80 -0.93 5.52
N VAL C 222 -8.24 -2.05 5.98
CA VAL C 222 -6.86 -2.08 6.42
C VAL C 222 -5.95 -2.73 5.39
N SER C 223 -6.53 -3.42 4.40
CA SER C 223 -5.80 -4.31 3.52
C SER C 223 -4.56 -3.66 2.91
N GLU C 224 -3.54 -4.50 2.69
CA GLU C 224 -2.38 -4.19 1.87
C GLU C 224 -2.48 -4.99 0.57
N LYS C 225 -2.36 -4.30 -0.57
CA LYS C 225 -2.63 -4.95 -1.85
C LYS C 225 -1.66 -4.53 -2.94
N VAL C 232 -9.54 -7.33 -2.06
CA VAL C 232 -10.48 -7.73 -1.03
C VAL C 232 -10.33 -6.78 0.13
N PRO C 233 -11.44 -6.44 0.79
CA PRO C 233 -11.36 -5.55 1.94
C PRO C 233 -11.09 -6.33 3.21
N GLU C 234 -10.21 -5.77 4.03
CA GLU C 234 -9.90 -6.34 5.33
C GLU C 234 -10.18 -5.25 6.35
N LYS C 235 -11.22 -5.45 7.16
CA LYS C 235 -11.64 -4.45 8.12
C LYS C 235 -11.07 -4.76 9.50
N ALA C 236 -11.02 -3.73 10.34
CA ALA C 236 -10.44 -3.88 11.66
C ALA C 236 -11.24 -3.04 12.65
N VAL C 237 -11.40 -3.57 13.86
CA VAL C 237 -11.96 -2.85 14.99
C VAL C 237 -10.86 -2.59 16.00
N ARG C 238 -10.94 -1.43 16.66
CA ARG C 238 -9.99 -1.04 17.68
C ARG C 238 -10.77 -0.65 18.92
N PHE C 239 -10.56 -1.38 20.01
CA PHE C 239 -11.12 -1.08 21.32
C PHE C 239 -10.01 -0.50 22.17
N SER C 240 -10.22 0.70 22.70
CA SER C 240 -9.15 1.49 23.28
C SER C 240 -9.68 2.30 24.47
N PHE C 241 -8.75 2.85 25.26
CA PHE C 241 -9.12 3.68 26.40
C PHE C 241 -8.12 4.81 26.63
N THR C 242 -8.62 5.83 27.34
CA THR C 242 -7.93 7.09 27.59
C THR C 242 -8.08 7.47 29.03
N VAL C 243 -6.97 7.68 29.73
CA VAL C 243 -7.03 8.18 31.10
C VAL C 243 -7.31 9.68 31.05
N MET C 244 -8.50 10.09 31.52
CA MET C 244 -8.98 11.45 31.36
C MET C 244 -8.68 12.36 32.54
N ARG C 245 -8.51 11.81 33.74
CA ARG C 245 -8.40 12.64 34.93
C ARG C 245 -8.12 11.75 36.13
N ILE C 246 -7.18 12.17 36.97
CA ILE C 246 -6.86 11.45 38.18
C ILE C 246 -6.91 12.45 39.34
N THR C 247 -7.84 12.20 40.28
CA THR C 247 -8.03 13.02 41.46
C THR C 247 -7.61 12.25 42.71
N ILE C 248 -7.08 12.98 43.70
CA ILE C 248 -6.75 12.40 44.99
C ILE C 248 -7.61 13.11 46.02
N GLU C 249 -7.93 12.39 47.09
CA GLU C 249 -8.76 12.89 48.18
C GLU C 249 -7.88 13.34 49.35
N HIS C 250 -7.82 14.65 49.62
CA HIS C 250 -7.21 15.17 50.85
C HIS C 250 -8.32 15.75 51.73
N GLY C 251 -8.45 15.21 52.95
CA GLY C 251 -9.62 15.47 53.78
C GLY C 251 -10.91 15.13 53.07
N SER C 252 -11.69 16.15 52.73
CA SER C 252 -12.90 16.01 51.92
C SER C 252 -12.95 17.06 50.82
N GLN C 253 -11.79 17.35 50.23
CA GLN C 253 -11.71 17.93 48.91
C GLN C 253 -11.09 16.92 47.95
N ASN C 254 -11.68 16.82 46.75
CA ASN C 254 -11.16 16.03 45.65
C ASN C 254 -10.32 16.93 44.75
N VAL C 255 -9.01 16.95 44.99
CA VAL C 255 -8.06 17.78 44.27
C VAL C 255 -7.59 16.98 43.07
N LYS C 256 -7.65 17.57 41.87
CA LYS C 256 -7.19 16.86 40.70
C LYS C 256 -5.67 16.91 40.63
N VAL C 257 -5.06 15.77 40.33
CA VAL C 257 -3.62 15.62 40.32
C VAL C 257 -3.12 15.54 38.88
N PHE C 258 -3.99 15.06 37.98
CA PHE C 258 -3.68 15.02 36.56
C PHE C 258 -4.95 15.14 35.73
N GLU C 259 -4.86 15.79 34.58
CA GLU C 259 -5.87 15.59 33.56
C GLU C 259 -5.25 15.80 32.19
N GLU C 260 -5.63 14.94 31.25
CA GLU C 260 -5.04 14.94 29.92
C GLU C 260 -5.31 16.26 29.20
N PRO C 261 -4.29 16.88 28.60
CA PRO C 261 -4.49 18.12 27.84
C PRO C 261 -5.15 17.90 26.48
N LYS C 262 -4.75 16.83 25.79
CA LYS C 262 -5.33 16.51 24.50
C LYS C 262 -6.10 15.21 24.60
N PRO C 263 -7.40 15.24 24.91
CA PRO C 263 -8.11 13.99 25.17
C PRO C 263 -8.39 13.19 23.91
N ASN C 264 -8.57 13.88 22.79
CA ASN C 264 -8.89 13.27 21.52
C ASN C 264 -7.66 13.01 20.65
N SER C 265 -6.45 13.12 21.20
CA SER C 265 -5.25 12.83 20.42
C SER C 265 -5.05 11.33 20.27
N GLU C 266 -4.51 10.93 19.12
CA GLU C 266 -4.16 9.54 18.93
C GLU C 266 -3.08 9.08 19.91
N LEU C 267 -2.39 10.03 20.55
CA LEU C 267 -1.20 9.78 21.36
C LEU C 267 -1.51 9.15 22.71
N CYS C 268 -2.66 9.50 23.28
CA CYS C 268 -3.06 9.05 24.60
C CYS C 268 -4.18 8.03 24.55
N CYS C 269 -4.57 7.61 23.35
CA CYS C 269 -5.64 6.63 23.16
C CYS C 269 -5.04 5.22 23.22
N LYS C 270 -4.93 4.73 24.45
CA LYS C 270 -4.24 3.48 24.72
C LYS C 270 -5.00 2.31 24.13
N PRO C 271 -4.37 1.51 23.27
CA PRO C 271 -5.07 0.39 22.63
C PRO C 271 -5.24 -0.81 23.53
N LEU C 272 -6.44 -1.35 23.54
CA LEU C 272 -6.81 -2.45 24.43
C LEU C 272 -7.01 -3.75 23.70
N CYS C 273 -7.60 -3.70 22.53
CA CYS C 273 -7.83 -4.89 21.74
C CYS C 273 -7.91 -4.48 20.28
N LEU C 274 -7.20 -5.22 19.43
CA LEU C 274 -7.18 -4.96 18.01
C LEU C 274 -7.59 -6.22 17.27
N MET C 275 -8.55 -6.09 16.37
CA MET C 275 -9.11 -7.26 15.72
C MET C 275 -9.33 -6.96 14.24
N LEU C 276 -9.24 -8.02 13.43
CA LEU C 276 -9.54 -7.95 11.99
C LEU C 276 -10.96 -8.48 11.77
N ALA C 277 -11.93 -7.59 11.96
CA ALA C 277 -13.35 -7.94 11.83
C ALA C 277 -14.17 -6.70 11.50
N ASP C 278 -15.36 -6.94 10.94
CA ASP C 278 -16.28 -5.86 10.59
C ASP C 278 -17.05 -5.44 11.84
N GLU C 279 -17.12 -4.13 12.08
CA GLU C 279 -17.88 -3.63 13.24
C GLU C 279 -19.38 -3.94 13.13
N SER C 280 -19.84 -4.33 11.94
CA SER C 280 -21.21 -4.78 11.74
C SER C 280 -21.32 -6.29 11.76
N ASP C 281 -20.24 -7.00 12.11
CA ASP C 281 -20.27 -8.46 12.29
C ASP C 281 -20.59 -8.77 13.74
N HIS C 282 -21.88 -8.66 14.06
CA HIS C 282 -22.31 -8.63 15.45
C HIS C 282 -21.87 -9.88 16.21
N GLU C 283 -21.95 -11.05 15.60
CA GLU C 283 -21.61 -12.28 16.32
C GLU C 283 -20.14 -12.26 16.75
N THR C 284 -19.25 -11.98 15.81
CA THR C 284 -17.82 -11.94 16.10
C THR C 284 -17.47 -10.81 17.05
N LEU C 285 -18.10 -9.64 16.85
CA LEU C 285 -17.83 -8.49 17.71
C LEU C 285 -18.16 -8.80 19.15
N THR C 286 -19.37 -9.33 19.40
CA THR C 286 -19.73 -9.67 20.76
C THR C 286 -18.79 -10.73 21.32
N ALA C 287 -18.52 -11.77 20.52
CA ALA C 287 -17.66 -12.85 21.01
C ALA C 287 -16.30 -12.36 21.44
N ILE C 288 -15.75 -11.37 20.73
CA ILE C 288 -14.40 -10.89 21.05
C ILE C 288 -14.42 -9.85 22.17
N LEU C 289 -15.40 -8.95 22.16
CA LEU C 289 -15.44 -7.83 23.11
C LEU C 289 -16.10 -8.19 24.45
N SER C 290 -16.85 -9.28 24.55
CA SER C 290 -17.53 -9.60 25.80
C SER C 290 -16.55 -9.86 26.94
N PRO C 291 -15.42 -10.54 26.72
CA PRO C 291 -14.50 -10.72 27.86
C PRO C 291 -13.91 -9.44 28.41
N LEU C 292 -13.66 -8.44 27.56
CA LEU C 292 -13.19 -7.16 28.06
C LEU C 292 -14.28 -6.46 28.86
N ILE C 293 -15.54 -6.61 28.45
CA ILE C 293 -16.60 -5.96 29.18
C ILE C 293 -16.78 -6.62 30.54
N ALA C 294 -16.64 -7.95 30.59
CA ALA C 294 -16.65 -8.67 31.87
C ALA C 294 -15.59 -8.13 32.81
N GLU C 295 -14.33 -8.09 32.35
CA GLU C 295 -13.26 -7.53 33.17
C GLU C 295 -13.58 -6.11 33.64
N ARG C 296 -14.10 -5.26 32.77
CA ARG C 296 -14.43 -3.88 33.19
C ARG C 296 -15.56 -3.86 34.21
N GLU C 297 -16.57 -4.70 34.00
CA GLU C 297 -17.62 -4.83 34.99
C GLU C 297 -17.03 -5.21 36.33
N ALA C 298 -16.05 -6.11 36.32
CA ALA C 298 -15.43 -6.57 37.57
C ALA C 298 -14.71 -5.43 38.28
N MET C 299 -13.98 -4.63 37.52
CA MET C 299 -13.26 -3.53 38.15
C MET C 299 -14.20 -2.45 38.65
N LYS C 300 -15.45 -2.44 38.18
CA LYS C 300 -16.36 -1.39 38.64
C LYS C 300 -16.67 -1.46 40.13
N SER C 301 -16.27 -2.53 40.82
CA SER C 301 -16.53 -2.67 42.25
C SER C 301 -15.32 -3.34 42.94
N SER C 302 -14.20 -2.63 42.95
CA SER C 302 -12.98 -3.13 43.54
C SER C 302 -11.97 -2.00 43.60
N GLU C 303 -10.97 -2.15 44.46
CA GLU C 303 -9.90 -1.17 44.58
C GLU C 303 -8.58 -1.76 44.11
N LEU C 304 -7.77 -0.93 43.46
CA LEU C 304 -6.49 -1.36 42.91
C LEU C 304 -5.38 -0.85 43.82
N THR C 305 -4.58 -1.77 44.31
CA THR C 305 -3.40 -1.45 45.08
C THR C 305 -2.19 -1.64 44.18
N LEU C 306 -1.36 -0.60 44.13
CA LEU C 306 -0.29 -0.49 43.15
C LEU C 306 0.85 0.34 43.73
N GLU C 307 2.07 -0.11 43.59
CA GLU C 307 3.19 0.57 44.22
C GLU C 307 3.75 1.65 43.29
N MET C 308 3.69 2.90 43.71
CA MET C 308 4.38 3.97 42.98
C MET C 308 5.38 4.66 43.90
N GLY C 309 6.57 4.94 43.34
CA GLY C 309 7.67 5.51 44.10
C GLY C 309 7.91 4.87 45.46
N GLY C 310 7.87 3.54 45.55
CA GLY C 310 8.05 2.85 46.80
C GLY C 310 6.81 2.76 47.68
N ILE C 311 5.91 3.74 47.61
CA ILE C 311 4.72 3.75 48.46
C ILE C 311 3.60 2.99 47.76
N PRO C 312 2.92 2.07 48.43
CA PRO C 312 1.66 1.54 47.88
C PRO C 312 0.56 2.59 47.85
N ARG C 313 -0.02 2.78 46.67
CA ARG C 313 -1.12 3.68 46.42
C ARG C 313 -2.37 2.88 46.08
N THR C 314 -3.50 3.55 46.14
CA THR C 314 -4.78 2.91 45.88
C THR C 314 -5.60 3.75 44.92
N PHE C 315 -6.14 3.07 43.91
CA PHE C 315 -6.88 3.67 42.82
C PHE C 315 -8.24 3.02 42.69
N LYS C 316 -9.24 3.84 42.43
CA LYS C 316 -10.53 3.30 42.02
C LYS C 316 -10.99 4.04 40.76
N PHE C 317 -11.63 3.29 39.87
CA PHE C 317 -11.84 3.74 38.51
C PHE C 317 -13.30 4.03 38.20
N ILE C 318 -13.47 5.01 37.30
CA ILE C 318 -14.77 5.35 36.72
C ILE C 318 -14.66 5.23 35.20
N PHE C 319 -15.40 4.29 34.61
CA PHE C 319 -15.39 4.03 33.17
C PHE C 319 -16.54 4.74 32.45
N ARG C 320 -16.25 5.50 31.40
CA ARG C 320 -17.23 6.28 30.65
C ARG C 320 -17.10 6.02 29.15
N GLY C 321 -17.97 5.17 28.62
CA GLY C 321 -17.83 4.82 27.23
C GLY C 321 -18.43 5.88 26.34
N THR C 322 -17.77 7.05 26.27
CA THR C 322 -18.26 8.15 25.45
C THR C 322 -17.70 8.09 24.02
N GLY C 323 -16.57 7.43 23.81
CA GLY C 323 -16.03 7.29 22.48
C GLY C 323 -16.71 6.24 21.63
N TYR C 324 -17.94 6.51 21.23
CA TYR C 324 -18.68 5.62 20.33
C TYR C 324 -19.48 6.49 19.37
N ASP C 325 -19.18 6.40 18.08
CA ASP C 325 -20.04 7.12 17.12
C ASP C 325 -21.40 6.45 17.06
N GLU C 326 -22.36 7.13 16.44
CA GLU C 326 -23.75 6.75 16.67
C GLU C 326 -24.02 5.32 16.23
N LYS C 327 -23.53 4.92 15.05
CA LYS C 327 -23.78 3.56 14.56
C LYS C 327 -23.32 2.50 15.56
N LEU C 328 -22.14 2.71 16.17
CA LEU C 328 -21.66 1.71 17.12
C LEU C 328 -22.43 1.77 18.42
N VAL C 329 -22.81 2.98 18.87
CA VAL C 329 -23.72 3.11 20.02
C VAL C 329 -24.97 2.24 19.81
N ARG C 330 -25.69 2.50 18.72
CA ARG C 330 -26.91 1.77 18.43
C ARG C 330 -26.68 0.29 18.35
N GLU C 331 -25.54 -0.12 17.79
CA GLU C 331 -25.29 -1.55 17.69
C GLU C 331 -25.08 -2.20 19.06
N VAL C 332 -24.28 -1.58 19.92
CA VAL C 332 -23.97 -2.21 21.20
C VAL C 332 -25.06 -1.99 22.25
N GLU C 333 -25.97 -1.03 22.05
CA GLU C 333 -27.04 -0.80 23.01
C GLU C 333 -28.38 -1.38 22.57
N GLY C 334 -28.39 -2.29 21.58
CA GLY C 334 -29.59 -2.99 21.19
C GLY C 334 -30.60 -2.21 20.38
N LEU C 335 -30.29 -0.98 19.99
CA LEU C 335 -31.23 -0.17 19.25
C LEU C 335 -31.19 -0.51 17.76
N GLU C 336 -32.21 0.00 17.07
CA GLU C 336 -32.33 -0.12 15.63
C GLU C 336 -31.28 0.75 14.94
N ALA C 337 -31.14 0.51 13.64
CA ALA C 337 -30.25 1.25 12.76
C ALA C 337 -30.70 2.71 12.56
N SER C 338 -29.76 3.53 12.05
CA SER C 338 -29.90 4.97 12.15
C SER C 338 -31.14 5.50 11.42
N GLY C 339 -31.60 4.78 10.40
CA GLY C 339 -32.78 5.23 9.72
C GLY C 339 -34.06 5.11 10.52
N SER C 340 -33.97 4.68 11.78
CA SER C 340 -35.16 4.39 12.54
C SER C 340 -35.97 5.67 12.79
N VAL C 341 -37.21 5.50 13.23
CA VAL C 341 -38.01 6.62 13.70
C VAL C 341 -37.53 7.11 15.06
N TYR C 342 -36.98 6.22 15.88
CA TYR C 342 -36.39 6.57 17.18
C TYR C 342 -35.00 7.14 16.93
N ILE C 343 -34.93 8.46 16.71
CA ILE C 343 -33.73 9.08 16.17
C ILE C 343 -32.65 9.35 17.22
N CYS C 344 -33.05 9.48 18.48
CA CYS C 344 -32.17 9.86 19.59
C CYS C 344 -31.75 8.65 20.38
N THR C 345 -30.48 8.59 20.77
CA THR C 345 -29.99 7.52 21.65
C THR C 345 -29.91 7.96 23.11
N LEU C 346 -30.39 9.18 23.40
CA LEU C 346 -30.54 9.71 24.74
C LEU C 346 -31.98 9.69 25.21
N CYS C 347 -32.94 9.61 24.28
CA CYS C 347 -34.35 9.77 24.61
C CYS C 347 -35.21 8.93 23.68
N ASP C 348 -36.51 8.88 23.97
CA ASP C 348 -37.45 8.03 23.26
C ASP C 348 -38.16 8.76 22.13
N THR C 349 -37.65 9.89 21.68
CA THR C 349 -38.42 10.66 20.72
C THR C 349 -38.43 9.97 19.36
N THR C 350 -39.53 10.18 18.63
CA THR C 350 -39.57 9.83 17.23
C THR C 350 -39.19 11.04 16.37
N ARG C 351 -38.87 10.78 15.10
CA ARG C 351 -38.48 11.86 14.21
C ARG C 351 -39.56 12.92 14.16
N LEU C 352 -40.81 12.49 14.05
CA LEU C 352 -41.96 13.40 14.07
C LEU C 352 -42.04 14.17 15.39
N GLU C 353 -41.99 13.45 16.53
CA GLU C 353 -42.01 14.11 17.83
C GLU C 353 -40.91 15.14 17.94
N ALA C 354 -39.66 14.74 17.67
CA ALA C 354 -38.55 15.67 17.84
C ALA C 354 -38.68 16.85 16.89
N SER C 355 -39.32 16.66 15.73
CA SER C 355 -39.51 17.75 14.78
C SER C 355 -40.56 18.73 15.28
N GLN C 356 -41.60 18.24 15.94
CA GLN C 356 -42.64 19.18 16.39
C GLN C 356 -42.27 19.84 17.71
N ASN C 357 -41.81 19.05 18.69
CA ASN C 357 -41.52 19.53 20.04
C ASN C 357 -40.17 20.25 20.10
N LEU C 358 -39.16 19.72 19.41
CA LEU C 358 -37.87 20.39 19.22
C LEU C 358 -36.99 20.60 20.44
N VAL C 359 -37.49 21.17 21.53
CA VAL C 359 -36.56 21.64 22.56
C VAL C 359 -36.74 21.01 23.94
N PHE C 360 -37.99 20.73 24.33
CA PHE C 360 -38.27 20.17 25.65
C PHE C 360 -38.18 18.64 25.58
N HIS C 361 -36.96 18.14 25.74
CA HIS C 361 -36.63 16.73 25.82
C HIS C 361 -35.53 16.57 26.83
N SER C 362 -35.44 15.37 27.38
CA SER C 362 -34.53 15.09 28.47
C SER C 362 -33.87 13.76 28.21
N ILE C 363 -32.70 13.59 28.79
CA ILE C 363 -31.99 12.32 28.71
C ILE C 363 -32.75 11.30 29.54
N THR C 364 -33.19 10.24 28.89
CA THR C 364 -34.03 9.22 29.48
C THR C 364 -33.38 7.86 29.50
N ARG C 365 -32.67 7.50 28.44
CA ARG C 365 -32.29 6.12 28.27
C ARG C 365 -31.06 5.78 29.10
N SER C 366 -30.99 4.53 29.51
CA SER C 366 -29.89 3.99 30.27
C SER C 366 -29.73 2.53 29.86
N HIS C 367 -28.55 1.98 30.12
CA HIS C 367 -28.26 0.63 29.68
C HIS C 367 -29.25 -0.36 30.31
N ALA C 368 -29.62 -0.15 31.57
CA ALA C 368 -30.53 -1.07 32.23
C ALA C 368 -31.93 -0.97 31.65
N GLU C 369 -32.41 0.26 31.42
CA GLU C 369 -33.69 0.41 30.74
C GLU C 369 -33.67 -0.29 29.39
N ASN C 370 -32.52 -0.27 28.69
CA ASN C 370 -32.49 -0.93 27.39
C ASN C 370 -32.48 -2.46 27.52
N LEU C 371 -31.80 -3.00 28.54
CA LEU C 371 -31.84 -4.46 28.74
C LEU C 371 -33.26 -4.92 29.04
N GLN C 372 -33.99 -4.15 29.84
CA GLN C 372 -35.37 -4.51 30.15
C GLN C 372 -36.32 -4.28 28.97
N ARG C 373 -36.06 -3.28 28.14
CA ARG C 373 -36.88 -3.13 26.96
C ARG C 373 -36.64 -4.25 25.98
N TYR C 374 -35.40 -4.75 25.90
CA TYR C 374 -35.17 -5.94 25.10
C TYR C 374 -35.97 -7.11 25.66
N GLU C 375 -35.95 -7.28 26.99
CA GLU C 375 -36.68 -8.40 27.56
C GLU C 375 -38.18 -8.29 27.30
N VAL C 376 -38.70 -7.07 27.28
CA VAL C 376 -40.11 -6.84 26.96
C VAL C 376 -40.41 -7.22 25.53
N TRP C 377 -39.56 -6.79 24.59
CA TRP C 377 -39.68 -7.21 23.20
C TRP C 377 -39.67 -8.72 23.09
N ARG C 378 -38.75 -9.35 23.79
CA ARG C 378 -38.55 -10.79 23.70
C ARG C 378 -39.75 -11.56 24.25
N SER C 379 -40.30 -11.11 25.38
CA SER C 379 -41.34 -11.83 26.11
C SER C 379 -42.75 -11.46 25.70
N ASN C 380 -42.94 -10.32 25.04
CA ASN C 380 -44.24 -9.79 24.65
C ASN C 380 -45.28 -9.99 25.74
N PRO C 381 -45.10 -9.37 26.92
CA PRO C 381 -45.93 -9.73 28.07
C PRO C 381 -47.40 -9.36 27.90
N TYR C 382 -47.71 -8.31 27.16
CA TYR C 382 -49.08 -7.87 26.98
C TYR C 382 -49.68 -8.29 25.65
N HIS C 383 -49.06 -9.27 25.00
CA HIS C 383 -49.57 -9.94 23.80
C HIS C 383 -49.94 -8.95 22.69
N GLU C 384 -49.05 -7.99 22.43
CA GLU C 384 -49.31 -6.96 21.44
C GLU C 384 -48.79 -7.33 20.05
N SER C 385 -49.26 -6.60 19.05
CA SER C 385 -48.78 -6.78 17.69
C SER C 385 -47.39 -6.16 17.54
N VAL C 386 -46.75 -6.46 16.41
CA VAL C 386 -45.35 -6.03 16.27
C VAL C 386 -45.23 -4.52 16.29
N GLU C 387 -46.22 -3.81 15.77
CA GLU C 387 -46.17 -2.34 15.80
C GLU C 387 -46.40 -1.81 17.21
N GLU C 388 -47.38 -2.36 17.93
CA GLU C 388 -47.57 -1.97 19.31
C GLU C 388 -46.33 -2.31 20.14
N LEU C 389 -45.75 -3.48 19.90
CA LEU C 389 -44.58 -3.86 20.67
C LEU C 389 -43.41 -2.93 20.40
N ARG C 390 -43.19 -2.60 19.12
CA ARG C 390 -42.13 -1.68 18.77
C ARG C 390 -42.36 -0.33 19.43
N ASP C 391 -43.60 0.16 19.42
CA ASP C 391 -43.85 1.42 20.12
C ASP C 391 -43.59 1.29 21.61
N ARG C 392 -43.84 0.11 22.19
CA ARG C 392 -43.64 -0.07 23.62
C ARG C 392 -42.16 0.00 23.98
N VAL C 393 -41.30 -0.68 23.20
CA VAL C 393 -39.88 -0.72 23.53
C VAL C 393 -39.09 0.37 22.83
N LYS C 394 -39.75 1.25 22.07
CA LYS C 394 -39.10 2.46 21.58
C LYS C 394 -37.79 2.16 20.84
N GLY C 395 -37.76 1.01 20.18
CA GLY C 395 -36.71 0.66 19.23
C GLY C 395 -35.77 -0.44 19.70
N VAL C 396 -35.80 -0.79 20.98
CA VAL C 396 -34.87 -1.78 21.51
C VAL C 396 -35.39 -3.16 21.12
N SER C 397 -34.98 -3.64 19.93
CA SER C 397 -35.35 -4.96 19.44
C SER C 397 -34.26 -6.01 19.65
N ALA C 398 -33.04 -5.59 20.00
CA ALA C 398 -31.93 -6.50 20.19
C ALA C 398 -31.43 -6.32 21.61
N LYS C 399 -30.72 -7.31 22.14
CA LYS C 399 -30.25 -7.23 23.52
C LYS C 399 -28.97 -6.40 23.59
N PRO C 400 -28.89 -5.39 24.46
CA PRO C 400 -27.65 -4.62 24.59
C PRO C 400 -26.56 -5.44 25.29
N PHE C 401 -25.31 -5.01 25.07
CA PHE C 401 -24.19 -5.69 25.72
C PHE C 401 -23.03 -4.77 26.03
N ILE C 402 -23.14 -3.47 25.79
CA ILE C 402 -22.16 -2.49 26.24
C ILE C 402 -22.91 -1.28 26.78
N GLU C 403 -22.52 -0.82 27.97
CA GLU C 403 -23.05 0.43 28.53
C GLU C 403 -22.23 1.61 28.01
N THR C 404 -22.87 2.45 27.20
CA THR C 404 -22.25 3.62 26.57
C THR C 404 -22.76 4.90 27.23
N VAL C 405 -22.09 5.99 26.89
CA VAL C 405 -22.46 7.34 27.34
C VAL C 405 -22.59 8.19 26.10
N PRO C 406 -23.63 8.00 25.30
CA PRO C 406 -23.69 8.67 24.00
C PRO C 406 -23.69 10.18 24.18
N SER C 407 -22.86 10.85 23.39
CA SER C 407 -22.64 12.29 23.46
C SER C 407 -22.81 12.88 22.06
N ILE C 408 -22.36 14.11 21.87
CA ILE C 408 -22.43 14.78 20.58
C ILE C 408 -21.06 15.39 20.29
N ASP C 409 -20.79 15.62 19.01
CA ASP C 409 -19.56 16.29 18.59
C ASP C 409 -19.87 17.74 18.26
N ALA C 410 -19.04 18.67 18.76
CA ALA C 410 -19.18 20.09 18.44
C ALA C 410 -19.26 20.32 16.93
N LEU C 411 -18.57 19.46 16.17
CA LEU C 411 -18.63 19.51 14.73
C LEU C 411 -20.05 19.31 14.24
N HIS C 412 -20.74 18.30 14.78
CA HIS C 412 -22.07 17.97 14.28
C HIS C 412 -23.09 19.02 14.69
N CYS C 413 -22.90 19.67 15.85
CA CYS C 413 -23.77 20.78 16.21
C CYS C 413 -23.68 21.87 15.15
N ASP C 414 -22.44 22.30 14.83
CA ASP C 414 -22.23 23.30 13.77
C ASP C 414 -22.83 22.86 12.44
N ILE C 415 -22.61 21.61 12.04
CA ILE C 415 -23.07 21.14 10.73
C ILE C 415 -24.60 21.13 10.67
N GLY C 416 -25.26 20.57 11.69
CA GLY C 416 -26.72 20.56 11.68
C GLY C 416 -27.32 21.97 11.63
N ASN C 417 -26.81 22.87 12.47
CA ASN C 417 -27.27 24.27 12.44
C ASN C 417 -27.03 24.89 11.07
N ALA C 418 -25.85 24.66 10.49
CA ALA C 418 -25.54 25.28 9.20
C ALA C 418 -26.43 24.73 8.09
N ALA C 419 -26.71 23.43 8.10
CA ALA C 419 -27.63 22.86 7.10
C ALA C 419 -29.00 23.52 7.19
N GLU C 420 -29.51 23.69 8.41
CA GLU C 420 -30.80 24.35 8.55
C GLU C 420 -30.75 25.78 8.04
N PHE C 421 -29.69 26.52 8.38
CA PHE C 421 -29.59 27.91 7.92
C PHE C 421 -29.49 28.00 6.40
N TYR C 422 -28.78 27.05 5.77
CA TYR C 422 -28.68 27.02 4.32
C TYR C 422 -30.04 26.85 3.67
N LYS C 423 -30.83 25.89 4.18
CA LYS C 423 -32.17 25.70 3.65
C LYS C 423 -33.04 26.94 3.87
N ILE C 424 -32.93 27.57 5.04
CA ILE C 424 -33.72 28.77 5.29
C ILE C 424 -33.35 29.88 4.31
N PHE C 425 -32.04 30.07 4.06
CA PHE C 425 -31.60 31.10 3.12
C PHE C 425 -32.17 30.88 1.73
N GLN C 426 -31.99 29.67 1.18
CA GLN C 426 -32.48 29.43 -0.17
C GLN C 426 -34.01 29.59 -0.24
N LEU C 427 -34.73 29.16 0.81
CA LEU C 427 -36.18 29.29 0.79
C LEU C 427 -36.64 30.75 0.97
N GLU C 428 -35.90 31.55 1.72
CA GLU C 428 -36.24 32.97 1.86
C GLU C 428 -35.97 33.72 0.56
N ILE C 429 -34.98 33.24 -0.21
CA ILE C 429 -34.73 33.81 -1.53
C ILE C 429 -35.86 33.46 -2.49
N GLY C 430 -36.26 32.19 -2.54
CA GLY C 430 -37.40 31.82 -3.35
C GLY C 430 -38.75 32.25 -2.79
N GLU C 431 -38.79 32.70 -1.53
CA GLU C 431 -40.03 33.08 -0.83
C GLU C 431 -41.07 31.95 -0.91
N VAL C 432 -40.75 30.86 -0.21
CA VAL C 432 -41.52 29.64 -0.34
C VAL C 432 -42.90 29.74 0.28
N TYR C 433 -43.11 30.65 1.23
CA TYR C 433 -44.44 30.78 1.82
C TYR C 433 -45.47 31.22 0.77
N LYS C 434 -45.05 32.04 -0.19
CA LYS C 434 -45.94 32.47 -1.26
C LYS C 434 -46.11 31.43 -2.36
N HIS C 435 -45.31 30.36 -2.39
CA HIS C 435 -45.36 29.37 -3.46
C HIS C 435 -45.39 27.98 -2.83
N PRO C 436 -46.53 27.57 -2.28
CA PRO C 436 -46.59 26.24 -1.65
C PRO C 436 -46.44 25.10 -2.63
N ASN C 437 -46.88 25.27 -3.88
CA ASN C 437 -46.80 24.22 -4.89
C ASN C 437 -45.59 24.39 -5.80
N ALA C 438 -44.52 25.01 -5.29
CA ALA C 438 -43.34 25.23 -6.11
C ALA C 438 -42.72 23.90 -6.53
N SER C 439 -42.28 23.84 -7.78
CA SER C 439 -41.75 22.62 -8.35
C SER C 439 -40.28 22.43 -8.00
N LYS C 440 -39.75 21.27 -8.37
CA LYS C 440 -38.37 20.95 -8.05
C LYS C 440 -37.41 21.94 -8.69
N GLU C 441 -37.68 22.32 -9.93
CA GLU C 441 -36.73 23.14 -10.67
C GLU C 441 -36.72 24.58 -10.18
N GLU C 442 -37.86 25.09 -9.71
CA GLU C 442 -37.89 26.43 -9.14
C GLU C 442 -37.04 26.51 -7.87
N ARG C 443 -37.19 25.53 -6.98
CA ARG C 443 -36.35 25.48 -5.79
C ARG C 443 -34.88 25.30 -6.18
N LYS C 444 -34.62 24.54 -7.25
CA LYS C 444 -33.25 24.38 -7.71
C LYS C 444 -32.65 25.71 -8.18
N ARG C 445 -33.44 26.52 -8.87
CA ARG C 445 -32.95 27.84 -9.26
C ARG C 445 -32.79 28.75 -8.06
N TRP C 446 -33.66 28.61 -7.04
CA TRP C 446 -33.44 29.36 -5.80
C TRP C 446 -32.08 29.04 -5.21
N GLN C 447 -31.78 27.73 -5.12
CA GLN C 447 -30.49 27.29 -4.59
C GLN C 447 -29.33 27.82 -5.43
N ALA C 448 -29.48 27.80 -6.76
CA ALA C 448 -28.44 28.33 -7.64
C ALA C 448 -28.22 29.82 -7.42
N THR C 449 -29.31 30.57 -7.26
CA THR C 449 -29.21 31.99 -6.94
C THR C 449 -28.39 32.21 -5.68
N LEU C 450 -28.74 31.47 -4.62
CA LEU C 450 -28.02 31.63 -3.36
C LEU C 450 -26.55 31.26 -3.50
N ASP C 451 -26.26 30.16 -4.22
CA ASP C 451 -24.87 29.77 -4.45
C ASP C 451 -24.10 30.86 -5.17
N LYS C 452 -24.67 31.37 -6.27
CA LYS C 452 -24.00 32.39 -7.05
C LYS C 452 -23.72 33.63 -6.21
N HIS C 453 -24.72 34.11 -5.48
CA HIS C 453 -24.51 35.34 -4.73
C HIS C 453 -23.54 35.13 -3.58
N LEU C 454 -23.55 33.94 -2.95
CA LEU C 454 -22.59 33.69 -1.88
C LEU C 454 -21.17 33.60 -2.44
N ARG C 455 -21.01 33.06 -3.65
CA ARG C 455 -19.70 33.10 -4.29
C ARG C 455 -19.27 34.53 -4.58
N LYS C 456 -20.21 35.37 -5.03
CA LYS C 456 -19.86 36.74 -5.39
C LYS C 456 -19.47 37.55 -4.15
N ARG C 457 -20.23 37.43 -3.07
CA ARG C 457 -20.05 38.31 -1.92
C ARG C 457 -19.12 37.72 -0.86
N MET C 458 -19.25 36.44 -0.54
CA MET C 458 -18.46 35.82 0.52
C MET C 458 -17.39 34.88 -0.01
N ASN C 459 -17.27 34.75 -1.34
CA ASN C 459 -16.29 33.86 -1.97
C ASN C 459 -16.44 32.43 -1.46
N LEU C 460 -17.65 31.90 -1.57
CA LEU C 460 -18.03 30.59 -1.04
C LEU C 460 -18.37 29.66 -2.20
N LYS C 461 -17.48 28.70 -2.44
CA LYS C 461 -17.70 27.72 -3.49
C LYS C 461 -18.90 26.83 -3.15
N PRO C 462 -19.86 26.65 -4.08
CA PRO C 462 -21.05 25.85 -3.74
C PRO C 462 -20.62 24.41 -3.46
N ILE C 463 -21.41 23.71 -2.67
CA ILE C 463 -20.98 22.49 -2.02
C ILE C 463 -22.02 21.41 -2.34
N MET C 464 -21.56 20.19 -2.65
CA MET C 464 -22.49 19.06 -2.85
C MET C 464 -22.78 18.40 -1.52
N ARG C 465 -21.82 18.47 -0.63
CA ARG C 465 -21.92 17.88 0.68
C ARG C 465 -21.47 18.88 1.74
N MET C 466 -21.96 18.66 2.97
CA MET C 466 -21.76 19.59 4.07
C MET C 466 -20.53 19.15 4.87
N ASN C 467 -19.78 20.15 5.37
CA ASN C 467 -18.55 19.92 6.13
C ASN C 467 -18.40 21.06 7.12
N GLY C 468 -17.36 20.96 7.94
CA GLY C 468 -17.16 21.92 9.01
C GLY C 468 -16.73 23.30 8.53
N ASN C 469 -15.85 23.34 7.51
CA ASN C 469 -15.36 24.64 7.06
C ASN C 469 -16.48 25.46 6.43
N PHE C 470 -17.35 24.81 5.66
CA PHE C 470 -18.51 25.49 5.09
C PHE C 470 -19.39 26.08 6.19
N ALA C 471 -19.70 25.26 7.18
CA ALA C 471 -20.53 25.70 8.31
C ALA C 471 -19.87 26.86 9.03
N ARG C 472 -18.55 26.80 9.15
CA ARG C 472 -17.82 27.83 9.88
C ARG C 472 -17.86 29.16 9.15
N LYS C 473 -17.67 29.15 7.83
CA LYS C 473 -17.68 30.39 7.08
C LYS C 473 -19.10 30.91 6.84
N LEU C 474 -20.09 30.03 6.74
CA LEU C 474 -21.47 30.44 6.45
C LEU C 474 -22.18 31.00 7.67
N MET C 475 -21.89 30.51 8.88
CA MET C 475 -22.60 30.93 10.09
C MET C 475 -22.02 32.23 10.64
N THR C 476 -22.07 33.27 9.83
CA THR C 476 -21.63 34.58 10.27
C THR C 476 -22.74 35.59 10.07
N GLN C 477 -22.70 36.67 10.85
CA GLN C 477 -23.68 37.73 10.70
C GLN C 477 -23.53 38.44 9.36
N GLU C 478 -22.29 38.59 8.87
CA GLU C 478 -22.04 39.24 7.58
C GLU C 478 -22.59 38.40 6.44
N THR C 479 -22.54 37.08 6.57
CA THR C 479 -23.20 36.22 5.59
C THR C 479 -24.70 36.47 5.58
N VAL C 480 -25.28 36.73 6.75
CA VAL C 480 -26.70 37.02 6.81
C VAL C 480 -27.01 38.35 6.12
N ASP C 481 -26.13 39.33 6.29
CA ASP C 481 -26.27 40.59 5.55
C ASP C 481 -26.19 40.34 4.04
N ALA C 482 -25.23 39.51 3.62
CA ALA C 482 -25.07 39.18 2.21
C ALA C 482 -26.33 38.53 1.63
N VAL C 483 -26.94 37.61 2.38
CA VAL C 483 -28.14 36.93 1.88
C VAL C 483 -29.37 37.84 1.97
N CYS C 484 -29.42 38.75 2.96
CA CYS C 484 -30.50 39.73 3.00
C CYS C 484 -30.46 40.65 1.79
N GLU C 485 -29.27 40.89 1.25
CA GLU C 485 -29.14 41.66 0.01
C GLU C 485 -29.95 41.06 -1.15
N LEU C 486 -30.44 39.81 -1.01
CA LEU C 486 -31.30 39.16 -1.99
C LEU C 486 -32.74 38.97 -1.53
N ILE C 487 -33.07 39.38 -0.31
CA ILE C 487 -34.40 39.20 0.25
C ILE C 487 -35.15 40.52 0.16
N PRO C 488 -36.35 40.55 -0.46
CA PRO C 488 -37.10 41.80 -0.59
C PRO C 488 -37.57 42.39 0.74
N SER C 489 -38.34 41.63 1.49
CA SER C 489 -38.90 42.10 2.75
C SER C 489 -37.80 42.23 3.80
N GLU C 490 -37.67 43.43 4.38
CA GLU C 490 -36.74 43.70 5.48
C GLU C 490 -37.26 43.20 6.82
N GLU C 491 -38.59 43.08 6.98
CA GLU C 491 -39.15 42.43 8.15
C GLU C 491 -38.57 41.03 8.33
N ARG C 492 -38.30 40.34 7.22
CA ARG C 492 -37.65 39.03 7.28
C ARG C 492 -36.14 39.14 7.49
N HIS C 493 -35.54 40.27 7.09
CA HIS C 493 -34.17 40.55 7.52
C HIS C 493 -34.06 40.55 9.03
N GLU C 494 -34.98 41.22 9.71
CA GLU C 494 -35.01 41.20 11.17
C GLU C 494 -34.95 39.78 11.70
N ALA C 495 -35.81 38.91 11.18
CA ALA C 495 -35.94 37.55 11.70
C ALA C 495 -34.69 36.74 11.42
N LEU C 496 -34.19 36.78 10.19
CA LEU C 496 -32.97 36.05 9.88
C LEU C 496 -31.80 36.51 10.75
N ARG C 497 -31.66 37.82 10.97
CA ARG C 497 -30.54 38.31 11.76
C ARG C 497 -30.66 37.91 13.22
N GLU C 498 -31.87 37.94 13.78
CA GLU C 498 -32.03 37.48 15.15
C GLU C 498 -31.75 36.00 15.28
N LEU C 499 -32.20 35.20 14.30
CA LEU C 499 -31.92 33.77 14.29
C LEU C 499 -30.42 33.51 14.32
N MET C 500 -29.68 34.20 13.45
CA MET C 500 -28.23 34.01 13.43
C MET C 500 -27.60 34.48 14.73
N ASP C 501 -28.14 35.53 15.34
CA ASP C 501 -27.59 36.01 16.60
C ASP C 501 -27.75 34.97 17.71
N LEU C 502 -28.94 34.37 17.80
CA LEU C 502 -29.14 33.28 18.75
C LEU C 502 -28.17 32.14 18.49
N TYR C 503 -27.98 31.76 17.23
CA TYR C 503 -27.04 30.69 16.95
C TYR C 503 -25.66 31.05 17.46
N LEU C 504 -25.23 32.28 17.24
CA LEU C 504 -23.89 32.66 17.65
C LEU C 504 -23.77 32.74 19.16
N LYS C 505 -24.89 32.95 19.86
CA LYS C 505 -24.88 32.89 21.32
C LYS C 505 -24.78 31.46 21.83
N MET C 506 -25.44 30.53 21.13
CA MET C 506 -25.42 29.14 21.57
C MET C 506 -24.11 28.44 21.23
N LYS C 507 -23.47 28.82 20.12
CA LYS C 507 -22.31 28.06 19.64
C LYS C 507 -21.17 27.91 20.63
N PRO C 508 -20.74 28.95 21.37
CA PRO C 508 -19.59 28.77 22.28
C PRO C 508 -19.80 27.65 23.29
N VAL C 509 -21.04 27.47 23.77
CA VAL C 509 -21.35 26.49 24.82
C VAL C 509 -20.92 25.09 24.39
N TRP C 510 -21.31 24.67 23.19
CA TRP C 510 -20.94 23.35 22.67
C TRP C 510 -19.56 23.31 22.02
N ARG C 511 -18.96 24.46 21.66
CA ARG C 511 -17.64 24.38 21.01
C ARG C 511 -16.47 24.53 21.98
N SER C 512 -16.67 25.09 23.17
CA SER C 512 -15.57 25.21 24.10
C SER C 512 -15.16 23.83 24.64
N SER C 513 -14.02 23.79 25.34
CA SER C 513 -13.58 22.59 26.03
C SER C 513 -13.88 22.63 27.51
N CYS C 514 -14.43 23.73 28.01
CA CYS C 514 -14.86 23.85 29.39
C CYS C 514 -15.71 25.11 29.54
N PRO C 515 -16.97 25.05 29.15
CA PRO C 515 -17.79 26.27 29.09
C PRO C 515 -18.10 26.90 30.43
N ALA C 516 -17.95 26.17 31.53
CA ALA C 516 -18.17 26.73 32.86
C ALA C 516 -17.10 27.73 33.27
N LYS C 517 -16.05 27.91 32.48
CA LYS C 517 -15.09 28.98 32.68
C LYS C 517 -14.96 29.89 31.47
N GLU C 518 -15.00 29.32 30.27
CA GLU C 518 -14.73 30.10 29.06
C GLU C 518 -15.93 30.94 28.63
N CYS C 519 -17.15 30.44 28.82
CA CYS C 519 -18.33 31.22 28.45
C CYS C 519 -19.49 31.00 29.42
N PRO C 520 -19.35 31.38 30.70
CA PRO C 520 -20.42 31.02 31.65
C PRO C 520 -21.71 31.79 31.40
N GLU C 521 -21.62 33.01 30.90
CA GLU C 521 -22.81 33.76 30.52
C GLU C 521 -23.64 32.99 29.49
N SER C 522 -22.98 32.48 28.46
CA SER C 522 -23.67 31.75 27.40
C SER C 522 -24.23 30.42 27.91
N LEU C 523 -23.45 29.70 28.73
CA LEU C 523 -23.94 28.46 29.33
C LEU C 523 -25.20 28.70 30.15
N CYS C 524 -25.21 29.78 30.93
CA CYS C 524 -26.43 30.11 31.67
C CYS C 524 -27.57 30.40 30.71
N GLN C 525 -27.40 31.38 29.83
CA GLN C 525 -28.47 31.79 28.95
C GLN C 525 -28.83 30.76 27.88
N TYR C 526 -28.16 29.60 27.86
CA TYR C 526 -28.37 28.64 26.77
C TYR C 526 -29.82 28.18 26.66
N SER C 527 -30.45 27.85 27.78
CA SER C 527 -31.82 27.35 27.67
C SER C 527 -32.75 28.44 27.16
N PHE C 528 -32.61 29.66 27.69
CA PHE C 528 -33.41 30.79 27.22
C PHE C 528 -33.23 30.99 25.72
N ASN C 529 -31.97 30.95 25.26
CA ASN C 529 -31.67 31.16 23.85
C ASN C 529 -32.21 30.03 22.97
N SER C 530 -32.07 28.79 23.41
CA SER C 530 -32.61 27.66 22.64
C SER C 530 -34.14 27.75 22.55
N GLN C 531 -34.81 28.15 23.63
CA GLN C 531 -36.26 28.29 23.57
C GLN C 531 -36.65 29.41 22.61
N ARG C 532 -35.95 30.55 22.66
CA ARG C 532 -36.27 31.65 21.76
C ARG C 532 -36.00 31.27 20.31
N PHE C 533 -34.91 30.53 20.09
CA PHE C 533 -34.57 30.07 18.75
C PHE C 533 -35.66 29.16 18.20
N ALA C 534 -36.12 28.20 18.99
CA ALA C 534 -37.15 27.31 18.51
C ALA C 534 -38.47 28.04 18.29
N GLU C 535 -38.75 29.03 19.15
CA GLU C 535 -39.96 29.84 18.98
C GLU C 535 -39.93 30.60 17.66
N LEU C 536 -38.82 31.27 17.39
CA LEU C 536 -38.70 32.00 16.14
C LEU C 536 -38.80 31.06 14.95
N LEU C 537 -38.26 29.85 15.07
CA LEU C 537 -38.46 28.87 14.00
C LEU C 537 -39.94 28.54 13.83
N SER C 538 -40.66 28.36 14.94
CA SER C 538 -42.05 27.93 14.92
C SER C 538 -43.01 29.05 14.55
N THR C 539 -42.58 30.31 14.61
CA THR C 539 -43.39 31.44 14.19
C THR C 539 -43.02 31.88 12.77
N LYS C 540 -41.87 32.52 12.63
CA LYS C 540 -41.55 33.15 11.35
C LYS C 540 -41.17 32.13 10.29
N PHE C 541 -40.68 30.97 10.69
CA PHE C 541 -40.08 30.04 9.73
C PHE C 541 -40.86 28.74 9.65
N LYS C 542 -42.19 28.81 9.65
CA LYS C 542 -42.98 27.58 9.64
C LYS C 542 -42.82 26.80 8.36
N TYR C 543 -42.36 27.45 7.29
CA TYR C 543 -42.19 26.79 5.99
C TYR C 543 -41.32 25.55 6.08
N ARG C 544 -40.28 25.58 6.92
CA ARG C 544 -39.33 24.48 6.98
C ARG C 544 -39.68 23.49 8.08
N TYR C 545 -40.96 23.24 8.28
CA TYR C 545 -41.44 22.12 9.07
C TYR C 545 -42.09 21.10 8.16
N GLU C 546 -41.51 19.90 8.09
CA GLU C 546 -42.13 18.82 7.33
C GLU C 546 -41.97 17.47 8.02
N GLY C 547 -41.91 17.46 9.35
CA GLY C 547 -41.85 16.23 10.11
C GLY C 547 -40.52 15.51 10.08
N LYS C 548 -39.45 16.18 9.65
CA LYS C 548 -38.13 15.58 9.51
C LYS C 548 -37.11 16.44 10.25
N ILE C 549 -36.19 15.78 10.94
CA ILE C 549 -35.11 16.47 11.63
C ILE C 549 -33.99 15.46 11.78
N THR C 550 -32.79 15.94 11.95
CA THR C 550 -31.60 15.11 12.08
C THR C 550 -31.29 14.86 13.55
N ASN C 551 -30.65 13.72 13.82
CA ASN C 551 -30.20 13.46 15.19
C ASN C 551 -29.33 14.59 15.69
N TYR C 552 -28.47 15.14 14.81
CA TYR C 552 -27.56 16.20 15.23
C TYR C 552 -28.31 17.46 15.67
N PHE C 553 -29.33 17.87 14.92
CA PHE C 553 -30.05 19.09 15.29
C PHE C 553 -30.86 18.89 16.55
N HIS C 554 -31.54 17.73 16.62
CA HIS C 554 -32.27 17.38 17.84
C HIS C 554 -31.34 17.44 19.04
N LYS C 555 -30.18 16.80 18.95
CA LYS C 555 -29.30 16.79 20.10
C LYS C 555 -28.81 18.19 20.42
N THR C 556 -28.55 19.02 19.40
CA THR C 556 -28.09 20.38 19.67
C THR C 556 -29.16 21.22 20.36
N LEU C 557 -30.41 21.09 19.95
CA LEU C 557 -31.41 21.96 20.53
C LEU C 557 -31.93 21.45 21.86
N ALA C 558 -31.84 20.15 22.12
CA ALA C 558 -32.51 19.55 23.28
C ALA C 558 -31.56 19.05 24.37
N HIS C 559 -30.36 18.59 24.02
CA HIS C 559 -29.52 17.87 24.97
C HIS C 559 -28.18 18.51 25.29
N VAL C 560 -27.88 19.71 24.80
CA VAL C 560 -26.54 20.24 25.02
C VAL C 560 -26.36 20.59 26.49
N PRO C 561 -27.28 21.33 27.15
CA PRO C 561 -27.06 21.61 28.57
C PRO C 561 -26.98 20.37 29.43
N GLU C 562 -27.83 19.38 29.19
CA GLU C 562 -27.77 18.13 29.97
C GLU C 562 -26.45 17.42 29.76
N ILE C 563 -25.92 17.46 28.55
CA ILE C 563 -24.66 16.76 28.32
C ILE C 563 -23.53 17.52 29.01
N ILE C 564 -23.59 18.86 29.00
CA ILE C 564 -22.59 19.61 29.76
C ILE C 564 -22.69 19.28 31.25
N GLU C 565 -23.91 19.27 31.81
CA GLU C 565 -24.04 18.91 33.21
C GLU C 565 -23.46 17.52 33.48
N ARG C 566 -23.56 16.60 32.50
CA ARG C 566 -23.11 15.22 32.69
C ARG C 566 -21.60 15.05 32.52
N ASP C 567 -21.02 15.76 31.55
CA ASP C 567 -19.65 15.55 31.13
C ASP C 567 -18.78 16.78 31.27
N GLY C 568 -19.36 17.94 31.59
CA GLY C 568 -18.66 19.21 31.71
C GLY C 568 -18.19 19.79 30.40
N SER C 569 -18.05 18.98 29.36
CA SER C 569 -17.48 19.42 28.10
C SER C 569 -18.20 18.69 26.97
N ILE C 570 -18.29 19.34 25.82
CA ILE C 570 -18.68 18.67 24.58
C ILE C 570 -17.47 18.18 23.82
N GLY C 571 -16.59 19.10 23.45
CA GLY C 571 -15.49 18.77 22.56
C GLY C 571 -14.55 17.73 23.11
N ALA C 572 -14.54 17.54 24.43
CA ALA C 572 -13.57 16.64 25.04
C ALA C 572 -13.89 15.16 24.80
N TRP C 573 -15.01 14.85 24.19
CA TRP C 573 -15.31 13.44 24.03
C TRP C 573 -15.82 13.17 22.62
N ASN C 578 -10.16 9.46 15.16
CA ASN C 578 -9.91 8.04 14.97
C ASN C 578 -9.65 7.74 13.50
N GLN C 579 -9.72 8.79 12.67
CA GLN C 579 -9.54 8.63 11.23
C GLN C 579 -8.09 8.42 10.85
N SER C 580 -7.16 8.85 11.71
CA SER C 580 -5.76 8.49 11.63
C SER C 580 -5.51 7.06 12.08
N GLY C 581 -6.46 6.48 12.82
CA GLY C 581 -6.36 5.12 13.31
C GLY C 581 -6.04 4.17 12.18
N ASN C 582 -6.79 4.26 11.10
CA ASN C 582 -6.53 3.43 9.92
C ASN C 582 -5.08 3.57 9.47
N LYS C 583 -4.64 4.82 9.24
CA LYS C 583 -3.29 5.02 8.73
C LYS C 583 -2.23 4.49 9.69
N LEU C 584 -2.43 4.70 10.99
CA LEU C 584 -1.45 4.24 11.96
C LEU C 584 -1.43 2.72 12.05
N PHE C 585 -2.60 2.09 12.09
CA PHE C 585 -2.68 0.63 12.06
C PHE C 585 -1.94 0.08 10.83
N ARG C 586 -2.23 0.63 9.63
CA ARG C 586 -1.60 0.14 8.41
C ARG C 586 -0.08 0.33 8.45
N ARG C 587 0.36 1.50 8.91
CA ARG C 587 1.78 1.78 9.08
C ARG C 587 2.45 0.67 9.87
N PHE C 588 1.92 0.40 11.06
CA PHE C 588 2.59 -0.53 11.96
C PHE C 588 2.57 -1.93 11.39
N ARG C 589 1.49 -2.29 10.71
CA ARG C 589 1.38 -3.62 10.12
C ARG C 589 2.41 -3.81 9.02
N LYS C 590 2.50 -2.86 8.10
CA LYS C 590 3.41 -3.04 6.97
C LYS C 590 4.86 -3.01 7.42
N MET C 591 5.24 -2.06 8.28
CA MET C 591 6.67 -1.82 8.48
C MET C 591 7.26 -2.37 9.78
N ASN C 592 6.45 -2.75 10.78
CA ASN C 592 7.00 -3.09 12.08
C ASN C 592 6.54 -4.45 12.61
N ALA C 593 6.03 -5.31 11.74
CA ALA C 593 5.39 -6.54 12.19
C ALA C 593 5.82 -7.71 11.32
N ARG C 594 5.94 -8.88 11.94
CA ARG C 594 6.17 -10.10 11.17
C ARG C 594 5.01 -10.37 10.21
N GLN C 595 5.36 -10.72 8.98
CA GLN C 595 4.39 -11.03 7.93
C GLN C 595 3.90 -12.47 8.08
N SER C 596 3.21 -12.71 9.21
CA SER C 596 2.62 -13.99 9.56
C SER C 596 1.34 -13.73 10.33
N LYS C 597 0.25 -14.41 9.93
CA LYS C 597 -1.02 -14.26 10.62
C LYS C 597 -0.89 -14.50 12.11
N CYS C 598 0.02 -15.40 12.49
CA CYS C 598 0.17 -15.77 13.89
C CYS C 598 0.62 -14.60 14.76
N TYR C 599 1.53 -13.75 14.24
CA TYR C 599 2.21 -12.75 15.05
C TYR C 599 1.98 -11.30 14.61
N GLU C 600 1.39 -11.06 13.44
CA GLU C 600 1.29 -9.67 12.98
C GLU C 600 0.49 -8.83 13.96
N MET C 601 -0.65 -9.33 14.40
CA MET C 601 -1.45 -8.59 15.36
C MET C 601 -0.69 -8.38 16.65
N GLU C 602 0.01 -9.40 17.12
CA GLU C 602 0.80 -9.24 18.33
C GLU C 602 1.70 -8.04 18.21
N ASP C 603 2.48 -7.99 17.13
CA ASP C 603 3.49 -6.96 16.96
C ASP C 603 2.84 -5.59 16.76
N VAL C 604 1.73 -5.55 16.03
CA VAL C 604 1.03 -4.29 15.85
C VAL C 604 0.55 -3.74 17.18
N LEU C 605 -0.08 -4.60 17.98
CA LEU C 605 -0.63 -4.12 19.24
C LEU C 605 0.48 -3.63 20.14
N LYS C 606 1.50 -4.45 20.33
CA LYS C 606 2.62 -4.05 21.16
C LYS C 606 3.22 -2.72 20.68
N HIS C 607 3.27 -2.53 19.36
CA HIS C 607 3.88 -1.33 18.82
C HIS C 607 3.03 -0.10 19.06
N HIS C 608 1.72 -0.22 18.87
CA HIS C 608 0.80 0.85 19.18
C HIS C 608 0.84 1.23 20.66
N TRP C 609 0.82 0.21 21.51
CA TRP C 609 0.87 0.47 22.94
C TRP C 609 2.10 1.29 23.28
N LEU C 610 3.26 0.86 22.78
CA LEU C 610 4.47 1.62 23.05
C LEU C 610 4.36 3.01 22.49
N TYR C 611 3.70 3.15 21.36
CA TYR C 611 3.55 4.46 20.72
C TYR C 611 2.70 5.40 21.58
N THR C 612 1.90 4.88 22.49
CA THR C 612 1.02 5.72 23.30
C THR C 612 1.53 6.03 24.72
N SER C 613 2.69 5.52 25.12
CA SER C 613 3.23 5.69 26.47
C SER C 613 3.75 7.12 26.70
N LYS C 614 3.26 7.76 27.76
CA LYS C 614 3.70 9.13 28.06
C LYS C 614 5.18 9.21 28.36
N TYR C 615 5.76 8.09 28.79
CA TYR C 615 7.18 8.01 29.14
C TYR C 615 8.08 8.29 27.94
N LEU C 616 7.82 7.60 26.82
CA LEU C 616 8.63 7.80 25.64
C LEU C 616 8.35 9.15 25.03
N GLN C 617 7.10 9.59 25.10
CA GLN C 617 6.73 10.89 24.56
C GLN C 617 7.50 12.02 25.22
N LYS C 618 7.68 11.94 26.54
CA LYS C 618 8.50 12.94 27.22
C LYS C 618 9.86 13.09 26.53
N PHE C 619 10.55 11.97 26.30
CA PHE C 619 11.84 12.01 25.61
C PHE C 619 11.74 12.66 24.24
N MET C 620 10.72 12.29 23.46
CA MET C 620 10.60 12.86 22.12
C MET C 620 10.38 14.36 22.15
N ASN C 621 9.88 14.91 23.26
CA ASN C 621 9.70 16.36 23.41
C ASN C 621 10.81 17.05 24.17
N ALA C 622 11.95 16.36 24.38
CA ALA C 622 13.02 16.88 25.22
C ALA C 622 13.47 18.29 24.83
N HIS C 623 13.27 18.66 23.57
CA HIS C 623 13.73 20.00 23.23
C HIS C 623 12.80 21.11 23.81
N ASN C 624 11.92 20.83 24.76
CA ASN C 624 11.09 21.86 25.35
C ASN C 624 11.20 21.74 26.87
N MET D 1 -29.58 -39.60 -6.14
CA MET D 1 -29.17 -38.42 -5.39
C MET D 1 -28.46 -37.44 -6.31
N SER D 2 -29.18 -36.43 -6.80
CA SER D 2 -28.65 -35.45 -7.75
C SER D 2 -28.39 -34.12 -7.06
N LEU D 3 -27.20 -33.57 -7.29
CA LEU D 3 -26.79 -32.29 -6.72
C LEU D 3 -27.19 -31.15 -7.66
N GLN D 4 -27.64 -30.03 -7.10
CA GLN D 4 -28.11 -28.91 -7.90
C GLN D 4 -27.70 -27.58 -7.29
N MET D 5 -27.08 -26.70 -8.07
CA MET D 5 -26.74 -25.39 -7.56
C MET D 5 -27.98 -24.55 -7.36
N VAL D 6 -27.89 -23.60 -6.43
CA VAL D 6 -28.97 -22.70 -6.11
C VAL D 6 -28.43 -21.27 -6.06
N THR D 7 -29.15 -20.34 -6.69
CA THR D 7 -28.89 -18.91 -6.58
C THR D 7 -29.79 -18.31 -5.49
N VAL D 8 -29.37 -17.18 -4.92
CA VAL D 8 -30.03 -16.58 -3.77
C VAL D 8 -30.32 -15.10 -4.05
N GLY D 9 -31.35 -14.58 -3.40
CA GLY D 9 -31.79 -13.21 -3.57
C GLY D 9 -30.93 -12.21 -2.82
N HIS D 10 -31.48 -11.03 -2.57
CA HIS D 10 -30.70 -9.93 -2.01
C HIS D 10 -30.27 -10.21 -0.57
N ASN D 11 -31.07 -10.94 0.20
CA ASN D 11 -30.73 -11.21 1.59
C ASN D 11 -30.04 -12.56 1.76
N ILE D 12 -29.07 -12.86 0.89
CA ILE D 12 -28.30 -14.08 1.08
C ILE D 12 -27.46 -13.98 2.35
N ALA D 13 -27.10 -12.77 2.78
CA ALA D 13 -26.23 -12.62 3.94
C ALA D 13 -26.84 -13.22 5.19
N LEU D 14 -28.17 -13.31 5.26
CA LEU D 14 -28.80 -13.87 6.45
C LEU D 14 -28.35 -15.30 6.74
N ILE D 15 -28.09 -16.11 5.72
CA ILE D 15 -27.78 -17.51 5.94
C ILE D 15 -26.38 -17.63 6.52
N GLN D 16 -26.25 -18.37 7.62
CA GLN D 16 -24.99 -18.59 8.29
C GLN D 16 -24.97 -20.03 8.78
N PRO D 17 -23.79 -20.57 9.05
CA PRO D 17 -23.74 -21.91 9.67
C PRO D 17 -24.48 -21.93 11.01
N GLY D 18 -25.15 -23.04 11.28
CA GLY D 18 -25.98 -23.18 12.46
C GLY D 18 -27.43 -22.87 12.25
N PHE D 19 -27.82 -22.45 11.04
CA PHE D 19 -29.21 -22.13 10.74
C PHE D 19 -30.05 -23.40 10.76
N SER D 20 -31.37 -23.22 10.77
CA SER D 20 -32.32 -24.32 10.80
C SER D 20 -33.42 -24.13 9.76
N LEU D 21 -33.95 -25.26 9.29
CA LEU D 21 -35.11 -25.28 8.40
C LEU D 21 -36.20 -26.14 9.00
N MET D 22 -37.41 -25.61 8.98
CA MET D 22 -38.56 -26.30 9.54
C MET D 22 -39.64 -26.44 8.48
N ASN D 23 -40.32 -27.58 8.48
CA ASN D 23 -41.28 -27.90 7.44
C ASN D 23 -42.68 -27.94 8.05
N PHE D 24 -43.56 -27.07 7.56
CA PHE D 24 -44.96 -27.00 7.96
C PHE D 24 -45.82 -27.17 6.72
N ASP D 25 -46.46 -28.32 6.58
CA ASP D 25 -47.44 -28.56 5.52
C ASP D 25 -46.84 -28.36 4.12
N GLY D 26 -45.63 -28.89 3.92
CA GLY D 26 -44.95 -28.73 2.65
C GLY D 26 -44.21 -27.43 2.48
N GLN D 27 -44.58 -26.38 3.21
CA GLN D 27 -43.89 -25.11 3.15
C GLN D 27 -42.65 -25.13 4.06
N VAL D 28 -41.50 -24.66 3.53
CA VAL D 28 -40.25 -24.64 4.26
C VAL D 28 -40.03 -23.25 4.85
N PHE D 29 -39.48 -23.20 6.07
CA PHE D 29 -39.15 -21.96 6.76
C PHE D 29 -37.73 -22.05 7.29
N PHE D 30 -37.14 -20.87 7.42
CA PHE D 30 -35.73 -20.67 7.76
C PHE D 30 -35.65 -19.83 9.02
N PHE D 31 -34.79 -20.25 9.93
CA PHE D 31 -34.67 -19.60 11.22
C PHE D 31 -33.21 -19.60 11.64
N GLY D 32 -32.80 -18.54 12.32
CA GLY D 32 -31.41 -18.47 12.72
C GLY D 32 -30.60 -17.58 11.80
N GLN D 33 -31.14 -16.43 11.48
CA GLN D 33 -30.45 -15.49 10.63
C GLN D 33 -29.22 -14.94 11.34
N LYS D 34 -28.26 -14.49 10.55
CA LYS D 34 -27.11 -13.80 11.09
C LYS D 34 -27.52 -12.38 11.51
N GLY D 35 -26.95 -11.92 12.62
CA GLY D 35 -27.29 -10.62 13.17
C GLY D 35 -28.65 -10.62 13.83
N TRP D 36 -28.93 -9.57 14.60
CA TRP D 36 -30.26 -9.44 15.17
C TRP D 36 -31.25 -9.04 14.07
N PRO D 37 -32.51 -9.42 14.20
CA PRO D 37 -33.49 -9.08 13.18
C PRO D 37 -33.57 -7.58 12.91
N LYS D 38 -33.71 -7.22 11.64
CA LYS D 38 -33.80 -5.84 11.17
C LYS D 38 -35.24 -5.48 10.85
N ARG D 39 -35.47 -4.19 10.57
CA ARG D 39 -36.84 -3.71 10.30
C ARG D 39 -37.50 -4.45 9.14
N SER D 40 -36.71 -4.92 8.17
CA SER D 40 -37.27 -5.65 7.04
C SER D 40 -37.98 -6.93 7.46
N CYS D 41 -37.55 -7.59 8.54
CA CYS D 41 -38.26 -8.76 9.06
C CYS D 41 -38.02 -8.84 10.56
N PRO D 42 -38.92 -8.28 11.36
CA PRO D 42 -38.68 -8.22 12.80
C PRO D 42 -38.68 -9.56 13.49
N THR D 43 -39.33 -10.58 12.94
CA THR D 43 -39.37 -11.84 13.65
C THR D 43 -38.06 -12.60 13.50
N GLY D 44 -37.41 -12.50 12.35
CA GLY D 44 -36.28 -13.34 12.04
C GLY D 44 -36.63 -14.72 11.52
N VAL D 45 -37.87 -14.96 11.11
CA VAL D 45 -38.31 -16.23 10.55
C VAL D 45 -38.74 -15.96 9.11
N PHE D 46 -38.35 -16.84 8.19
CA PHE D 46 -38.60 -16.55 6.78
C PHE D 46 -39.21 -17.73 6.04
N HIS D 47 -40.05 -17.43 5.06
N HIS D 47 -40.08 -17.41 5.07
CA HIS D 47 -40.47 -18.43 4.09
CA HIS D 47 -40.45 -18.36 4.03
C HIS D 47 -39.33 -18.70 3.12
C HIS D 47 -39.22 -18.67 3.18
N PHE D 48 -38.90 -19.95 3.06
CA PHE D 48 -37.72 -20.41 2.35
C PHE D 48 -38.19 -21.08 1.07
N ASP D 49 -38.24 -20.32 -0.03
CA ASP D 49 -38.87 -20.81 -1.25
C ASP D 49 -37.84 -20.95 -2.35
N ILE D 50 -37.64 -22.17 -2.85
CA ILE D 50 -36.72 -22.42 -3.95
C ILE D 50 -37.57 -22.70 -5.18
N LYS D 51 -37.65 -21.72 -6.07
CA LYS D 51 -38.35 -21.88 -7.34
C LYS D 51 -37.37 -21.72 -8.48
N GLN D 52 -37.31 -22.72 -9.36
CA GLN D 52 -36.40 -22.75 -10.50
C GLN D 52 -34.96 -22.59 -10.04
N ASN D 53 -34.59 -23.34 -9.01
CA ASN D 53 -33.25 -23.33 -8.41
C ASN D 53 -32.85 -21.94 -7.91
N HIS D 54 -33.83 -21.07 -7.69
CA HIS D 54 -33.59 -19.74 -7.14
C HIS D 54 -34.23 -19.64 -5.77
N LEU D 55 -33.44 -19.24 -4.77
CA LEU D 55 -33.88 -19.19 -3.38
C LEU D 55 -34.28 -17.78 -3.00
N LYS D 56 -35.53 -17.62 -2.58
CA LYS D 56 -36.02 -16.37 -2.06
C LYS D 56 -36.45 -16.55 -0.60
N LEU D 57 -36.06 -15.59 0.22
CA LEU D 57 -36.43 -15.56 1.62
C LEU D 57 -37.48 -14.49 1.80
N LYS D 58 -38.70 -14.88 2.14
CA LYS D 58 -39.75 -13.88 2.29
C LYS D 58 -40.15 -13.73 3.76
N PRO D 59 -40.34 -12.50 4.24
CA PRO D 59 -40.60 -12.33 5.68
C PRO D 59 -41.87 -13.01 6.15
N ALA D 60 -41.78 -13.61 7.34
CA ALA D 60 -42.92 -14.21 8.03
C ALA D 60 -43.23 -13.41 9.30
N ILE D 61 -44.50 -13.40 9.67
CA ILE D 61 -44.97 -12.61 10.79
C ILE D 61 -45.37 -13.53 11.93
N PHE D 62 -45.40 -12.98 13.15
CA PHE D 62 -45.81 -13.69 14.34
C PHE D 62 -47.19 -13.23 14.81
N SER D 63 -47.87 -14.10 15.55
CA SER D 63 -49.20 -13.78 16.06
C SER D 63 -49.08 -12.80 17.23
N LYS D 64 -50.24 -12.33 17.70
CA LYS D 64 -50.28 -11.36 18.80
C LYS D 64 -49.84 -11.96 20.12
N ASP D 65 -50.00 -13.27 20.30
CA ASP D 65 -49.61 -13.94 21.54
C ASP D 65 -48.24 -14.60 21.45
N SER D 66 -47.39 -14.14 20.54
CA SER D 66 -46.12 -14.81 20.32
C SER D 66 -44.99 -14.20 21.12
N CYS D 67 -44.00 -15.03 21.45
CA CYS D 67 -42.69 -14.53 21.80
C CYS D 67 -41.96 -14.12 20.53
N TYR D 68 -41.00 -13.21 20.67
CA TYR D 68 -40.09 -12.83 19.60
C TYR D 68 -38.73 -13.41 19.95
N LEU D 69 -38.56 -14.68 19.65
CA LEU D 69 -37.34 -15.39 20.06
C LEU D 69 -36.13 -14.84 19.30
N PRO D 70 -34.97 -14.85 19.92
CA PRO D 70 -33.78 -14.40 19.24
C PRO D 70 -33.31 -15.44 18.26
N PRO D 71 -32.63 -15.03 17.21
CA PRO D 71 -32.05 -16.00 16.28
C PRO D 71 -31.04 -16.88 16.99
N LEU D 72 -31.09 -18.18 16.71
CA LEU D 72 -30.32 -19.16 17.46
C LEU D 72 -29.51 -20.06 16.53
N ARG D 73 -28.25 -20.24 16.88
CA ARG D 73 -27.34 -21.09 16.14
C ARG D 73 -27.16 -22.39 16.90
N TYR D 74 -27.18 -23.48 16.15
CA TYR D 74 -26.99 -24.83 16.68
C TYR D 74 -27.94 -25.19 17.81
N PRO D 75 -29.24 -24.88 17.75
CA PRO D 75 -30.14 -25.37 18.79
C PRO D 75 -30.54 -26.80 18.49
N ALA D 76 -31.08 -27.44 19.51
CA ALA D 76 -31.68 -28.75 19.35
C ALA D 76 -33.11 -28.55 18.89
N THR D 77 -33.47 -29.10 17.74
CA THR D 77 -34.82 -28.92 17.24
C THR D 77 -35.44 -30.27 16.92
N CYS D 78 -36.77 -30.30 16.98
CA CYS D 78 -37.47 -31.51 16.59
C CYS D 78 -38.92 -31.19 16.23
N SER D 79 -39.55 -32.15 15.59
CA SER D 79 -40.93 -32.01 15.16
C SER D 79 -41.83 -32.81 16.08
N TYR D 80 -42.96 -32.20 16.46
CA TYR D 80 -43.90 -32.74 17.43
C TYR D 80 -45.27 -32.83 16.78
N LYS D 81 -45.87 -34.02 16.84
CA LYS D 81 -47.21 -34.27 16.30
C LYS D 81 -48.31 -34.15 17.37
N LYS D 88 -51.90 -30.00 17.18
CA LYS D 88 -51.40 -29.41 15.95
C LYS D 88 -49.92 -29.73 15.78
N HIS D 89 -49.47 -29.76 14.53
CA HIS D 89 -48.05 -29.99 14.24
C HIS D 89 -47.23 -28.78 14.66
N GLN D 90 -46.17 -29.02 15.45
CA GLN D 90 -45.37 -27.93 15.98
C GLN D 90 -43.89 -28.31 16.03
N TYR D 91 -43.05 -27.32 16.26
CA TYR D 91 -41.61 -27.46 16.27
C TYR D 91 -41.06 -27.06 17.63
N ILE D 92 -40.14 -27.85 18.13
CA ILE D 92 -39.50 -27.64 19.42
C ILE D 92 -38.11 -27.11 19.16
N ILE D 93 -37.78 -25.99 19.80
CA ILE D 93 -36.47 -25.35 19.74
C ILE D 93 -35.94 -25.29 21.18
N HIS D 94 -34.78 -25.87 21.44
CA HIS D 94 -34.15 -25.75 22.75
C HIS D 94 -32.68 -25.40 22.64
N GLY D 95 -32.25 -24.43 23.44
CA GLY D 95 -30.85 -24.05 23.50
C GLY D 95 -30.46 -23.11 22.39
N GLY D 96 -29.18 -23.18 22.02
CA GLY D 96 -28.64 -22.43 20.90
C GLY D 96 -27.88 -21.19 21.33
N LYS D 97 -27.16 -20.63 20.35
CA LYS D 97 -26.36 -19.43 20.53
C LYS D 97 -27.10 -18.22 19.95
N THR D 98 -27.06 -17.09 20.69
CA THR D 98 -27.67 -15.83 20.29
C THR D 98 -26.64 -14.96 19.58
N PRO D 99 -27.10 -13.92 18.88
CA PRO D 99 -26.17 -12.99 18.22
C PRO D 99 -25.19 -12.33 19.18
N ASN D 100 -25.49 -12.31 20.46
CA ASN D 100 -24.56 -11.82 21.47
C ASN D 100 -23.70 -12.92 22.03
N ASN D 101 -23.73 -14.11 21.45
CA ASN D 101 -22.93 -15.25 21.84
C ASN D 101 -23.35 -15.86 23.17
N GLU D 102 -24.51 -15.50 23.72
CA GLU D 102 -25.06 -16.16 24.89
C GLU D 102 -25.73 -17.48 24.52
N LEU D 103 -25.68 -18.43 25.44
CA LEU D 103 -26.37 -19.69 25.27
C LEU D 103 -27.73 -19.62 25.95
N SER D 104 -28.76 -20.03 25.25
CA SER D 104 -30.11 -19.98 25.76
C SER D 104 -30.39 -21.35 26.36
N ASP D 105 -31.01 -21.36 27.54
CA ASP D 105 -31.53 -22.58 28.14
C ASP D 105 -33.03 -22.74 27.90
N LYS D 106 -33.67 -21.75 27.31
CA LYS D 106 -35.11 -21.75 27.18
C LYS D 106 -35.57 -22.72 26.09
N ILE D 107 -36.88 -22.89 26.01
CA ILE D 107 -37.54 -23.75 25.03
C ILE D 107 -38.64 -22.94 24.34
N TYR D 108 -38.62 -22.94 23.00
CA TYR D 108 -39.61 -22.25 22.19
C TYR D 108 -40.39 -23.28 21.38
N ILE D 109 -41.65 -22.97 21.14
CA ILE D 109 -42.53 -23.85 20.38
C ILE D 109 -43.16 -23.06 19.24
N MET D 110 -42.97 -23.56 18.03
CA MET D 110 -43.41 -22.92 16.80
C MET D 110 -44.58 -23.70 16.23
N SER D 111 -45.66 -22.99 15.89
CA SER D 111 -46.83 -23.61 15.27
C SER D 111 -47.37 -22.62 14.25
N VAL D 112 -48.20 -23.13 13.33
CA VAL D 112 -48.86 -22.28 12.33
C VAL D 112 -50.13 -21.71 12.96
N ALA D 113 -50.16 -20.41 13.21
CA ALA D 113 -51.34 -19.85 13.84
C ALA D 113 -52.41 -19.49 12.82
N CYS D 114 -51.99 -18.96 11.68
CA CYS D 114 -52.92 -18.50 10.65
C CYS D 114 -52.18 -18.45 9.32
N LYS D 115 -52.81 -18.90 8.25
CA LYS D 115 -52.17 -18.90 6.93
C LYS D 115 -53.02 -18.15 5.89
N ASN D 116 -52.55 -16.98 5.48
CA ASN D 116 -53.24 -16.16 4.49
C ASN D 116 -52.44 -16.12 3.18
N ASN D 117 -53.01 -16.70 2.11
CA ASN D 117 -52.44 -16.69 0.76
C ASN D 117 -50.96 -17.10 0.75
N LYS D 118 -50.65 -18.15 1.49
CA LYS D 118 -49.29 -18.70 1.58
C LYS D 118 -48.29 -17.68 2.11
N LYS D 119 -48.75 -16.84 3.06
CA LYS D 119 -47.93 -15.87 3.81
C LYS D 119 -48.35 -16.10 5.26
N VAL D 120 -47.70 -17.06 5.88
CA VAL D 120 -48.16 -17.65 7.13
C VAL D 120 -47.80 -16.80 8.33
N THR D 121 -48.70 -16.79 9.31
CA THR D 121 -48.41 -16.23 10.62
C THR D 121 -48.14 -17.35 11.60
N PHE D 122 -47.07 -17.21 12.39
CA PHE D 122 -46.68 -18.23 13.33
C PHE D 122 -47.13 -17.87 14.74
N ARG D 123 -47.30 -18.89 15.56
CA ARG D 123 -47.37 -18.75 17.00
C ARG D 123 -46.08 -19.28 17.57
N CYS D 124 -45.34 -18.41 18.25
CA CYS D 124 -44.12 -18.77 18.92
C CYS D 124 -44.30 -18.54 20.41
N THR D 125 -44.42 -19.61 21.16
CA THR D 125 -44.61 -19.52 22.61
C THR D 125 -43.47 -20.19 23.33
N GLU D 126 -42.98 -19.53 24.37
CA GLU D 126 -41.91 -20.10 25.17
C GLU D 126 -42.52 -20.90 26.30
N LYS D 127 -41.94 -22.07 26.54
CA LYS D 127 -42.37 -22.95 27.62
C LYS D 127 -41.34 -22.85 28.74
N ASP D 128 -41.79 -22.44 29.92
CA ASP D 128 -40.93 -22.39 31.09
C ASP D 128 -40.60 -23.79 31.58
N LEU D 129 -39.42 -23.96 32.17
CA LEU D 129 -38.90 -25.26 32.55
C LEU D 129 -38.48 -25.25 34.02
N VAL D 130 -38.95 -26.23 34.78
CA VAL D 130 -38.64 -26.34 36.19
C VAL D 130 -38.21 -27.77 36.53
N GLY D 131 -37.48 -27.89 37.64
CA GLY D 131 -36.97 -29.18 38.02
C GLY D 131 -35.49 -29.33 37.76
N ASP D 132 -35.10 -30.33 36.99
CA ASP D 132 -33.70 -30.46 36.57
C ASP D 132 -33.50 -29.85 35.19
N VAL D 133 -33.53 -28.52 35.15
CA VAL D 133 -33.39 -27.84 33.85
C VAL D 133 -31.99 -28.09 33.31
N PRO D 134 -31.83 -28.42 32.04
CA PRO D 134 -30.48 -28.62 31.50
C PRO D 134 -29.79 -27.28 31.33
N GLU D 135 -28.50 -27.24 31.67
CA GLU D 135 -27.75 -26.00 31.49
C GLU D 135 -27.81 -25.56 30.02
N PRO D 136 -27.83 -24.25 29.76
CA PRO D 136 -27.91 -23.79 28.37
C PRO D 136 -26.78 -24.37 27.53
N ARG D 137 -27.13 -24.77 26.31
CA ARG D 137 -26.21 -25.54 25.49
C ARG D 137 -26.50 -25.30 24.01
N TYR D 138 -25.55 -25.70 23.16
CA TYR D 138 -25.77 -25.84 21.73
C TYR D 138 -25.13 -27.13 21.24
N GLY D 139 -25.48 -27.53 20.02
CA GLY D 139 -24.92 -28.74 19.44
C GLY D 139 -25.42 -30.00 20.12
N HIS D 140 -26.68 -30.03 20.52
CA HIS D 140 -27.26 -31.13 21.28
C HIS D 140 -28.48 -31.63 20.54
N SER D 141 -29.01 -32.76 21.00
CA SER D 141 -30.17 -33.34 20.35
C SER D 141 -31.39 -33.30 21.26
N ILE D 142 -32.56 -33.17 20.64
CA ILE D 142 -33.83 -33.35 21.33
C ILE D 142 -34.83 -34.00 20.37
N ASP D 143 -35.60 -34.96 20.87
CA ASP D 143 -36.58 -35.67 20.07
C ASP D 143 -37.79 -35.99 20.93
N VAL D 144 -38.85 -36.49 20.29
CA VAL D 144 -40.05 -36.88 21.02
C VAL D 144 -40.21 -38.40 20.93
N VAL D 145 -40.39 -39.04 22.08
CA VAL D 145 -40.67 -40.47 22.17
C VAL D 145 -42.07 -40.65 22.68
N TYR D 146 -42.66 -41.78 22.29
CA TYR D 146 -44.02 -42.13 22.63
C TYR D 146 -44.01 -43.51 23.26
N SER D 147 -44.57 -43.62 24.46
CA SER D 147 -44.68 -44.90 25.16
C SER D 147 -46.02 -44.96 25.87
N ARG D 148 -46.75 -46.04 25.64
CA ARG D 148 -48.03 -46.32 26.30
C ARG D 148 -48.99 -45.13 26.17
N GLY D 149 -49.12 -44.62 24.95
CA GLY D 149 -50.00 -43.51 24.67
C GLY D 149 -49.62 -42.21 25.30
N LYS D 150 -48.38 -42.06 25.75
CA LYS D 150 -47.91 -40.82 26.35
C LYS D 150 -46.70 -40.32 25.57
N SER D 151 -46.56 -39.00 25.51
CA SER D 151 -45.50 -38.36 24.76
C SER D 151 -44.54 -37.66 25.72
N MET D 152 -43.24 -37.82 25.47
CA MET D 152 -42.22 -37.23 26.31
C MET D 152 -41.06 -36.81 25.43
N GLY D 153 -40.37 -35.73 25.80
CA GLY D 153 -39.20 -35.30 25.05
C GLY D 153 -37.91 -35.84 25.66
N VAL D 154 -36.99 -36.26 24.81
CA VAL D 154 -35.70 -36.77 25.24
C VAL D 154 -34.64 -35.82 24.73
N LEU D 155 -33.77 -35.36 25.63
CA LEU D 155 -32.72 -34.42 25.28
C LEU D 155 -31.39 -34.93 25.79
N PHE D 156 -30.37 -34.82 24.95
CA PHE D 156 -29.06 -35.36 25.32
C PHE D 156 -27.91 -34.62 24.66
N GLY D 157 -26.82 -34.46 25.44
CA GLY D 157 -25.54 -34.04 24.91
C GLY D 157 -25.36 -32.53 24.80
N GLY D 158 -24.28 -32.18 24.13
CA GLY D 158 -23.98 -30.81 23.77
C GLY D 158 -22.77 -30.28 24.53
N ARG D 159 -22.52 -28.99 24.33
CA ARG D 159 -21.41 -28.32 25.00
C ARG D 159 -21.88 -26.95 25.46
N SER D 160 -21.13 -26.38 26.40
CA SER D 160 -21.46 -25.10 26.99
C SER D 160 -20.19 -24.42 27.49
N TYR D 161 -20.35 -23.19 27.97
CA TYR D 161 -19.22 -22.50 28.55
C TYR D 161 -18.86 -23.12 29.89
N MET D 162 -17.71 -22.72 30.45
CA MET D 162 -17.33 -23.22 31.75
C MET D 162 -18.31 -22.72 32.81
N PRO D 163 -18.44 -23.44 33.92
CA PRO D 163 -19.32 -22.97 35.00
C PRO D 163 -18.81 -21.67 35.60
N SER D 164 -19.76 -20.90 36.16
CA SER D 164 -19.44 -19.55 36.63
C SER D 164 -18.29 -19.52 37.64
N THR D 165 -18.02 -20.63 38.33
CA THR D 165 -16.93 -20.62 39.30
C THR D 165 -15.56 -20.70 38.62
N GLN D 166 -15.42 -21.54 37.60
CA GLN D 166 -14.15 -21.75 36.92
C GLN D 166 -13.97 -20.88 35.67
N ARG D 167 -15.04 -20.25 35.18
CA ARG D 167 -14.92 -19.46 33.97
C ARG D 167 -14.04 -18.24 34.23
N THR D 168 -13.08 -18.00 33.33
CA THR D 168 -12.18 -16.86 33.44
C THR D 168 -12.17 -16.10 32.11
N THR D 169 -12.01 -14.76 32.21
CA THR D 169 -12.14 -13.90 31.04
C THR D 169 -11.07 -14.20 30.00
N GLU D 170 -9.91 -14.70 30.44
CA GLU D 170 -8.89 -15.10 29.48
C GLU D 170 -9.35 -16.28 28.63
N LYS D 171 -10.20 -17.15 29.19
CA LYS D 171 -10.80 -18.28 28.48
C LYS D 171 -12.31 -18.16 28.52
N TRP D 172 -12.78 -16.92 28.38
CA TRP D 172 -14.20 -16.61 28.50
C TRP D 172 -15.06 -17.40 27.54
N ASN D 173 -14.55 -17.71 26.35
CA ASN D 173 -15.34 -18.41 25.35
C ASN D 173 -15.03 -19.90 25.28
N SER D 174 -14.13 -20.39 26.13
CA SER D 174 -13.83 -21.80 26.17
C SER D 174 -15.08 -22.62 26.51
N VAL D 175 -15.19 -23.78 25.86
CA VAL D 175 -16.36 -24.65 25.98
C VAL D 175 -15.91 -26.06 26.33
N ALA D 176 -16.83 -26.79 26.97
CA ALA D 176 -16.64 -28.19 27.29
C ALA D 176 -17.93 -28.93 26.98
N ASP D 177 -17.81 -30.22 26.73
CA ASP D 177 -19.00 -31.05 26.54
C ASP D 177 -19.82 -31.07 27.82
N CYS D 178 -21.14 -31.07 27.66
CA CYS D 178 -22.01 -31.24 28.82
C CYS D 178 -21.92 -32.68 29.32
N LEU D 179 -22.22 -32.86 30.60
CA LEU D 179 -22.28 -34.20 31.17
C LEU D 179 -23.32 -35.04 30.43
N PRO D 180 -23.02 -36.30 30.11
CA PRO D 180 -23.93 -37.10 29.27
C PRO D 180 -25.11 -37.67 30.06
N HIS D 181 -26.00 -36.78 30.46
CA HIS D 181 -27.23 -37.13 31.16
C HIS D 181 -28.42 -37.04 30.20
N VAL D 182 -29.31 -38.04 30.26
CA VAL D 182 -30.52 -37.99 29.46
C VAL D 182 -31.57 -37.17 30.22
N PHE D 183 -32.26 -36.29 29.52
CA PHE D 183 -33.24 -35.40 30.14
C PHE D 183 -34.61 -35.72 29.55
N LEU D 184 -35.54 -36.16 30.39
CA LEU D 184 -36.94 -36.25 29.99
C LEU D 184 -37.63 -34.92 30.27
N ILE D 185 -38.39 -34.45 29.28
CA ILE D 185 -38.99 -33.11 29.29
C ILE D 185 -40.46 -33.21 28.92
N ASP D 186 -41.33 -32.83 29.84
CA ASP D 186 -42.77 -32.75 29.58
C ASP D 186 -43.06 -31.33 29.11
N PHE D 187 -43.42 -31.22 27.83
CA PHE D 187 -43.63 -29.91 27.22
C PHE D 187 -44.94 -29.26 27.67
N GLU D 188 -45.95 -30.05 28.06
CA GLU D 188 -47.22 -29.44 28.44
C GLU D 188 -47.06 -28.58 29.68
N PHE D 189 -46.35 -29.10 30.69
CA PHE D 189 -46.16 -28.43 31.96
C PHE D 189 -44.73 -27.95 32.18
N GLY D 190 -43.77 -28.41 31.38
CA GLY D 190 -42.45 -27.87 31.50
C GLY D 190 -41.62 -28.45 32.61
N CYS D 191 -41.65 -29.77 32.78
CA CYS D 191 -40.88 -30.36 33.87
C CYS D 191 -39.78 -31.23 33.29
N ALA D 192 -38.70 -31.38 34.05
CA ALA D 192 -37.52 -32.05 33.51
C ALA D 192 -36.92 -32.99 34.55
N THR D 193 -36.55 -34.19 34.11
CA THR D 193 -35.94 -35.21 34.95
C THR D 193 -34.62 -35.63 34.31
N SER D 194 -33.56 -35.74 35.12
CA SER D 194 -32.25 -36.12 34.61
C SER D 194 -31.94 -37.57 34.99
N TYR D 195 -31.44 -38.34 34.03
CA TYR D 195 -31.11 -39.75 34.24
C TYR D 195 -29.67 -39.99 33.87
N ILE D 196 -28.87 -40.43 34.84
CA ILE D 196 -27.50 -40.81 34.59
C ILE D 196 -27.46 -42.28 34.18
N LEU D 197 -26.79 -42.57 33.05
CA LEU D 197 -26.70 -43.91 32.52
C LEU D 197 -25.26 -44.41 32.54
N PRO D 198 -25.02 -45.65 32.94
CA PRO D 198 -23.65 -46.17 32.99
C PRO D 198 -23.02 -46.37 31.62
N GLU D 199 -23.82 -46.67 30.60
CA GLU D 199 -23.25 -46.94 29.28
C GLU D 199 -22.76 -45.67 28.59
N LEU D 200 -23.22 -44.50 29.04
CA LEU D 200 -22.85 -43.22 28.45
C LEU D 200 -21.81 -42.58 29.36
N GLN D 201 -20.53 -42.82 29.05
CA GLN D 201 -19.43 -42.34 29.88
C GLN D 201 -18.93 -40.95 29.49
N ASP D 202 -18.87 -40.65 28.19
CA ASP D 202 -18.27 -39.41 27.70
C ASP D 202 -19.31 -38.45 27.15
N GLY D 203 -18.92 -37.16 27.08
CA GLY D 203 -19.78 -36.14 26.50
C GLY D 203 -19.75 -36.15 24.98
N LEU D 204 -20.81 -35.62 24.38
CA LEU D 204 -20.99 -35.78 22.94
C LEU D 204 -21.75 -34.58 22.38
N SER D 205 -21.29 -34.09 21.24
CA SER D 205 -21.92 -32.96 20.60
C SER D 205 -21.91 -33.16 19.09
N PHE D 206 -22.83 -32.47 18.42
CA PHE D 206 -22.95 -32.46 16.96
C PHE D 206 -23.24 -33.86 16.40
N HIS D 207 -23.92 -34.69 17.18
CA HIS D 207 -24.28 -36.03 16.76
C HIS D 207 -25.59 -36.03 15.98
N VAL D 208 -25.96 -37.21 15.45
CA VAL D 208 -27.22 -37.39 14.73
C VAL D 208 -28.17 -38.20 15.61
N SER D 209 -29.45 -37.84 15.57
CA SER D 209 -30.48 -38.41 16.44
C SER D 209 -31.66 -38.91 15.62
N ILE D 210 -32.08 -40.16 15.83
CA ILE D 210 -33.21 -40.73 15.10
C ILE D 210 -34.22 -41.26 16.09
N ALA D 211 -35.47 -40.79 16.00
CA ALA D 211 -36.47 -41.15 17.00
C ALA D 211 -37.61 -41.93 16.37
N ARG D 212 -37.87 -43.13 16.90
CA ARG D 212 -39.01 -43.94 16.47
C ARG D 212 -39.64 -44.62 17.67
N ASN D 213 -40.95 -44.42 17.84
CA ASN D 213 -41.75 -45.01 18.93
C ASN D 213 -41.09 -44.63 20.25
N ASP D 214 -40.73 -45.59 21.11
CA ASP D 214 -40.15 -45.34 22.41
C ASP D 214 -38.63 -45.35 22.37
N THR D 215 -38.03 -45.19 21.20
CA THR D 215 -36.59 -45.35 21.09
C THR D 215 -35.99 -44.14 20.39
N VAL D 216 -34.79 -43.77 20.84
CA VAL D 216 -33.96 -42.77 20.17
C VAL D 216 -32.57 -43.35 19.98
N TYR D 217 -32.11 -43.38 18.74
CA TYR D 217 -30.78 -43.81 18.38
C TYR D 217 -29.86 -42.61 18.27
N ILE D 218 -28.66 -42.74 18.83
CA ILE D 218 -27.64 -41.71 18.83
C ILE D 218 -26.47 -42.21 17.99
N LEU D 219 -26.09 -41.42 16.99
CA LEU D 219 -25.10 -41.77 15.98
C LEU D 219 -24.00 -40.73 15.93
N GLY D 220 -22.76 -41.21 15.83
CA GLY D 220 -21.63 -40.32 15.61
C GLY D 220 -21.45 -39.31 16.72
N GLY D 221 -21.22 -38.06 16.31
CA GLY D 221 -20.92 -37.01 17.25
C GLY D 221 -19.44 -36.84 17.46
N HIS D 222 -19.10 -35.84 18.26
CA HIS D 222 -17.72 -35.48 18.56
C HIS D 222 -17.59 -35.30 20.06
N SER D 223 -16.57 -35.91 20.65
CA SER D 223 -16.33 -35.80 22.07
C SER D 223 -15.13 -34.89 22.27
N LEU D 224 -15.34 -33.78 22.98
CA LEU D 224 -14.31 -32.77 23.07
C LEU D 224 -13.12 -33.26 23.88
N ALA D 225 -13.39 -33.90 25.02
CA ALA D 225 -12.32 -34.24 25.96
C ALA D 225 -11.27 -35.14 25.32
N SER D 226 -11.70 -36.21 24.68
CA SER D 226 -10.79 -37.07 23.94
C SER D 226 -10.45 -36.52 22.56
N ASN D 227 -11.24 -35.58 22.05
CA ASN D 227 -11.13 -35.12 20.67
C ASN D 227 -11.24 -36.28 19.70
N ILE D 228 -12.22 -37.15 19.96
CA ILE D 228 -12.48 -38.32 19.13
C ILE D 228 -13.90 -38.22 18.59
N ARG D 229 -14.09 -38.64 17.36
CA ARG D 229 -15.42 -38.76 16.80
C ARG D 229 -15.75 -40.25 16.88
N PRO D 230 -16.35 -40.71 17.97
CA PRO D 230 -16.44 -42.15 18.21
C PRO D 230 -17.38 -42.82 17.22
N ALA D 231 -17.01 -44.03 16.83
CA ALA D 231 -17.81 -44.83 15.91
C ALA D 231 -18.76 -45.76 16.67
N ASN D 232 -19.45 -45.21 17.66
CA ASN D 232 -20.41 -45.96 18.45
C ASN D 232 -21.83 -45.51 18.13
N LEU D 233 -22.76 -46.42 18.34
CA LEU D 233 -24.18 -46.20 18.18
C LEU D 233 -24.87 -46.57 19.49
N TYR D 234 -25.74 -45.70 19.98
CA TYR D 234 -26.41 -45.93 21.26
C TYR D 234 -27.91 -46.01 21.03
N ARG D 235 -28.54 -47.04 21.58
CA ARG D 235 -29.99 -47.15 21.55
C ARG D 235 -30.53 -46.75 22.93
N ILE D 236 -31.55 -45.90 22.94
CA ILE D 236 -32.14 -45.43 24.19
C ILE D 236 -33.62 -45.73 24.16
N ARG D 237 -34.07 -46.58 25.09
CA ARG D 237 -35.48 -46.92 25.25
C ARG D 237 -36.03 -46.17 26.45
N VAL D 238 -37.26 -45.71 26.34
CA VAL D 238 -37.93 -45.01 27.42
C VAL D 238 -39.33 -45.62 27.57
N ASP D 239 -39.66 -46.06 28.77
CA ASP D 239 -41.01 -46.50 29.08
C ASP D 239 -41.67 -45.47 29.98
N LEU D 240 -42.94 -45.20 29.68
CA LEU D 240 -43.73 -44.15 30.35
C LEU D 240 -44.91 -44.78 31.08
N PRO D 241 -44.67 -45.38 32.24
CA PRO D 241 -45.80 -45.85 33.04
C PRO D 241 -46.48 -44.70 33.75
N LEU D 242 -47.38 -44.98 34.70
CA LEU D 242 -48.05 -43.90 35.44
C LEU D 242 -47.06 -43.13 36.28
N GLY D 243 -46.11 -43.84 36.86
CA GLY D 243 -45.11 -43.21 37.69
C GLY D 243 -43.94 -42.66 36.91
N THR D 244 -42.83 -42.61 37.61
CA THR D 244 -41.57 -42.13 37.07
C THR D 244 -41.16 -42.97 35.87
N PRO D 245 -40.89 -42.37 34.71
CA PRO D 245 -40.48 -43.17 33.55
C PRO D 245 -39.16 -43.88 33.81
N ALA D 246 -38.85 -44.83 32.93
CA ALA D 246 -37.61 -45.59 33.03
C ALA D 246 -36.90 -45.54 31.70
N VAL D 247 -35.58 -45.31 31.75
CA VAL D 247 -34.77 -45.15 30.54
C VAL D 247 -33.64 -46.16 30.60
N ASN D 248 -33.45 -46.89 29.51
CA ASN D 248 -32.36 -47.85 29.45
C ASN D 248 -31.63 -47.69 28.11
N CYS D 249 -30.32 -47.62 28.17
CA CYS D 249 -29.49 -47.44 26.99
C CYS D 249 -28.63 -48.68 26.77
N THR D 250 -28.40 -48.99 25.51
CA THR D 250 -27.56 -50.12 25.13
C THR D 250 -26.65 -49.72 23.98
N VAL D 251 -25.38 -50.10 24.11
CA VAL D 251 -24.40 -49.90 23.06
C VAL D 251 -24.65 -50.91 21.93
N LEU D 252 -24.56 -50.45 20.68
CA LEU D 252 -24.84 -51.29 19.52
C LEU D 252 -23.64 -51.25 18.57
N PRO D 253 -23.11 -52.41 18.17
CA PRO D 253 -22.02 -52.42 17.21
C PRO D 253 -22.47 -51.89 15.86
N GLY D 254 -21.49 -51.54 15.04
CA GLY D 254 -21.81 -51.00 13.73
C GLY D 254 -22.11 -49.52 13.72
N GLY D 255 -21.51 -48.75 14.60
CA GLY D 255 -21.77 -47.32 14.65
C GLY D 255 -20.83 -46.57 13.71
N ILE D 256 -21.41 -45.63 12.96
CA ILE D 256 -20.64 -44.76 12.07
C ILE D 256 -19.97 -43.66 12.88
N SER D 257 -18.86 -43.15 12.36
CA SER D 257 -18.13 -42.04 12.97
C SER D 257 -18.31 -40.78 12.14
N VAL D 258 -19.18 -39.88 12.61
CA VAL D 258 -19.44 -38.64 11.87
C VAL D 258 -20.00 -37.57 12.80
N SER D 259 -19.46 -36.35 12.72
CA SER D 259 -20.01 -35.18 13.40
C SER D 259 -20.62 -34.20 12.41
N SER D 260 -21.65 -33.50 12.86
CA SER D 260 -22.32 -32.46 12.09
C SER D 260 -22.93 -32.99 10.78
N ALA D 261 -23.22 -34.28 10.71
CA ALA D 261 -23.89 -34.85 9.55
C ALA D 261 -25.33 -34.38 9.47
N ILE D 262 -25.93 -34.51 8.29
CA ILE D 262 -27.32 -34.09 8.10
C ILE D 262 -28.20 -35.30 7.83
N LEU D 263 -29.43 -35.26 8.34
CA LEU D 263 -30.34 -36.40 8.30
C LEU D 263 -31.64 -36.04 7.62
N THR D 264 -32.11 -36.94 6.74
CA THR D 264 -33.36 -36.73 6.03
C THR D 264 -34.15 -38.04 5.96
N GLN D 265 -35.48 -37.90 5.80
CA GLN D 265 -36.42 -39.01 5.75
C GLN D 265 -36.88 -39.24 4.31
N THR D 266 -36.59 -40.41 3.76
CA THR D 266 -37.04 -40.82 2.44
C THR D 266 -38.23 -41.75 2.60
N ASN D 267 -39.29 -41.49 1.83
CA ASN D 267 -40.48 -42.33 1.83
C ASN D 267 -41.05 -42.47 3.24
N ASN D 268 -41.00 -43.68 3.77
CA ASN D 268 -41.44 -43.98 5.11
C ASN D 268 -40.47 -44.98 5.73
N ASP D 269 -40.04 -44.69 6.96
CA ASP D 269 -39.18 -45.57 7.78
C ASP D 269 -37.82 -45.84 7.14
N GLU D 270 -37.36 -44.96 6.28
CA GLU D 270 -36.04 -45.08 5.69
C GLU D 270 -35.39 -43.71 5.77
N PHE D 271 -34.18 -43.65 6.33
CA PHE D 271 -33.49 -42.37 6.50
C PHE D 271 -32.14 -42.38 5.82
N VAL D 272 -31.74 -41.24 5.30
CA VAL D 272 -30.43 -41.08 4.66
C VAL D 272 -29.69 -39.96 5.37
N ILE D 273 -28.42 -40.18 5.65
CA ILE D 273 -27.57 -39.15 6.22
C ILE D 273 -26.50 -38.80 5.22
N VAL D 274 -26.34 -37.51 5.00
CA VAL D 274 -25.34 -36.95 4.10
C VAL D 274 -24.25 -36.37 4.99
N GLY D 275 -23.04 -36.34 4.43
CA GLY D 275 -21.84 -36.18 5.22
C GLY D 275 -21.80 -34.96 6.09
N GLY D 276 -20.77 -34.98 6.93
CA GLY D 276 -20.40 -33.97 7.90
C GLY D 276 -18.89 -34.03 7.92
N TYR D 277 -18.26 -33.91 9.07
CA TYR D 277 -16.81 -33.97 9.15
C TYR D 277 -16.43 -35.27 9.83
N GLN D 278 -15.55 -36.03 9.18
CA GLN D 278 -15.05 -37.29 9.69
C GLN D 278 -13.76 -37.14 10.49
N LEU D 279 -12.91 -36.20 10.10
CA LEU D 279 -11.74 -35.79 10.86
C LEU D 279 -11.60 -34.29 10.76
N GLU D 280 -10.74 -33.72 11.60
CA GLU D 280 -10.57 -32.28 11.57
C GLU D 280 -10.10 -31.84 10.18
N ASN D 281 -9.22 -32.63 9.56
CA ASN D 281 -8.72 -32.29 8.24
C ASN D 281 -9.50 -32.95 7.11
N GLN D 282 -10.34 -33.95 7.41
CA GLN D 282 -11.05 -34.71 6.40
C GLN D 282 -12.56 -34.51 6.48
N LYS D 283 -13.23 -34.70 5.35
CA LYS D 283 -14.66 -34.55 5.24
C LYS D 283 -15.30 -35.89 4.89
N ARG D 284 -16.51 -36.12 5.38
CA ARG D 284 -17.20 -37.37 5.09
C ARG D 284 -17.91 -37.21 3.75
N MET D 285 -17.29 -37.74 2.69
CA MET D 285 -17.88 -37.59 1.36
C MET D 285 -18.94 -38.65 1.08
N VAL D 286 -18.88 -39.79 1.75
CA VAL D 286 -19.84 -40.88 1.55
C VAL D 286 -21.17 -40.56 2.21
N CYS D 287 -22.19 -41.37 1.91
CA CYS D 287 -23.51 -41.22 2.51
C CYS D 287 -23.98 -42.56 3.07
N SER D 288 -24.79 -42.47 4.11
CA SER D 288 -25.24 -43.68 4.79
C SER D 288 -26.76 -43.77 4.77
N LEU D 289 -27.23 -45.00 4.78
CA LEU D 289 -28.66 -45.32 4.79
C LEU D 289 -28.97 -46.09 6.07
N VAL D 290 -29.96 -45.59 6.82
CA VAL D 290 -30.41 -46.22 8.06
C VAL D 290 -31.82 -46.73 7.82
N SER D 291 -32.02 -48.03 7.97
CA SER D 291 -33.32 -48.64 7.81
C SER D 291 -33.74 -49.16 9.16
N LEU D 292 -34.97 -48.78 9.58
CA LEU D 292 -35.60 -49.07 10.88
C LEU D 292 -36.98 -49.70 10.73
N ASN D 295 -38.75 -54.13 15.24
CA ASN D 295 -37.95 -52.92 15.16
C ASN D 295 -36.45 -53.16 15.42
N THR D 296 -35.66 -52.83 14.40
CA THR D 296 -34.21 -52.99 14.41
C THR D 296 -33.64 -51.87 13.54
N ILE D 297 -32.35 -51.59 13.73
CA ILE D 297 -31.71 -50.50 12.99
C ILE D 297 -30.49 -51.07 12.28
N GLU D 298 -30.38 -50.78 10.97
CA GLU D 298 -29.28 -51.27 10.13
C GLU D 298 -28.75 -50.10 9.30
N ILE D 299 -27.43 -50.02 9.16
CA ILE D 299 -26.74 -48.93 8.46
C ILE D 299 -25.98 -49.55 7.29
N SER D 300 -26.28 -49.08 6.06
CA SER D 300 -25.63 -49.52 4.83
C SER D 300 -25.09 -48.32 4.06
N GLU D 301 -23.87 -48.44 3.55
CA GLU D 301 -23.28 -47.41 2.69
C GLU D 301 -24.05 -47.25 1.38
N MET D 302 -24.12 -46.02 0.87
CA MET D 302 -24.71 -45.76 -0.43
C MET D 302 -23.69 -45.19 -1.41
N GLU D 303 -24.08 -45.18 -2.68
CA GLU D 303 -23.20 -44.63 -3.70
C GLU D 303 -23.07 -43.14 -3.44
N THR D 304 -21.84 -42.65 -3.42
CA THR D 304 -21.59 -41.25 -3.15
C THR D 304 -22.12 -40.41 -4.30
N PRO D 305 -22.72 -39.25 -4.01
CA PRO D 305 -23.28 -38.43 -5.09
C PRO D 305 -22.20 -37.78 -5.93
N ASP D 306 -22.65 -37.16 -7.02
CA ASP D 306 -21.75 -36.54 -7.98
C ASP D 306 -21.32 -35.16 -7.47
N TRP D 307 -20.45 -35.19 -6.47
CA TRP D 307 -19.94 -33.95 -5.90
C TRP D 307 -19.14 -33.18 -6.94
N THR D 308 -19.25 -31.85 -6.91
CA THR D 308 -18.43 -31.00 -7.74
C THR D 308 -17.07 -30.78 -7.08
N SER D 309 -16.12 -30.21 -7.84
CA SER D 309 -14.78 -30.01 -7.31
C SER D 309 -14.77 -28.94 -6.20
N ASP D 310 -15.62 -27.93 -6.33
CA ASP D 310 -15.70 -26.92 -5.27
C ASP D 310 -16.08 -27.54 -3.95
N ILE D 311 -17.09 -28.42 -3.96
CA ILE D 311 -17.47 -29.11 -2.74
C ILE D 311 -16.34 -29.99 -2.23
N LYS D 312 -15.65 -30.68 -3.13
CA LYS D 312 -14.60 -31.61 -2.72
C LYS D 312 -13.43 -30.87 -2.07
N HIS D 313 -13.09 -29.67 -2.56
CA HIS D 313 -11.89 -29.00 -2.08
C HIS D 313 -12.17 -27.98 -0.98
N SER D 314 -13.43 -27.81 -0.57
CA SER D 314 -13.74 -26.96 0.57
C SER D 314 -13.40 -27.66 1.88
N LYS D 315 -12.90 -26.87 2.84
CA LYS D 315 -12.59 -27.33 4.19
C LYS D 315 -13.83 -27.43 5.05
N ILE D 316 -14.76 -26.50 4.89
CA ILE D 316 -15.96 -26.37 5.72
C ILE D 316 -17.16 -26.61 4.82
N TRP D 317 -18.18 -27.30 5.34
CA TRP D 317 -19.48 -27.32 4.65
C TRP D 317 -20.58 -27.39 5.70
N PHE D 318 -21.74 -26.82 5.37
CA PHE D 318 -22.81 -26.77 6.36
C PHE D 318 -24.16 -26.88 5.65
N GLY D 319 -25.17 -27.35 6.37
CA GLY D 319 -26.46 -27.49 5.72
C GLY D 319 -27.56 -27.86 6.70
N SER D 320 -28.77 -28.00 6.14
CA SER D 320 -29.94 -28.40 6.93
C SER D 320 -30.86 -29.28 6.11
N ASN D 321 -31.73 -29.99 6.82
CA ASN D 321 -32.75 -30.83 6.21
C ASN D 321 -33.95 -29.97 5.87
N MET D 322 -34.39 -30.04 4.61
CA MET D 322 -35.56 -29.29 4.16
C MET D 322 -36.88 -29.99 4.44
N GLY D 323 -36.86 -31.31 4.63
CA GLY D 323 -38.08 -32.00 5.00
C GLY D 323 -38.54 -32.96 3.92
N ASN D 324 -38.48 -32.51 2.67
CA ASN D 324 -38.98 -33.32 1.57
C ASN D 324 -37.92 -34.29 1.07
N GLY D 325 -37.26 -35.00 1.98
CA GLY D 325 -36.16 -35.87 1.58
C GLY D 325 -35.02 -35.18 0.84
N THR D 326 -34.87 -33.86 1.02
CA THR D 326 -33.87 -33.06 0.31
C THR D 326 -33.08 -32.20 1.29
N ILE D 327 -31.76 -32.13 1.07
CA ILE D 327 -30.83 -31.39 1.92
C ILE D 327 -30.47 -30.09 1.21
N PHE D 328 -30.32 -29.03 2.00
CA PHE D 328 -29.86 -27.73 1.52
C PHE D 328 -28.46 -27.51 2.06
N LEU D 329 -27.48 -27.42 1.18
CA LEU D 329 -26.08 -27.29 1.55
C LEU D 329 -25.50 -25.95 1.14
N GLY D 330 -24.40 -25.61 1.81
CA GLY D 330 -23.69 -24.37 1.62
C GLY D 330 -22.19 -24.57 1.84
N ILE D 331 -21.42 -23.85 1.02
CA ILE D 331 -19.96 -23.94 0.94
C ILE D 331 -19.41 -22.51 0.97
N PRO D 332 -18.24 -22.28 1.55
CA PRO D 332 -17.71 -20.91 1.54
C PRO D 332 -17.09 -20.54 0.21
N GLY D 333 -17.23 -19.26 -0.12
CA GLY D 333 -16.73 -18.67 -1.34
C GLY D 333 -15.21 -18.58 -1.45
N ASP D 334 -14.77 -18.15 -2.63
CA ASP D 334 -13.36 -18.01 -2.94
C ASP D 334 -12.83 -16.72 -2.31
N ASN D 335 -11.51 -16.64 -2.18
CA ASN D 335 -10.92 -15.50 -1.49
C ASN D 335 -11.10 -14.20 -2.26
N LYS D 336 -11.02 -14.26 -3.59
CA LYS D 336 -11.06 -13.07 -4.42
C LYS D 336 -12.37 -12.30 -4.23
N GLU D 341 -18.79 -14.29 -4.08
CA GLU D 341 -19.87 -14.32 -3.11
C GLU D 341 -19.37 -14.98 -1.84
N ALA D 342 -20.01 -14.65 -0.72
CA ALA D 342 -19.64 -15.21 0.58
C ALA D 342 -19.92 -16.71 0.65
N PHE D 343 -21.04 -17.15 0.10
CA PHE D 343 -21.41 -18.55 0.16
C PHE D 343 -22.00 -19.01 -1.17
N TYR D 344 -21.82 -20.31 -1.45
CA TYR D 344 -22.37 -20.97 -2.62
C TYR D 344 -23.20 -22.15 -2.15
N PHE D 345 -24.45 -22.23 -2.62
CA PHE D 345 -25.44 -23.15 -2.08
C PHE D 345 -25.88 -24.17 -3.10
N TYR D 346 -26.18 -25.38 -2.61
CA TYR D 346 -26.66 -26.49 -3.41
C TYR D 346 -27.83 -27.15 -2.70
N THR D 347 -28.60 -27.94 -3.45
CA THR D 347 -29.66 -28.80 -2.91
C THR D 347 -29.36 -30.22 -3.40
N LEU D 348 -29.24 -31.14 -2.45
CA LEU D 348 -28.97 -32.55 -2.73
C LEU D 348 -30.24 -33.34 -2.45
N ARG D 349 -30.81 -33.96 -3.47
CA ARG D 349 -32.09 -34.63 -3.32
C ARG D 349 -31.93 -36.13 -3.14
N CYS D 350 -32.91 -36.72 -2.49
CA CYS D 350 -32.96 -38.16 -2.22
C CYS D 350 -34.38 -38.65 -2.44
N SER D 351 -34.50 -39.90 -2.89
CA SER D 351 -35.79 -40.49 -3.25
C SER D 351 -36.50 -39.65 -4.31
N PHE E 19 26.36 24.21 66.71
CA PHE E 19 26.76 25.18 67.71
C PHE E 19 27.97 25.99 67.24
N VAL E 20 28.95 25.30 66.64
CA VAL E 20 30.24 25.87 66.28
C VAL E 20 30.11 27.19 65.51
N GLN E 21 29.17 27.28 64.56
CA GLN E 21 28.97 28.53 63.83
C GLN E 21 28.62 29.67 64.77
N THR E 22 27.69 29.41 65.70
CA THR E 22 27.27 30.47 66.61
C THR E 22 28.42 30.89 67.51
N CYS E 23 29.17 29.91 68.05
CA CYS E 23 30.36 30.17 68.85
C CYS E 23 31.32 31.07 68.10
N ARG E 24 31.62 30.73 66.85
CA ARG E 24 32.56 31.53 66.11
C ARG E 24 31.99 32.90 65.81
N GLU E 25 30.69 32.97 65.51
CA GLU E 25 30.09 34.28 65.28
C GLU E 25 30.17 35.13 66.54
N GLU E 26 29.95 34.54 67.71
CA GLU E 26 30.06 35.32 68.95
C GLU E 26 31.50 35.78 69.16
N HIS E 27 32.47 34.91 68.90
CA HIS E 27 33.89 35.22 69.02
C HIS E 27 34.42 36.21 67.97
N LYS E 28 33.66 36.56 66.93
CA LYS E 28 34.13 37.56 65.97
C LYS E 28 34.50 38.88 66.64
N LYS E 29 33.85 39.22 67.73
CA LYS E 29 34.17 40.42 68.46
C LYS E 29 35.06 40.13 69.64
N LYS E 30 34.99 38.89 70.15
CA LYS E 30 35.83 38.50 71.28
C LYS E 30 37.29 38.62 70.87
N HIS E 31 37.65 37.94 69.80
CA HIS E 31 38.90 38.19 69.13
C HIS E 31 38.66 39.33 68.14
N PRO E 32 39.28 40.49 68.39
CA PRO E 32 38.91 41.71 67.64
C PRO E 32 38.97 41.55 66.12
N ASP E 33 40.08 41.00 65.57
CA ASP E 33 40.19 40.87 64.12
C ASP E 33 40.98 39.63 63.69
N ALA E 34 41.13 38.66 64.58
CA ALA E 34 41.96 37.49 64.32
C ALA E 34 41.20 36.46 63.50
N SER E 35 41.90 35.80 62.57
CA SER E 35 41.37 34.65 61.86
C SER E 35 41.89 33.40 62.57
N VAL E 36 40.99 32.66 63.22
CA VAL E 36 41.36 31.63 64.19
C VAL E 36 41.63 30.30 63.48
N ASN E 37 42.36 29.45 64.19
CA ASN E 37 42.83 28.20 63.61
C ASN E 37 41.70 27.18 63.57
N PHE E 38 41.84 26.20 62.69
CA PHE E 38 40.81 25.16 62.61
C PHE E 38 40.96 24.19 63.77
N SER E 39 42.18 23.76 64.04
CA SER E 39 42.38 22.77 65.09
C SER E 39 42.03 23.35 66.47
N GLU E 40 42.47 24.58 66.75
CA GLU E 40 42.27 25.15 68.08
C GLU E 40 40.83 25.57 68.30
N PHE E 41 40.17 26.06 67.26
CA PHE E 41 38.78 26.45 67.35
C PHE E 41 37.87 25.24 67.56
N SER E 42 38.20 24.12 66.92
CA SER E 42 37.53 22.85 67.18
C SER E 42 37.66 22.45 68.63
N LYS E 43 38.89 22.49 69.15
CA LYS E 43 39.17 22.20 70.56
C LYS E 43 38.34 23.06 71.51
N LYS E 44 38.23 24.35 71.21
CA LYS E 44 37.52 25.29 72.07
C LYS E 44 36.02 25.05 72.04
N CYS E 45 35.45 24.92 70.84
CA CYS E 45 34.03 24.60 70.76
C CYS E 45 33.76 23.25 71.41
N SER E 46 34.69 22.32 71.25
CA SER E 46 34.57 21.03 71.90
C SER E 46 34.56 21.19 73.42
N GLU E 47 35.46 22.03 73.96
CA GLU E 47 35.65 22.12 75.41
C GLU E 47 34.45 22.72 76.14
N ARG E 48 33.65 23.56 75.47
CA ARG E 48 32.43 24.11 76.07
C ARG E 48 31.32 23.06 76.13
N ARG E 97 38.28 27.32 10.84
CA ARG E 97 37.63 28.38 10.08
C ARG E 97 38.58 29.57 9.93
N PRO E 98 38.48 30.29 8.80
CA PRO E 98 39.29 31.50 8.63
C PRO E 98 38.57 32.69 9.24
N PRO E 99 39.30 33.68 9.74
CA PRO E 99 38.66 34.80 10.43
C PRO E 99 38.09 35.83 9.46
N SER E 100 37.03 36.49 9.90
CA SER E 100 36.44 37.58 9.13
C SER E 100 37.50 38.66 8.92
N ALA E 101 37.28 39.47 7.88
CA ALA E 101 38.16 40.61 7.65
C ALA E 101 38.35 41.42 8.92
N PHE E 102 37.22 41.79 9.55
CA PHE E 102 37.25 42.49 10.82
C PHE E 102 38.05 41.74 11.88
N PHE E 103 38.07 40.41 11.80
CA PHE E 103 38.71 39.60 12.84
C PHE E 103 40.23 39.62 12.73
N LEU E 104 40.76 39.43 11.51
CA LEU E 104 42.19 39.57 11.28
C LEU E 104 42.64 41.01 11.56
N PHE E 105 41.83 41.98 11.15
CA PHE E 105 42.08 43.37 11.51
C PHE E 105 42.22 43.53 13.02
N CYS E 106 41.29 42.93 13.77
CA CYS E 106 41.29 43.05 15.22
C CYS E 106 42.56 42.44 15.82
N SER E 107 43.00 41.30 15.28
CA SER E 107 44.22 40.68 15.79
C SER E 107 45.44 41.56 15.52
N GLU E 108 45.46 42.24 14.36
CA GLU E 108 46.59 43.11 14.01
C GLU E 108 46.57 44.42 14.80
N TYR E 109 45.39 44.94 15.14
CA TYR E 109 45.26 46.20 15.86
C TYR E 109 45.19 46.04 17.38
N ARG E 110 45.15 44.80 17.89
CA ARG E 110 45.25 44.61 19.33
C ARG E 110 46.47 45.29 19.95
N PRO E 111 47.70 45.13 19.43
CA PRO E 111 48.84 45.80 20.08
C PRO E 111 48.77 47.32 20.08
N LYS E 112 48.23 47.97 19.05
CA LYS E 112 48.15 49.43 19.04
C LYS E 112 47.25 49.93 20.18
N ILE E 113 46.00 49.47 20.19
CA ILE E 113 45.03 49.84 21.23
C ILE E 113 45.53 49.42 22.61
N LYS E 114 46.31 48.33 22.70
CA LYS E 114 46.83 47.90 23.99
C LYS E 114 47.96 48.80 24.47
N GLY E 115 48.84 49.22 23.57
CA GLY E 115 49.97 50.02 23.99
C GLY E 115 49.53 51.40 24.44
N GLU E 116 48.47 51.92 23.83
CA GLU E 116 47.96 53.24 24.20
C GLU E 116 47.19 53.22 25.51
N HIS E 117 46.40 52.17 25.73
CA HIS E 117 45.64 51.96 26.95
C HIS E 117 45.89 50.52 27.39
N PRO E 118 46.66 50.28 28.48
CA PRO E 118 47.00 48.90 28.90
C PRO E 118 45.92 48.16 29.68
N GLY E 119 45.14 48.87 30.51
CA GLY E 119 44.16 48.21 31.34
C GLY E 119 42.75 48.13 30.77
N LEU E 120 42.60 48.46 29.50
CA LEU E 120 41.29 48.44 28.90
C LEU E 120 40.73 47.03 28.90
N SER E 121 39.46 46.87 29.29
CA SER E 121 38.87 45.56 29.36
C SER E 121 38.56 45.02 27.97
N ILE E 122 38.30 43.72 27.92
CA ILE E 122 37.95 43.04 26.68
C ILE E 122 36.71 43.67 26.07
N GLY E 123 35.70 43.92 26.90
CA GLY E 123 34.56 44.67 26.43
C GLY E 123 34.94 46.04 25.91
N ASP E 124 35.80 46.74 26.65
CA ASP E 124 36.20 48.08 26.25
C ASP E 124 37.06 48.04 24.98
N VAL E 125 38.09 47.18 24.96
CA VAL E 125 38.99 47.10 23.79
C VAL E 125 38.20 46.73 22.55
N ALA E 126 37.32 45.72 22.66
CA ALA E 126 36.55 45.30 21.51
C ALA E 126 35.53 46.35 21.11
N LYS E 127 34.89 47.02 22.07
CA LYS E 127 33.98 48.10 21.75
C LYS E 127 34.67 49.19 20.96
N LYS E 128 35.86 49.60 21.41
CA LYS E 128 36.64 50.58 20.66
C LYS E 128 36.91 50.07 19.26
N LEU E 129 37.66 48.96 19.15
CA LEU E 129 38.04 48.39 17.87
C LEU E 129 36.87 48.36 16.90
N GLY E 130 35.72 47.85 17.37
CA GLY E 130 34.55 47.81 16.54
C GLY E 130 34.05 49.18 16.15
N GLU E 131 34.05 50.13 17.09
CA GLU E 131 33.54 51.47 16.82
C GLU E 131 34.40 52.18 15.76
N MET E 132 35.72 52.24 15.99
CA MET E 132 36.61 52.97 15.08
C MET E 132 36.74 52.25 13.73
N TRP E 133 36.85 50.91 13.73
CA TRP E 133 36.81 50.16 12.49
C TRP E 133 35.46 50.28 11.78
N ASN E 134 34.36 50.39 12.53
CA ASN E 134 33.06 50.56 11.93
C ASN E 134 32.96 51.91 11.25
N ASN E 135 33.54 52.95 11.87
CA ASN E 135 33.50 54.27 11.28
C ASN E 135 34.30 54.35 9.97
N THR E 136 35.33 53.52 9.81
CA THR E 136 36.19 53.52 8.60
C THR E 136 35.43 53.19 7.31
N ASP E 140 39.03 51.95 2.77
CA ASP E 140 40.16 51.92 3.69
C ASP E 140 40.41 50.50 4.18
N LYS E 141 39.32 49.80 4.49
CA LYS E 141 39.36 48.45 5.03
C LYS E 141 39.30 47.38 3.95
N GLN E 142 39.51 47.75 2.68
CA GLN E 142 39.45 46.77 1.60
C GLN E 142 40.52 45.68 1.68
N PRO E 143 41.79 45.97 2.00
CA PRO E 143 42.77 44.86 2.10
C PRO E 143 42.39 43.80 3.12
N TYR E 144 41.70 44.17 4.19
CA TYR E 144 41.19 43.19 5.14
C TYR E 144 40.22 42.23 4.44
N GLU E 145 39.28 42.77 3.65
CA GLU E 145 38.34 41.91 2.95
C GLU E 145 39.06 41.03 1.92
N LYS E 146 40.11 41.55 1.30
CA LYS E 146 40.89 40.75 0.37
C LYS E 146 41.52 39.55 1.07
N LYS E 147 42.27 39.83 2.15
CA LYS E 147 42.88 38.74 2.91
C LYS E 147 41.84 37.74 3.38
N ALA E 148 40.66 38.24 3.77
CA ALA E 148 39.61 37.35 4.22
C ALA E 148 39.14 36.43 3.09
N ALA E 149 38.93 36.98 1.90
CA ALA E 149 38.51 36.15 0.77
C ALA E 149 39.57 35.10 0.44
N LYS E 150 40.83 35.51 0.46
CA LYS E 150 41.91 34.57 0.15
C LYS E 150 41.93 33.42 1.15
N LEU E 151 41.94 33.75 2.46
CA LEU E 151 41.94 32.70 3.48
C LEU E 151 40.69 31.85 3.37
N LYS E 152 39.57 32.46 3.01
CA LYS E 152 38.32 31.71 2.84
C LYS E 152 38.48 30.63 1.80
N GLU E 153 38.90 30.99 0.58
CA GLU E 153 39.02 29.97 -0.46
C GLU E 153 40.11 28.97 -0.13
N LYS E 154 41.18 29.41 0.54
CA LYS E 154 42.18 28.46 1.01
C LYS E 154 41.56 27.41 1.92
N TYR E 155 40.70 27.85 2.85
CA TYR E 155 40.05 26.89 3.76
C TYR E 155 39.05 26.02 3.01
N GLU E 156 38.37 26.59 2.01
CA GLU E 156 37.45 25.81 1.19
C GLU E 156 38.17 24.62 0.60
N LYS E 157 39.33 24.86 -0.01
CA LYS E 157 40.11 23.77 -0.60
C LYS E 157 40.39 22.66 0.42
N ASP E 158 40.75 23.03 1.66
CA ASP E 158 41.05 22.06 2.70
C ASP E 158 39.89 21.11 2.98
N ILE E 159 40.08 19.84 2.67
CA ILE E 159 39.06 18.81 2.81
C ILE E 159 39.28 18.06 4.11
#